data_1FUE
# 
_entry.id   1FUE 
# 
_audit_conform.dict_name       mmcif_pdbx.dic 
_audit_conform.dict_version    5.385 
_audit_conform.dict_location   http://mmcif.pdb.org/dictionaries/ascii/mmcif_pdbx.dic 
# 
loop_
_database_2.database_id 
_database_2.database_code 
_database_2.pdbx_database_accession 
_database_2.pdbx_DOI 
PDB   1FUE         pdb_00001fue 10.2210/pdb1fue/pdb 
RCSB  RCSB011911   ?            ?                   
WWPDB D_1000011911 ?            ?                   
# 
loop_
_pdbx_audit_revision_history.ordinal 
_pdbx_audit_revision_history.data_content_type 
_pdbx_audit_revision_history.major_revision 
_pdbx_audit_revision_history.minor_revision 
_pdbx_audit_revision_history.revision_date 
1 'Structure model' 1 0 2002-02-06 
2 'Structure model' 1 1 2008-04-27 
3 'Structure model' 1 2 2011-07-13 
4 'Structure model' 1 3 2018-04-04 
5 'Structure model' 1 4 2024-02-07 
# 
_pdbx_audit_revision_details.ordinal             1 
_pdbx_audit_revision_details.revision_ordinal    1 
_pdbx_audit_revision_details.data_content_type   'Structure model' 
_pdbx_audit_revision_details.provider            repository 
_pdbx_audit_revision_details.type                'Initial release' 
_pdbx_audit_revision_details.description         ? 
_pdbx_audit_revision_details.details             ? 
# 
loop_
_pdbx_audit_revision_group.ordinal 
_pdbx_audit_revision_group.revision_ordinal 
_pdbx_audit_revision_group.data_content_type 
_pdbx_audit_revision_group.group 
1 2 'Structure model' 'Version format compliance' 
2 3 'Structure model' 'Version format compliance' 
3 4 'Structure model' 'Data collection'           
4 5 'Structure model' 'Data collection'           
5 5 'Structure model' 'Database references'       
6 5 'Structure model' 'Derived calculations'      
# 
loop_
_pdbx_audit_revision_category.ordinal 
_pdbx_audit_revision_category.revision_ordinal 
_pdbx_audit_revision_category.data_content_type 
_pdbx_audit_revision_category.category 
1 4 'Structure model' diffrn_source  
2 5 'Structure model' chem_comp_atom 
3 5 'Structure model' chem_comp_bond 
4 5 'Structure model' database_2     
5 5 'Structure model' struct_site    
# 
loop_
_pdbx_audit_revision_item.ordinal 
_pdbx_audit_revision_item.revision_ordinal 
_pdbx_audit_revision_item.data_content_type 
_pdbx_audit_revision_item.item 
1 4 'Structure model' '_diffrn_source.type'                 
2 5 'Structure model' '_database_2.pdbx_DOI'                
3 5 'Structure model' '_database_2.pdbx_database_accession' 
4 5 'Structure model' '_struct_site.pdbx_auth_asym_id'      
5 5 'Structure model' '_struct_site.pdbx_auth_comp_id'      
6 5 'Structure model' '_struct_site.pdbx_auth_seq_id'       
# 
_pdbx_database_status.status_code                     REL 
_pdbx_database_status.entry_id                        1FUE 
_pdbx_database_status.recvd_initial_deposition_date   2000-09-15 
_pdbx_database_status.deposit_site                    RCSB 
_pdbx_database_status.process_site                    RCSB 
_pdbx_database_status.SG_entry                        . 
_pdbx_database_status.pdb_format_compatible           Y 
_pdbx_database_status.status_code_mr                  ? 
_pdbx_database_status.status_code_sf                  ? 
_pdbx_database_status.status_code_cs                  ? 
_pdbx_database_status.methods_development_category    ? 
_pdbx_database_status.status_code_nmr_data            ? 
# 
loop_
_audit_author.name 
_audit_author.pdbx_ordinal 
'Freigang, J.'   1 
'Diederichs, K.' 2 
'Schaefer, K.P.' 3 
'Welte, W.'      4 
'Paul, R.'       5 
# 
_citation.id                        primary 
_citation.title                     'Crystal structure of oxidized flavodoxin, an essential protein in Helicobacter pylori.' 
_citation.journal_abbrev            'Protein Sci.' 
_citation.journal_volume            11 
_citation.page_first                253 
_citation.page_last                 261 
_citation.year                      2002 
_citation.journal_id_ASTM           PRCIEI 
_citation.country                   US 
_citation.journal_id_ISSN           0961-8368 
_citation.journal_id_CSD            0795 
_citation.book_publisher            ? 
_citation.pdbx_database_id_PubMed   11790835 
_citation.pdbx_database_id_DOI      10.1110/ps.28602 
# 
loop_
_citation_author.citation_id 
_citation_author.name 
_citation_author.ordinal 
_citation_author.identifier_ORCID 
primary 'Freigang, J.'   1 ? 
primary 'Diederichs, K.' 2 ? 
primary 'Schafer, K.P.'  3 ? 
primary 'Welte, W.'      4 ? 
primary 'Paul, R.'       5 ? 
# 
loop_
_entity.id 
_entity.type 
_entity.src_method 
_entity.pdbx_description 
_entity.formula_weight 
_entity.pdbx_number_of_molecules 
_entity.pdbx_ec 
_entity.pdbx_mutation 
_entity.pdbx_fragment 
_entity.details 
1 polymer     man FLAVODOXIN              17305.064 1  ? ? ? ? 
2 non-polymer syn 'FLAVIN MONONUCLEOTIDE' 456.344   1  ? ? ? ? 
3 water       nat water                   18.015    32 ? ? ? ? 
# 
_entity_poly.entity_id                      1 
_entity_poly.type                           'polypeptide(L)' 
_entity_poly.nstd_linkage                   no 
_entity_poly.nstd_monomer                   no 
_entity_poly.pdbx_seq_one_letter_code       
;GKIGIFFGTDSGNAEAIAEKISKAIGNAEVVDVAKASKEQFNGFTKVILVAPTAGAGDLQTDWEDFLGTLEASDFANKTI
GLVGLGDQDTYSETFAEGIFHIYEKAKAGKVVGQTSTDGYHFAASKAVEGGKFVGLVIDEDNQDDLTDERIAKWVEQVRG
SFA
;
_entity_poly.pdbx_seq_one_letter_code_can   
;GKIGIFFGTDSGNAEAIAEKISKAIGNAEVVDVAKASKEQFNGFTKVILVAPTAGAGDLQTDWEDFLGTLEASDFANKTI
GLVGLGDQDTYSETFAEGIFHIYEKAKAGKVVGQTSTDGYHFAASKAVEGGKFVGLVIDEDNQDDLTDERIAKWVEQVRG
SFA
;
_entity_poly.pdbx_strand_id                 A 
_entity_poly.pdbx_target_identifier         ? 
# 
loop_
_pdbx_entity_nonpoly.entity_id 
_pdbx_entity_nonpoly.name 
_pdbx_entity_nonpoly.comp_id 
2 'FLAVIN MONONUCLEOTIDE' FMN 
3 water                   HOH 
# 
loop_
_entity_poly_seq.entity_id 
_entity_poly_seq.num 
_entity_poly_seq.mon_id 
_entity_poly_seq.hetero 
1 1   GLY n 
1 2   LYS n 
1 3   ILE n 
1 4   GLY n 
1 5   ILE n 
1 6   PHE n 
1 7   PHE n 
1 8   GLY n 
1 9   THR n 
1 10  ASP n 
1 11  SER n 
1 12  GLY n 
1 13  ASN n 
1 14  ALA n 
1 15  GLU n 
1 16  ALA n 
1 17  ILE n 
1 18  ALA n 
1 19  GLU n 
1 20  LYS n 
1 21  ILE n 
1 22  SER n 
1 23  LYS n 
1 24  ALA n 
1 25  ILE n 
1 26  GLY n 
1 27  ASN n 
1 28  ALA n 
1 29  GLU n 
1 30  VAL n 
1 31  VAL n 
1 32  ASP n 
1 33  VAL n 
1 34  ALA n 
1 35  LYS n 
1 36  ALA n 
1 37  SER n 
1 38  LYS n 
1 39  GLU n 
1 40  GLN n 
1 41  PHE n 
1 42  ASN n 
1 43  GLY n 
1 44  PHE n 
1 45  THR n 
1 46  LYS n 
1 47  VAL n 
1 48  ILE n 
1 49  LEU n 
1 50  VAL n 
1 51  ALA n 
1 52  PRO n 
1 53  THR n 
1 54  ALA n 
1 55  GLY n 
1 56  ALA n 
1 57  GLY n 
1 58  ASP n 
1 59  LEU n 
1 60  GLN n 
1 61  THR n 
1 62  ASP n 
1 63  TRP n 
1 64  GLU n 
1 65  ASP n 
1 66  PHE n 
1 67  LEU n 
1 68  GLY n 
1 69  THR n 
1 70  LEU n 
1 71  GLU n 
1 72  ALA n 
1 73  SER n 
1 74  ASP n 
1 75  PHE n 
1 76  ALA n 
1 77  ASN n 
1 78  LYS n 
1 79  THR n 
1 80  ILE n 
1 81  GLY n 
1 82  LEU n 
1 83  VAL n 
1 84  GLY n 
1 85  LEU n 
1 86  GLY n 
1 87  ASP n 
1 88  GLN n 
1 89  ASP n 
1 90  THR n 
1 91  TYR n 
1 92  SER n 
1 93  GLU n 
1 94  THR n 
1 95  PHE n 
1 96  ALA n 
1 97  GLU n 
1 98  GLY n 
1 99  ILE n 
1 100 PHE n 
1 101 HIS n 
1 102 ILE n 
1 103 TYR n 
1 104 GLU n 
1 105 LYS n 
1 106 ALA n 
1 107 LYS n 
1 108 ALA n 
1 109 GLY n 
1 110 LYS n 
1 111 VAL n 
1 112 VAL n 
1 113 GLY n 
1 114 GLN n 
1 115 THR n 
1 116 SER n 
1 117 THR n 
1 118 ASP n 
1 119 GLY n 
1 120 TYR n 
1 121 HIS n 
1 122 PHE n 
1 123 ALA n 
1 124 ALA n 
1 125 SER n 
1 126 LYS n 
1 127 ALA n 
1 128 VAL n 
1 129 GLU n 
1 130 GLY n 
1 131 GLY n 
1 132 LYS n 
1 133 PHE n 
1 134 VAL n 
1 135 GLY n 
1 136 LEU n 
1 137 VAL n 
1 138 ILE n 
1 139 ASP n 
1 140 GLU n 
1 141 ASP n 
1 142 ASN n 
1 143 GLN n 
1 144 ASP n 
1 145 ASP n 
1 146 LEU n 
1 147 THR n 
1 148 ASP n 
1 149 GLU n 
1 150 ARG n 
1 151 ILE n 
1 152 ALA n 
1 153 LYS n 
1 154 TRP n 
1 155 VAL n 
1 156 GLU n 
1 157 GLN n 
1 158 VAL n 
1 159 ARG n 
1 160 GLY n 
1 161 SER n 
1 162 PHE n 
1 163 ALA n 
# 
_entity_src_gen.entity_id                          1 
_entity_src_gen.pdbx_src_id                        1 
_entity_src_gen.pdbx_alt_source_flag               sample 
_entity_src_gen.pdbx_seq_type                      ? 
_entity_src_gen.pdbx_beg_seq_num                   ? 
_entity_src_gen.pdbx_end_seq_num                   ? 
_entity_src_gen.gene_src_common_name               ? 
_entity_src_gen.gene_src_genus                     Helicobacter 
_entity_src_gen.pdbx_gene_src_gene                 ? 
_entity_src_gen.gene_src_species                   ? 
_entity_src_gen.gene_src_strain                    ? 
_entity_src_gen.gene_src_tissue                    ? 
_entity_src_gen.gene_src_tissue_fraction           ? 
_entity_src_gen.gene_src_details                   ? 
_entity_src_gen.pdbx_gene_src_fragment             ? 
_entity_src_gen.pdbx_gene_src_scientific_name      'Helicobacter pylori' 
_entity_src_gen.pdbx_gene_src_ncbi_taxonomy_id     210 
_entity_src_gen.pdbx_gene_src_variant              ? 
_entity_src_gen.pdbx_gene_src_cell_line            ? 
_entity_src_gen.pdbx_gene_src_atcc                 ? 
_entity_src_gen.pdbx_gene_src_organ                ? 
_entity_src_gen.pdbx_gene_src_organelle            ? 
_entity_src_gen.pdbx_gene_src_cell                 ? 
_entity_src_gen.pdbx_gene_src_cellular_location    ? 
_entity_src_gen.host_org_common_name               ? 
_entity_src_gen.pdbx_host_org_scientific_name      'Escherichia coli' 
_entity_src_gen.pdbx_host_org_ncbi_taxonomy_id     562 
_entity_src_gen.host_org_genus                     Escherichia 
_entity_src_gen.pdbx_host_org_gene                 ? 
_entity_src_gen.pdbx_host_org_organ                ? 
_entity_src_gen.host_org_species                   ? 
_entity_src_gen.pdbx_host_org_tissue               ? 
_entity_src_gen.pdbx_host_org_tissue_fraction      ? 
_entity_src_gen.pdbx_host_org_strain               ? 
_entity_src_gen.pdbx_host_org_variant              ? 
_entity_src_gen.pdbx_host_org_cell_line            ? 
_entity_src_gen.pdbx_host_org_atcc                 ? 
_entity_src_gen.pdbx_host_org_culture_collection   ? 
_entity_src_gen.pdbx_host_org_cell                 ? 
_entity_src_gen.pdbx_host_org_organelle            ? 
_entity_src_gen.pdbx_host_org_cellular_location    ? 
_entity_src_gen.pdbx_host_org_vector_type          PLASMID 
_entity_src_gen.pdbx_host_org_vector               ? 
_entity_src_gen.host_org_details                   ? 
_entity_src_gen.expression_system_id               ? 
_entity_src_gen.plasmid_name                       PTYB1 
_entity_src_gen.plasmid_details                    ? 
_entity_src_gen.pdbx_description                   ? 
# 
loop_
_chem_comp.id 
_chem_comp.type 
_chem_comp.mon_nstd_flag 
_chem_comp.name 
_chem_comp.pdbx_synonyms 
_chem_comp.formula 
_chem_comp.formula_weight 
ALA 'L-peptide linking' y ALANINE                 ?                          'C3 H7 N O2'      89.093  
ARG 'L-peptide linking' y ARGININE                ?                          'C6 H15 N4 O2 1'  175.209 
ASN 'L-peptide linking' y ASPARAGINE              ?                          'C4 H8 N2 O3'     132.118 
ASP 'L-peptide linking' y 'ASPARTIC ACID'         ?                          'C4 H7 N O4'      133.103 
FMN non-polymer         . 'FLAVIN MONONUCLEOTIDE' 'RIBOFLAVIN MONOPHOSPHATE' 'C17 H21 N4 O9 P' 456.344 
GLN 'L-peptide linking' y GLUTAMINE               ?                          'C5 H10 N2 O3'    146.144 
GLU 'L-peptide linking' y 'GLUTAMIC ACID'         ?                          'C5 H9 N O4'      147.129 
GLY 'peptide linking'   y GLYCINE                 ?                          'C2 H5 N O2'      75.067  
HIS 'L-peptide linking' y HISTIDINE               ?                          'C6 H10 N3 O2 1'  156.162 
HOH non-polymer         . WATER                   ?                          'H2 O'            18.015  
ILE 'L-peptide linking' y ISOLEUCINE              ?                          'C6 H13 N O2'     131.173 
LEU 'L-peptide linking' y LEUCINE                 ?                          'C6 H13 N O2'     131.173 
LYS 'L-peptide linking' y LYSINE                  ?                          'C6 H15 N2 O2 1'  147.195 
PHE 'L-peptide linking' y PHENYLALANINE           ?                          'C9 H11 N O2'     165.189 
PRO 'L-peptide linking' y PROLINE                 ?                          'C5 H9 N O2'      115.130 
SER 'L-peptide linking' y SERINE                  ?                          'C3 H7 N O3'      105.093 
THR 'L-peptide linking' y THREONINE               ?                          'C4 H9 N O3'      119.119 
TRP 'L-peptide linking' y TRYPTOPHAN              ?                          'C11 H12 N2 O2'   204.225 
TYR 'L-peptide linking' y TYROSINE                ?                          'C9 H11 N O3'     181.189 
VAL 'L-peptide linking' y VALINE                  ?                          'C5 H11 N O2'     117.146 
# 
loop_
_pdbx_poly_seq_scheme.asym_id 
_pdbx_poly_seq_scheme.entity_id 
_pdbx_poly_seq_scheme.seq_id 
_pdbx_poly_seq_scheme.mon_id 
_pdbx_poly_seq_scheme.ndb_seq_num 
_pdbx_poly_seq_scheme.pdb_seq_num 
_pdbx_poly_seq_scheme.auth_seq_num 
_pdbx_poly_seq_scheme.pdb_mon_id 
_pdbx_poly_seq_scheme.auth_mon_id 
_pdbx_poly_seq_scheme.pdb_strand_id 
_pdbx_poly_seq_scheme.pdb_ins_code 
_pdbx_poly_seq_scheme.hetero 
A 1 1   GLY 1   2   2   GLY GLY A . n 
A 1 2   LYS 2   3   3   LYS LYS A . n 
A 1 3   ILE 3   4   4   ILE ILE A . n 
A 1 4   GLY 4   5   5   GLY GLY A . n 
A 1 5   ILE 5   6   6   ILE ILE A . n 
A 1 6   PHE 6   7   7   PHE PHE A . n 
A 1 7   PHE 7   8   8   PHE PHE A . n 
A 1 8   GLY 8   9   9   GLY GLY A . n 
A 1 9   THR 9   10  10  THR THR A . n 
A 1 10  ASP 10  11  11  ASP ASP A . n 
A 1 11  SER 11  12  12  SER SER A . n 
A 1 12  GLY 12  13  13  GLY GLY A . n 
A 1 13  ASN 13  14  14  ASN ASN A . n 
A 1 14  ALA 14  15  15  ALA ALA A . n 
A 1 15  GLU 15  16  16  GLU GLU A . n 
A 1 16  ALA 16  17  17  ALA ALA A . n 
A 1 17  ILE 17  18  18  ILE ILE A . n 
A 1 18  ALA 18  19  19  ALA ALA A . n 
A 1 19  GLU 19  20  20  GLU GLU A . n 
A 1 20  LYS 20  21  21  LYS LYS A . n 
A 1 21  ILE 21  22  22  ILE ILE A . n 
A 1 22  SER 22  23  23  SER SER A . n 
A 1 23  LYS 23  24  24  LYS LYS A . n 
A 1 24  ALA 24  25  25  ALA ALA A . n 
A 1 25  ILE 25  26  26  ILE ILE A . n 
A 1 26  GLY 26  27  27  GLY GLY A . n 
A 1 27  ASN 27  28  28  ASN ASN A . n 
A 1 28  ALA 28  29  29  ALA ALA A . n 
A 1 29  GLU 29  30  30  GLU GLU A . n 
A 1 30  VAL 30  31  31  VAL VAL A . n 
A 1 31  VAL 31  32  32  VAL VAL A . n 
A 1 32  ASP 32  33  33  ASP ASP A . n 
A 1 33  VAL 33  34  34  VAL VAL A . n 
A 1 34  ALA 34  35  35  ALA ALA A . n 
A 1 35  LYS 35  36  36  LYS LYS A . n 
A 1 36  ALA 36  37  37  ALA ALA A . n 
A 1 37  SER 37  38  38  SER SER A . n 
A 1 38  LYS 38  39  39  LYS LYS A . n 
A 1 39  GLU 39  40  40  GLU GLU A . n 
A 1 40  GLN 40  41  41  GLN GLN A . n 
A 1 41  PHE 41  42  42  PHE PHE A . n 
A 1 42  ASN 42  43  43  ASN ASN A . n 
A 1 43  GLY 43  44  44  GLY GLY A . n 
A 1 44  PHE 44  45  45  PHE PHE A . n 
A 1 45  THR 45  46  46  THR THR A . n 
A 1 46  LYS 46  47  47  LYS LYS A . n 
A 1 47  VAL 47  48  48  VAL VAL A . n 
A 1 48  ILE 48  49  49  ILE ILE A . n 
A 1 49  LEU 49  50  50  LEU LEU A . n 
A 1 50  VAL 50  51  51  VAL VAL A . n 
A 1 51  ALA 51  52  52  ALA ALA A . n 
A 1 52  PRO 52  53  53  PRO PRO A . n 
A 1 53  THR 53  54  54  THR THR A . n 
A 1 54  ALA 54  55  55  ALA ALA A . n 
A 1 55  GLY 55  56  56  GLY GLY A . n 
A 1 56  ALA 56  57  57  ALA ALA A . n 
A 1 57  GLY 57  58  58  GLY GLY A . n 
A 1 58  ASP 58  59  59  ASP ASP A . n 
A 1 59  LEU 59  60  60  LEU LEU A . n 
A 1 60  GLN 60  61  61  GLN GLN A . n 
A 1 61  THR 61  62  62  THR THR A . n 
A 1 62  ASP 62  63  63  ASP ASP A . n 
A 1 63  TRP 63  64  64  TRP TRP A . n 
A 1 64  GLU 64  65  65  GLU GLU A . n 
A 1 65  ASP 65  66  66  ASP ASP A . n 
A 1 66  PHE 66  67  67  PHE PHE A . n 
A 1 67  LEU 67  68  68  LEU LEU A . n 
A 1 68  GLY 68  69  69  GLY GLY A . n 
A 1 69  THR 69  70  70  THR THR A . n 
A 1 70  LEU 70  71  71  LEU LEU A . n 
A 1 71  GLU 71  72  72  GLU GLU A . n 
A 1 72  ALA 72  73  73  ALA ALA A . n 
A 1 73  SER 73  74  74  SER SER A . n 
A 1 74  ASP 74  75  75  ASP ASP A . n 
A 1 75  PHE 75  76  76  PHE PHE A . n 
A 1 76  ALA 76  77  77  ALA ALA A . n 
A 1 77  ASN 77  78  78  ASN ASN A . n 
A 1 78  LYS 78  79  79  LYS LYS A . n 
A 1 79  THR 79  80  80  THR THR A . n 
A 1 80  ILE 80  81  81  ILE ILE A . n 
A 1 81  GLY 81  82  82  GLY GLY A . n 
A 1 82  LEU 82  83  83  LEU LEU A . n 
A 1 83  VAL 83  84  84  VAL VAL A . n 
A 1 84  GLY 84  85  85  GLY GLY A . n 
A 1 85  LEU 85  86  86  LEU LEU A . n 
A 1 86  GLY 86  87  87  GLY GLY A . n 
A 1 87  ASP 87  88  88  ASP ASP A . n 
A 1 88  GLN 88  89  89  GLN GLN A . n 
A 1 89  ASP 89  90  90  ASP ASP A . n 
A 1 90  THR 90  91  91  THR THR A . n 
A 1 91  TYR 91  92  92  TYR TYR A . n 
A 1 92  SER 92  93  93  SER SER A . n 
A 1 93  GLU 93  94  94  GLU GLU A . n 
A 1 94  THR 94  95  95  THR THR A . n 
A 1 95  PHE 95  96  96  PHE PHE A . n 
A 1 96  ALA 96  97  97  ALA ALA A . n 
A 1 97  GLU 97  98  98  GLU GLU A . n 
A 1 98  GLY 98  99  99  GLY GLY A . n 
A 1 99  ILE 99  100 100 ILE ILE A . n 
A 1 100 PHE 100 101 101 PHE PHE A . n 
A 1 101 HIS 101 102 102 HIS HIS A . n 
A 1 102 ILE 102 103 103 ILE ILE A . n 
A 1 103 TYR 103 104 104 TYR TYR A . n 
A 1 104 GLU 104 105 105 GLU GLU A . n 
A 1 105 LYS 105 106 106 LYS LYS A . n 
A 1 106 ALA 106 107 107 ALA ALA A . n 
A 1 107 LYS 107 108 108 LYS LYS A . n 
A 1 108 ALA 108 109 109 ALA ALA A . n 
A 1 109 GLY 109 110 110 GLY GLY A . n 
A 1 110 LYS 110 111 111 LYS LYS A . n 
A 1 111 VAL 111 112 112 VAL VAL A . n 
A 1 112 VAL 112 113 113 VAL VAL A . n 
A 1 113 GLY 113 114 114 GLY GLY A . n 
A 1 114 GLN 114 115 115 GLN GLN A . n 
A 1 115 THR 115 116 116 THR THR A . n 
A 1 116 SER 116 117 117 SER SER A . n 
A 1 117 THR 117 118 118 THR THR A . n 
A 1 118 ASP 118 119 119 ASP ASP A . n 
A 1 119 GLY 119 120 120 GLY GLY A . n 
A 1 120 TYR 120 121 121 TYR TYR A . n 
A 1 121 HIS 121 122 122 HIS HIS A . n 
A 1 122 PHE 122 123 123 PHE PHE A . n 
A 1 123 ALA 123 124 124 ALA ALA A . n 
A 1 124 ALA 124 125 125 ALA ALA A . n 
A 1 125 SER 125 126 126 SER SER A . n 
A 1 126 LYS 126 127 127 LYS LYS A . n 
A 1 127 ALA 127 128 128 ALA ALA A . n 
A 1 128 VAL 128 129 129 VAL VAL A . n 
A 1 129 GLU 129 130 130 GLU GLU A . n 
A 1 130 GLY 130 131 131 GLY GLY A . n 
A 1 131 GLY 131 132 132 GLY GLY A . n 
A 1 132 LYS 132 133 133 LYS LYS A . n 
A 1 133 PHE 133 134 134 PHE PHE A . n 
A 1 134 VAL 134 135 135 VAL VAL A . n 
A 1 135 GLY 135 136 136 GLY GLY A . n 
A 1 136 LEU 136 137 137 LEU LEU A . n 
A 1 137 VAL 137 138 138 VAL VAL A . n 
A 1 138 ILE 138 139 139 ILE ILE A . n 
A 1 139 ASP 139 140 140 ASP ASP A . n 
A 1 140 GLU 140 141 141 GLU GLU A . n 
A 1 141 ASP 141 142 142 ASP ASP A . n 
A 1 142 ASN 142 143 143 ASN ASN A . n 
A 1 143 GLN 143 144 144 GLN GLN A . n 
A 1 144 ASP 144 145 145 ASP ASP A . n 
A 1 145 ASP 145 146 146 ASP ASP A . n 
A 1 146 LEU 146 147 147 LEU LEU A . n 
A 1 147 THR 147 148 148 THR THR A . n 
A 1 148 ASP 148 149 149 ASP ASP A . n 
A 1 149 GLU 149 150 150 GLU GLU A . n 
A 1 150 ARG 150 151 151 ARG ARG A . n 
A 1 151 ILE 151 152 152 ILE ILE A . n 
A 1 152 ALA 152 153 153 ALA ALA A . n 
A 1 153 LYS 153 154 154 LYS LYS A . n 
A 1 154 TRP 154 155 155 TRP TRP A . n 
A 1 155 VAL 155 156 156 VAL VAL A . n 
A 1 156 GLU 156 157 157 GLU GLU A . n 
A 1 157 GLN 157 158 158 GLN GLN A . n 
A 1 158 VAL 158 159 159 VAL VAL A . n 
A 1 159 ARG 159 160 160 ARG ARG A . n 
A 1 160 GLY 160 161 161 GLY GLY A . n 
A 1 161 SER 161 162 162 SER SER A . n 
A 1 162 PHE 162 163 163 PHE PHE A . n 
A 1 163 ALA 163 164 164 ALA ALA A . n 
# 
loop_
_pdbx_nonpoly_scheme.asym_id 
_pdbx_nonpoly_scheme.entity_id 
_pdbx_nonpoly_scheme.mon_id 
_pdbx_nonpoly_scheme.ndb_seq_num 
_pdbx_nonpoly_scheme.pdb_seq_num 
_pdbx_nonpoly_scheme.auth_seq_num 
_pdbx_nonpoly_scheme.pdb_mon_id 
_pdbx_nonpoly_scheme.auth_mon_id 
_pdbx_nonpoly_scheme.pdb_strand_id 
_pdbx_nonpoly_scheme.pdb_ins_code 
B 2 FMN 1  165 165 FMN FMN A . 
C 3 HOH 1  201 201 HOH HOH A . 
C 3 HOH 2  202 202 HOH HOH A . 
C 3 HOH 3  203 203 HOH HOH A . 
C 3 HOH 4  204 204 HOH HOH A . 
C 3 HOH 5  205 205 HOH HOH A . 
C 3 HOH 6  206 206 HOH HOH A . 
C 3 HOH 7  207 207 HOH HOH A . 
C 3 HOH 8  208 208 HOH HOH A . 
C 3 HOH 9  209 209 HOH HOH A . 
C 3 HOH 10 210 210 HOH HOH A . 
C 3 HOH 11 211 211 HOH HOH A . 
C 3 HOH 12 212 212 HOH HOH A . 
C 3 HOH 13 213 213 HOH HOH A . 
C 3 HOH 14 214 214 HOH HOH A . 
C 3 HOH 15 215 215 HOH HOH A . 
C 3 HOH 16 216 216 HOH HOH A . 
C 3 HOH 17 217 217 HOH HOH A . 
C 3 HOH 18 218 218 HOH HOH A . 
C 3 HOH 19 219 219 HOH HOH A . 
C 3 HOH 20 220 220 HOH HOH A . 
C 3 HOH 21 221 221 HOH HOH A . 
C 3 HOH 22 222 222 HOH HOH A . 
C 3 HOH 23 223 223 HOH HOH A . 
C 3 HOH 24 224 224 HOH HOH A . 
C 3 HOH 25 225 225 HOH HOH A . 
C 3 HOH 26 226 226 HOH HOH A . 
C 3 HOH 27 227 227 HOH HOH A . 
C 3 HOH 28 228 228 HOH HOH A . 
C 3 HOH 29 229 229 HOH HOH A . 
C 3 HOH 30 230 230 HOH HOH A . 
C 3 HOH 31 231 231 HOH HOH A . 
C 3 HOH 32 232 232 HOH HOH A . 
# 
loop_
_software.name 
_software.classification 
_software.version 
_software.citation_id 
_software.pdbx_ordinal 
CNS       refinement       . ? 1 
DENZO     'data reduction' . ? 2 
SCALEPACK 'data scaling'   . ? 3 
CNS       phasing          . ? 4 
# 
_cell.entry_id           1FUE 
_cell.length_a           31.130 
_cell.length_b           47.220 
_cell.length_c           48.310 
_cell.angle_alpha        90.00 
_cell.angle_beta         97.14 
_cell.angle_gamma        90.00 
_cell.Z_PDB              2 
_cell.pdbx_unique_axis   ? 
# 
_symmetry.entry_id                         1FUE 
_symmetry.space_group_name_H-M             'P 1 21 1' 
_symmetry.pdbx_full_space_group_name_H-M   ? 
_symmetry.cell_setting                     ? 
_symmetry.Int_Tables_number                4 
# 
_exptl.entry_id          1FUE 
_exptl.method            'X-RAY DIFFRACTION' 
_exptl.crystals_number   1 
# 
_exptl_crystal.id                    1 
_exptl_crystal.density_meas          ? 
_exptl_crystal.density_percent_sol   39.58 
_exptl_crystal.density_Matthews      2.04 
_exptl_crystal.description           ? 
# 
_exptl_crystal_grow.crystal_id      1 
_exptl_crystal_grow.method          'VAPOR DIFFUSION, SITTING DROP' 
_exptl_crystal_grow.pH              7 
_exptl_crystal_grow.temp            290 
_exptl_crystal_grow.temp_details    ? 
_exptl_crystal_grow.pdbx_details    'PEG 1500, pH 7, VAPOR DIFFUSION, SITTING DROP, temperature 290K' 
_exptl_crystal_grow.pdbx_pH_range   . 
# 
_diffrn.id                     1 
_diffrn.ambient_temp           298.0 
_diffrn.ambient_temp_details   ? 
_diffrn.crystal_id             1 
# 
_diffrn_detector.diffrn_id              1 
_diffrn_detector.detector               'IMAGE PLATE' 
_diffrn_detector.type                   MARRESEARCH 
_diffrn_detector.pdbx_collection_date   1998-10-27 
_diffrn_detector.details                ? 
# 
_diffrn_radiation.diffrn_id                        1 
_diffrn_radiation.wavelength_id                    1 
_diffrn_radiation.monochromator                    ? 
_diffrn_radiation.pdbx_monochromatic_or_laue_m_l   M 
_diffrn_radiation.pdbx_diffrn_protocol             'SINGLE WAVELENGTH' 
_diffrn_radiation.pdbx_scattering_type             x-ray 
# 
_diffrn_radiation_wavelength.id           1 
_diffrn_radiation_wavelength.wavelength   1.5418 
_diffrn_radiation_wavelength.wt           1.0 
# 
_diffrn_source.diffrn_id                   1 
_diffrn_source.source                      'ROTATING ANODE' 
_diffrn_source.type                        OTHER 
_diffrn_source.pdbx_wavelength             1.5418 
_diffrn_source.pdbx_synchrotron_site       ? 
_diffrn_source.pdbx_synchrotron_beamline   ? 
_diffrn_source.pdbx_wavelength_list        ? 
# 
_reflns.entry_id                     1FUE 
_reflns.observed_criterion_sigma_I   -10 
_reflns.observed_criterion_sigma_F   -10 
_reflns.d_resolution_low             20 
_reflns.d_resolution_high            2.4 
_reflns.number_obs                   5346 
_reflns.number_all                   5537 
_reflns.percent_possible_obs         96.6 
_reflns.pdbx_Rmerge_I_obs            0.0850000 
_reflns.pdbx_Rsym_value              ? 
_reflns.pdbx_netI_over_sigmaI        12.1 
_reflns.B_iso_Wilson_estimate        25.7 
_reflns.pdbx_redundancy              2.46 
_reflns.R_free_details               ? 
_reflns.limit_h_max                  ? 
_reflns.limit_h_min                  ? 
_reflns.limit_k_max                  ? 
_reflns.limit_k_min                  ? 
_reflns.limit_l_max                  ? 
_reflns.limit_l_min                  ? 
_reflns.observed_criterion_F_max     ? 
_reflns.observed_criterion_F_min     ? 
_reflns.pdbx_diffrn_id               1 
_reflns.pdbx_ordinal                 1 
# 
_reflns_shell.d_res_high             2.40 
_reflns_shell.d_res_low              2.49 
_reflns_shell.percent_possible_obs   ? 
_reflns_shell.percent_possible_all   99.2 
_reflns_shell.Rmerge_I_obs           0.3250000 
_reflns_shell.meanI_over_sigI_obs    ? 
_reflns_shell.pdbx_Rsym_value        ? 
_reflns_shell.pdbx_redundancy        2.48 
_reflns_shell.number_unique_all      530 
_reflns_shell.pdbx_diffrn_id         ? 
_reflns_shell.pdbx_ordinal           1 
# 
_refine.entry_id                                 1FUE 
_refine.ls_number_reflns_obs                     5144 
_refine.ls_number_reflns_all                     5144 
_refine.pdbx_ls_sigma_I                          0 
_refine.pdbx_ls_sigma_F                          0.0 
_refine.pdbx_data_cutoff_high_absF               271006.32 
_refine.pdbx_data_cutoff_low_absF                0.00 
_refine.ls_d_res_low                             18.76 
_refine.ls_d_res_high                            2.40 
_refine.ls_percent_reflns_obs                    93.1 
_refine.ls_R_factor_obs                          0.1980000 
_refine.ls_R_factor_all                          0.1980000 
_refine.ls_R_factor_R_work                       0.1980000 
_refine.ls_R_factor_R_free                       0.2700000 
_refine.ls_R_factor_R_free_error                 0.012 
_refine.ls_R_factor_R_free_error_details         ? 
_refine.ls_percent_reflns_R_free                 10.4 
_refine.ls_number_reflns_R_free                  536 
_refine.ls_number_parameters                     ? 
_refine.ls_number_restraints                     ? 
_refine.occupancy_min                            ? 
_refine.occupancy_max                            ? 
_refine.B_iso_mean                               37.4 
_refine.aniso_B[1][1]                            -14.86 
_refine.aniso_B[2][2]                            4.22 
_refine.aniso_B[3][3]                            10.63 
_refine.aniso_B[1][2]                            0.00 
_refine.aniso_B[1][3]                            3.97 
_refine.aniso_B[2][3]                            0.00 
_refine.solvent_model_details                    'FLAT MODEL' 
_refine.solvent_model_param_ksol                 0.287 
_refine.solvent_model_param_bsol                 41.65 
_refine.pdbx_ls_cross_valid_method               THROUGHOUT 
_refine.details                                  ? 
_refine.pdbx_starting_model                      ? 
_refine.pdbx_method_to_determine_struct          ? 
_refine.pdbx_isotropic_thermal_model             RESTRAINED 
_refine.pdbx_stereochemistry_target_values       'Engh & Huber' 
_refine.pdbx_stereochem_target_val_spec_case     ? 
_refine.pdbx_R_Free_selection_details            RANDOM 
_refine.pdbx_overall_ESU_R_Free                  ? 
_refine.overall_SU_B                             ? 
_refine.ls_redundancy_reflns_obs                 ? 
_refine.B_iso_min                                ? 
_refine.B_iso_max                                ? 
_refine.overall_SU_ML                            ? 
_refine.pdbx_overall_ESU_R                       ? 
_refine.pdbx_data_cutoff_high_rms_absF           ? 
_refine.correlation_coeff_Fo_to_Fc               ? 
_refine.correlation_coeff_Fo_to_Fc_free          ? 
_refine.pdbx_solvent_vdw_probe_radii             ? 
_refine.pdbx_solvent_ion_probe_radii             ? 
_refine.pdbx_solvent_shrinkage_radii             ? 
_refine.overall_SU_R_Cruickshank_DPI             ? 
_refine.overall_SU_R_free                        ? 
_refine.pdbx_refine_id                           'X-RAY DIFFRACTION' 
_refine.pdbx_diffrn_id                           1 
_refine.pdbx_TLS_residual_ADP_flag               ? 
_refine.pdbx_overall_phase_error                 ? 
_refine.pdbx_overall_SU_R_free_Cruickshank_DPI   ? 
_refine.pdbx_overall_SU_R_Blow_DPI               ? 
_refine.pdbx_overall_SU_R_free_Blow_DPI          ? 
# 
_refine_analyze.entry_id                        1FUE 
_refine_analyze.Luzzati_coordinate_error_obs    0.29 
_refine_analyze.Luzzati_sigma_a_obs             0.36 
_refine_analyze.Luzzati_d_res_low_obs           5.00 
_refine_analyze.Luzzati_coordinate_error_free   0.40 
_refine_analyze.Luzzati_sigma_a_free            0.39 
_refine_analyze.Luzzati_d_res_low_free          ? 
_refine_analyze.number_disordered_residues      ? 
_refine_analyze.occupancy_sum_hydrogen          ? 
_refine_analyze.occupancy_sum_non_hydrogen      ? 
_refine_analyze.pdbx_Luzzati_d_res_high_obs     ? 
_refine_analyze.pdbx_refine_id                  'X-RAY DIFFRACTION' 
# 
_refine_hist.pdbx_refine_id                   'X-RAY DIFFRACTION' 
_refine_hist.cycle_id                         LAST 
_refine_hist.pdbx_number_atoms_protein        1222 
_refine_hist.pdbx_number_atoms_nucleic_acid   0 
_refine_hist.pdbx_number_atoms_ligand         31 
_refine_hist.number_atoms_solvent             32 
_refine_hist.number_atoms_total               1285 
_refine_hist.d_res_high                       2.40 
_refine_hist.d_res_low                        18.76 
# 
loop_
_refine_ls_restr.type 
_refine_ls_restr.dev_ideal 
_refine_ls_restr.dev_ideal_target 
_refine_ls_restr.weight 
_refine_ls_restr.number 
_refine_ls_restr.pdbx_refine_id 
_refine_ls_restr.pdbx_restraint_function 
c_bond_d           0.007 ?    ? ? 'X-RAY DIFFRACTION' ? 
c_angle_deg        1.1   ?    ? ? 'X-RAY DIFFRACTION' ? 
c_dihedral_angle_d 22.7  ?    ? ? 'X-RAY DIFFRACTION' ? 
c_improper_angle_d 0.66  ?    ? ? 'X-RAY DIFFRACTION' ? 
c_mcbond_it        3.08  1.50 ? ? 'X-RAY DIFFRACTION' ? 
c_mcangle_it       4.72  2.00 ? ? 'X-RAY DIFFRACTION' ? 
c_scbond_it        4.58  2.00 ? ? 'X-RAY DIFFRACTION' ? 
c_scangle_it       6.57  2.50 ? ? 'X-RAY DIFFRACTION' ? 
# 
_refine_ls_shell.pdbx_total_number_of_bins_used   6 
_refine_ls_shell.d_res_high                       2.40 
_refine_ls_shell.d_res_low                        2.55 
_refine_ls_shell.number_reflns_R_work             738 
_refine_ls_shell.R_factor_R_work                  0.2960000 
_refine_ls_shell.percent_reflns_obs               90.5 
_refine_ls_shell.R_factor_R_free                  0.3100000 
_refine_ls_shell.R_factor_R_free_error            0.034 
_refine_ls_shell.percent_reflns_R_free            10.3 
_refine_ls_shell.number_reflns_R_free             85 
_refine_ls_shell.redundancy_reflns_obs            ? 
_refine_ls_shell.number_reflns_all                ? 
_refine_ls_shell.number_reflns_obs                ? 
_refine_ls_shell.pdbx_refine_id                   'X-RAY DIFFRACTION' 
_refine_ls_shell.R_factor_all                     ? 
# 
loop_
_pdbx_xplor_file.serial_no 
_pdbx_xplor_file.param_file 
_pdbx_xplor_file.topol_file 
_pdbx_xplor_file.pdbx_refine_id 
1 PROTEIN_REP.PARAM PROTEIN.TOP 'X-RAY DIFFRACTION' 
2 WATER.PARAM       WATER.TOP   'X-RAY DIFFRACTION' 
3 FMN.PARAM         FMN.TOP     'X-RAY DIFFRACTION' 
# 
_struct.entry_id                  1FUE 
_struct.title                     'FLAVODOXIN FROM HELICOBACTER PYLORI' 
_struct.pdbx_model_details        ? 
_struct.pdbx_CASP_flag            ? 
_struct.pdbx_model_type_details   ? 
# 
_struct_keywords.entry_id        1FUE 
_struct_keywords.pdbx_keywords   'ELECTRON TRANSPORT' 
_struct_keywords.text            'flavoprotein, Helicobacter pylori, fmn, ELECTRON TRANSPORT' 
# 
loop_
_struct_asym.id 
_struct_asym.pdbx_blank_PDB_chainid_flag 
_struct_asym.pdbx_modified 
_struct_asym.entity_id 
_struct_asym.details 
A N N 1 ? 
B N N 2 ? 
C N N 3 ? 
# 
_struct_ref.id                         1 
_struct_ref.db_name                    UNP 
_struct_ref.db_code                    FLAV_HELPJ 
_struct_ref.pdbx_db_accession          Q9ZK53 
_struct_ref.entity_id                  1 
_struct_ref.pdbx_seq_one_letter_code   
;GKIGIFFGTDSGNAEAIAEKISKAIGNAEVIDVAKASKEQFNGFTKVILVAPTAGAGDLQTDWEDFLGTLEASDFANKTI
GLVGLGDQDTYSETFAEGIFHIYEKAKAGKVVGQTPTDGYHFEASKAVEGGKFVGLVIDEDNQDDLTDERIAKWVEQVKG
SFA
;
_struct_ref.pdbx_align_begin           2 
_struct_ref.pdbx_db_isoform            ? 
# 
_struct_ref_seq.align_id                      1 
_struct_ref_seq.ref_id                        1 
_struct_ref_seq.pdbx_PDB_id_code              1FUE 
_struct_ref_seq.pdbx_strand_id                A 
_struct_ref_seq.seq_align_beg                 1 
_struct_ref_seq.pdbx_seq_align_beg_ins_code   ? 
_struct_ref_seq.seq_align_end                 163 
_struct_ref_seq.pdbx_seq_align_end_ins_code   ? 
_struct_ref_seq.pdbx_db_accession             Q9ZK53 
_struct_ref_seq.db_align_beg                  2 
_struct_ref_seq.pdbx_db_align_beg_ins_code    ? 
_struct_ref_seq.db_align_end                  164 
_struct_ref_seq.pdbx_db_align_end_ins_code    ? 
_struct_ref_seq.pdbx_auth_seq_align_beg       2 
_struct_ref_seq.pdbx_auth_seq_align_end       164 
# 
loop_
_struct_ref_seq_dif.align_id 
_struct_ref_seq_dif.pdbx_pdb_id_code 
_struct_ref_seq_dif.mon_id 
_struct_ref_seq_dif.pdbx_pdb_strand_id 
_struct_ref_seq_dif.seq_num 
_struct_ref_seq_dif.pdbx_pdb_ins_code 
_struct_ref_seq_dif.pdbx_seq_db_name 
_struct_ref_seq_dif.pdbx_seq_db_accession_code 
_struct_ref_seq_dif.db_mon_id 
_struct_ref_seq_dif.pdbx_seq_db_seq_num 
_struct_ref_seq_dif.details 
_struct_ref_seq_dif.pdbx_auth_seq_num 
_struct_ref_seq_dif.pdbx_ordinal 
1 1FUE VAL A 31  ? UNP Q9ZK53 ILE 32  'See remark 999' 32  1 
1 1FUE SER A 116 ? UNP Q9ZK53 PRO 117 'See remark 999' 117 2 
1 1FUE ALA A 123 ? UNP Q9ZK53 GLU 124 'See remark 999' 124 3 
1 1FUE ARG A 159 ? UNP Q9ZK53 LYS 160 'See remark 999' 160 4 
# 
_pdbx_struct_assembly.id                   1 
_pdbx_struct_assembly.details              author_defined_assembly 
_pdbx_struct_assembly.method_details       ? 
_pdbx_struct_assembly.oligomeric_details   monomeric 
_pdbx_struct_assembly.oligomeric_count     1 
# 
_pdbx_struct_assembly_gen.assembly_id       1 
_pdbx_struct_assembly_gen.oper_expression   1 
_pdbx_struct_assembly_gen.asym_id_list      A,B,C 
# 
_pdbx_struct_oper_list.id                   1 
_pdbx_struct_oper_list.type                 'identity operation' 
_pdbx_struct_oper_list.name                 1_555 
_pdbx_struct_oper_list.symmetry_operation   x,y,z 
_pdbx_struct_oper_list.matrix[1][1]         1.0000000000 
_pdbx_struct_oper_list.matrix[1][2]         0.0000000000 
_pdbx_struct_oper_list.matrix[1][3]         0.0000000000 
_pdbx_struct_oper_list.vector[1]            0.0000000000 
_pdbx_struct_oper_list.matrix[2][1]         0.0000000000 
_pdbx_struct_oper_list.matrix[2][2]         1.0000000000 
_pdbx_struct_oper_list.matrix[2][3]         0.0000000000 
_pdbx_struct_oper_list.vector[2]            0.0000000000 
_pdbx_struct_oper_list.matrix[3][1]         0.0000000000 
_pdbx_struct_oper_list.matrix[3][2]         0.0000000000 
_pdbx_struct_oper_list.matrix[3][3]         1.0000000000 
_pdbx_struct_oper_list.vector[3]            0.0000000000 
# 
_struct_biol.id                    1 
_struct_biol.pdbx_parent_biol_id   ? 
_struct_biol.details               ? 
# 
loop_
_struct_conf.conf_type_id 
_struct_conf.id 
_struct_conf.pdbx_PDB_helix_id 
_struct_conf.beg_label_comp_id 
_struct_conf.beg_label_asym_id 
_struct_conf.beg_label_seq_id 
_struct_conf.pdbx_beg_PDB_ins_code 
_struct_conf.end_label_comp_id 
_struct_conf.end_label_asym_id 
_struct_conf.end_label_seq_id 
_struct_conf.pdbx_end_PDB_ins_code 
_struct_conf.beg_auth_comp_id 
_struct_conf.beg_auth_asym_id 
_struct_conf.beg_auth_seq_id 
_struct_conf.end_auth_comp_id 
_struct_conf.end_auth_asym_id 
_struct_conf.end_auth_seq_id 
_struct_conf.pdbx_PDB_helix_class 
_struct_conf.details 
_struct_conf.pdbx_PDB_helix_length 
HELX_P HELX_P1  1  GLY A 12  ? GLY A 26  ? GLY A 13  GLY A 27  1 ? 15 
HELX_P HELX_P2  2  ALA A 34  ? ALA A 36  ? ALA A 35  ALA A 37  5 ? 3  
HELX_P HELX_P3  3  SER A 37  ? ASN A 42  ? SER A 38  ASN A 43  1 ? 6  
HELX_P HELX_P4  4  ALA A 54  ? ASP A 58  ? ALA A 55  ASP A 59  5 ? 5  
HELX_P HELX_P5  5  GLN A 60  ? GLY A 68  ? GLN A 61  GLY A 69  1 ? 9  
HELX_P HELX_P6  6  THR A 69  ? LEU A 70  ? THR A 70  LEU A 71  5 ? 2  
HELX_P HELX_P7  7  GLU A 71  ? GLU A 71  ? GLU A 72  GLU A 72  5 ? 1  
HELX_P HELX_P8  8  ALA A 72  ? ASN A 77  ? ALA A 73  ASN A 78  1 ? 6  
HELX_P HELX_P9  9  GLU A 97  ? LYS A 107 ? GLU A 98  LYS A 108 1 ? 11 
HELX_P HELX_P10 10 GLN A 143 ? ASP A 145 ? GLN A 144 ASP A 146 5 ? 3  
HELX_P HELX_P11 11 LEU A 146 ? GLY A 160 ? LEU A 147 GLY A 161 1 ? 15 
# 
_struct_conf_type.id          HELX_P 
_struct_conf_type.criteria    ? 
_struct_conf_type.reference   ? 
# 
loop_
_struct_sheet.id 
_struct_sheet.type 
_struct_sheet.number_strands 
_struct_sheet.details 
A ? 5 ? 
B ? 5 ? 
# 
loop_
_struct_sheet_order.sheet_id 
_struct_sheet_order.range_id_1 
_struct_sheet_order.range_id_2 
_struct_sheet_order.offset 
_struct_sheet_order.sense 
A 1 2 ? parallel 
A 2 3 ? parallel 
A 3 4 ? parallel 
A 4 5 ? parallel 
B 1 2 ? parallel 
B 2 3 ? parallel 
B 3 4 ? parallel 
B 4 5 ? parallel 
# 
loop_
_struct_sheet_range.sheet_id 
_struct_sheet_range.id 
_struct_sheet_range.beg_label_comp_id 
_struct_sheet_range.beg_label_asym_id 
_struct_sheet_range.beg_label_seq_id 
_struct_sheet_range.pdbx_beg_PDB_ins_code 
_struct_sheet_range.end_label_comp_id 
_struct_sheet_range.end_label_asym_id 
_struct_sheet_range.end_label_seq_id 
_struct_sheet_range.pdbx_end_PDB_ins_code 
_struct_sheet_range.beg_auth_comp_id 
_struct_sheet_range.beg_auth_asym_id 
_struct_sheet_range.beg_auth_seq_id 
_struct_sheet_range.end_auth_comp_id 
_struct_sheet_range.end_auth_asym_id 
_struct_sheet_range.end_auth_seq_id 
A 1 ALA A 28  ? ASP A 32  ? ALA A 29  ASP A 33  
A 2 ILE A 3   ? PHE A 7   ? ILE A 4   PHE A 8   
A 3 LYS A 46  ? PRO A 52  ? LYS A 47  PRO A 53  
A 4 THR A 79  ? LEU A 85  ? THR A 80  LEU A 86  
A 5 LYS A 110 ? VAL A 111 ? LYS A 111 VAL A 112 
B 1 ALA A 28  ? ASP A 32  ? ALA A 29  ASP A 33  
B 2 ILE A 3   ? PHE A 7   ? ILE A 4   PHE A 8   
B 3 LYS A 46  ? PRO A 52  ? LYS A 47  PRO A 53  
B 4 THR A 79  ? LEU A 85  ? THR A 80  LEU A 86  
B 5 LEU A 136 ? ILE A 138 ? LEU A 137 ILE A 139 
# 
loop_
_pdbx_struct_sheet_hbond.sheet_id 
_pdbx_struct_sheet_hbond.range_id_1 
_pdbx_struct_sheet_hbond.range_id_2 
_pdbx_struct_sheet_hbond.range_1_label_atom_id 
_pdbx_struct_sheet_hbond.range_1_label_comp_id 
_pdbx_struct_sheet_hbond.range_1_label_asym_id 
_pdbx_struct_sheet_hbond.range_1_label_seq_id 
_pdbx_struct_sheet_hbond.range_1_PDB_ins_code 
_pdbx_struct_sheet_hbond.range_1_auth_atom_id 
_pdbx_struct_sheet_hbond.range_1_auth_comp_id 
_pdbx_struct_sheet_hbond.range_1_auth_asym_id 
_pdbx_struct_sheet_hbond.range_1_auth_seq_id 
_pdbx_struct_sheet_hbond.range_2_label_atom_id 
_pdbx_struct_sheet_hbond.range_2_label_comp_id 
_pdbx_struct_sheet_hbond.range_2_label_asym_id 
_pdbx_struct_sheet_hbond.range_2_label_seq_id 
_pdbx_struct_sheet_hbond.range_2_PDB_ins_code 
_pdbx_struct_sheet_hbond.range_2_auth_atom_id 
_pdbx_struct_sheet_hbond.range_2_auth_comp_id 
_pdbx_struct_sheet_hbond.range_2_auth_asym_id 
_pdbx_struct_sheet_hbond.range_2_auth_seq_id 
A 1 2 N GLU A 29 ? N GLU A 30 O ILE A 3   ? O ILE A 4   
A 2 3 N GLY A 4  ? N GLY A 5  O LYS A 46  ? O LYS A 47  
A 3 4 N VAL A 47 ? N VAL A 48 O THR A 79  ? O THR A 80  
A 4 5 N ILE A 80 ? N ILE A 81 O LYS A 110 ? O LYS A 111 
B 1 2 N GLU A 29 ? N GLU A 30 O ILE A 3   ? O ILE A 4   
B 2 3 N GLY A 4  ? N GLY A 5  O LYS A 46  ? O LYS A 47  
B 3 4 N VAL A 47 ? N VAL A 48 O THR A 79  ? O THR A 80  
B 4 5 N GLY A 84 ? N GLY A 85 O LEU A 136 ? O LEU A 137 
# 
_struct_site.id                   AC1 
_struct_site.pdbx_evidence_code   Software 
_struct_site.pdbx_auth_asym_id    A 
_struct_site.pdbx_auth_comp_id    FMN 
_struct_site.pdbx_auth_seq_id     165 
_struct_site.pdbx_auth_ins_code   ? 
_struct_site.pdbx_num_residues    22 
_struct_site.details              'BINDING SITE FOR RESIDUE FMN A 165' 
# 
loop_
_struct_site_gen.id 
_struct_site_gen.site_id 
_struct_site_gen.pdbx_num_res 
_struct_site_gen.label_comp_id 
_struct_site_gen.label_asym_id 
_struct_site_gen.label_seq_id 
_struct_site_gen.pdbx_auth_ins_code 
_struct_site_gen.auth_comp_id 
_struct_site_gen.auth_asym_id 
_struct_site_gen.auth_seq_id 
_struct_site_gen.label_atom_id 
_struct_site_gen.label_alt_id 
_struct_site_gen.symmetry 
_struct_site_gen.details 
1  AC1 22 THR A 9   ? THR A 10  . ? 1_555 ? 
2  AC1 22 ASP A 10  ? ASP A 11  . ? 1_555 ? 
3  AC1 22 SER A 11  ? SER A 12  . ? 1_555 ? 
4  AC1 22 GLY A 12  ? GLY A 13  . ? 1_555 ? 
5  AC1 22 ASN A 13  ? ASN A 14  . ? 1_555 ? 
6  AC1 22 ALA A 14  ? ALA A 15  . ? 1_555 ? 
7  AC1 22 PRO A 52  ? PRO A 53  . ? 1_555 ? 
8  AC1 22 THR A 53  ? THR A 54  . ? 1_555 ? 
9  AC1 22 ALA A 54  ? ALA A 55  . ? 1_555 ? 
10 AC1 22 GLY A 55  ? GLY A 56  . ? 1_555 ? 
11 AC1 22 ALA A 56  ? ALA A 57  . ? 1_555 ? 
12 AC1 22 GLY A 57  ? GLY A 58  . ? 1_555 ? 
13 AC1 22 LEU A 85  ? LEU A 86  . ? 1_555 ? 
14 AC1 22 GLY A 86  ? GLY A 87  . ? 1_555 ? 
15 AC1 22 ASP A 87  ? ASP A 88  . ? 1_555 ? 
16 AC1 22 TYR A 91  ? TYR A 92  . ? 1_555 ? 
17 AC1 22 THR A 94  ? THR A 95  . ? 1_555 ? 
18 AC1 22 PHE A 95  ? PHE A 96  . ? 1_555 ? 
19 AC1 22 ALA A 96  ? ALA A 97  . ? 1_555 ? 
20 AC1 22 ASP A 141 ? ASP A 142 . ? 1_555 ? 
21 AC1 22 HOH C .   ? HOH A 202 . ? 1_555 ? 
22 AC1 22 HOH C .   ? HOH A 217 . ? 1_555 ? 
# 
loop_
_pdbx_validate_torsion.id 
_pdbx_validate_torsion.PDB_model_num 
_pdbx_validate_torsion.auth_comp_id 
_pdbx_validate_torsion.auth_asym_id 
_pdbx_validate_torsion.auth_seq_id 
_pdbx_validate_torsion.PDB_ins_code 
_pdbx_validate_torsion.label_alt_id 
_pdbx_validate_torsion.phi 
_pdbx_validate_torsion.psi 
1 1 ALA A 57  ? ? 76.61   -7.32  
2 1 GLU A 94  ? ? -117.33 51.04  
3 1 THR A 95  ? ? 178.22  22.50  
4 1 PHE A 96  ? ? -58.35  109.15 
5 1 ALA A 124 ? ? -90.51  -69.65 
6 1 SER A 126 ? ? 179.70  116.01 
# 
loop_
_chem_comp_atom.comp_id 
_chem_comp_atom.atom_id 
_chem_comp_atom.type_symbol 
_chem_comp_atom.pdbx_aromatic_flag 
_chem_comp_atom.pdbx_stereo_config 
_chem_comp_atom.pdbx_ordinal 
ALA N      N N N 1   
ALA CA     C N S 2   
ALA C      C N N 3   
ALA O      O N N 4   
ALA CB     C N N 5   
ALA OXT    O N N 6   
ALA H      H N N 7   
ALA H2     H N N 8   
ALA HA     H N N 9   
ALA HB1    H N N 10  
ALA HB2    H N N 11  
ALA HB3    H N N 12  
ALA HXT    H N N 13  
ARG N      N N N 14  
ARG CA     C N S 15  
ARG C      C N N 16  
ARG O      O N N 17  
ARG CB     C N N 18  
ARG CG     C N N 19  
ARG CD     C N N 20  
ARG NE     N N N 21  
ARG CZ     C N N 22  
ARG NH1    N N N 23  
ARG NH2    N N N 24  
ARG OXT    O N N 25  
ARG H      H N N 26  
ARG H2     H N N 27  
ARG HA     H N N 28  
ARG HB2    H N N 29  
ARG HB3    H N N 30  
ARG HG2    H N N 31  
ARG HG3    H N N 32  
ARG HD2    H N N 33  
ARG HD3    H N N 34  
ARG HE     H N N 35  
ARG HH11   H N N 36  
ARG HH12   H N N 37  
ARG HH21   H N N 38  
ARG HH22   H N N 39  
ARG HXT    H N N 40  
ASN N      N N N 41  
ASN CA     C N S 42  
ASN C      C N N 43  
ASN O      O N N 44  
ASN CB     C N N 45  
ASN CG     C N N 46  
ASN OD1    O N N 47  
ASN ND2    N N N 48  
ASN OXT    O N N 49  
ASN H      H N N 50  
ASN H2     H N N 51  
ASN HA     H N N 52  
ASN HB2    H N N 53  
ASN HB3    H N N 54  
ASN HD21   H N N 55  
ASN HD22   H N N 56  
ASN HXT    H N N 57  
ASP N      N N N 58  
ASP CA     C N S 59  
ASP C      C N N 60  
ASP O      O N N 61  
ASP CB     C N N 62  
ASP CG     C N N 63  
ASP OD1    O N N 64  
ASP OD2    O N N 65  
ASP OXT    O N N 66  
ASP H      H N N 67  
ASP H2     H N N 68  
ASP HA     H N N 69  
ASP HB2    H N N 70  
ASP HB3    H N N 71  
ASP HD2    H N N 72  
ASP HXT    H N N 73  
FMN N1     N N N 74  
FMN C2     C N N 75  
FMN O2     O N N 76  
FMN N3     N N N 77  
FMN C4     C N N 78  
FMN O4     O N N 79  
FMN C4A    C N N 80  
FMN N5     N N N 81  
FMN C5A    C Y N 82  
FMN C6     C Y N 83  
FMN C7     C Y N 84  
FMN C7M    C N N 85  
FMN C8     C Y N 86  
FMN C8M    C N N 87  
FMN C9     C Y N 88  
FMN C9A    C Y N 89  
FMN N10    N N N 90  
FMN C10    C N N 91  
FMN "C1'"  C N N 92  
FMN "C2'"  C N S 93  
FMN "O2'"  O N N 94  
FMN "C3'"  C N S 95  
FMN "O3'"  O N N 96  
FMN "C4'"  C N R 97  
FMN "O4'"  O N N 98  
FMN "C5'"  C N N 99  
FMN "O5'"  O N N 100 
FMN P      P N N 101 
FMN O1P    O N N 102 
FMN O2P    O N N 103 
FMN O3P    O N N 104 
FMN HN3    H N N 105 
FMN H6     H N N 106 
FMN HM71   H N N 107 
FMN HM72   H N N 108 
FMN HM73   H N N 109 
FMN HM81   H N N 110 
FMN HM82   H N N 111 
FMN HM83   H N N 112 
FMN H9     H N N 113 
FMN "H1'1" H N N 114 
FMN "H1'2" H N N 115 
FMN "H2'"  H N N 116 
FMN "HO2'" H N N 117 
FMN "H3'"  H N N 118 
FMN "HO3'" H N N 119 
FMN "H4'"  H N N 120 
FMN "HO4'" H N N 121 
FMN "H5'1" H N N 122 
FMN "H5'2" H N N 123 
FMN HOP2   H N N 124 
FMN HOP3   H N N 125 
GLN N      N N N 126 
GLN CA     C N S 127 
GLN C      C N N 128 
GLN O      O N N 129 
GLN CB     C N N 130 
GLN CG     C N N 131 
GLN CD     C N N 132 
GLN OE1    O N N 133 
GLN NE2    N N N 134 
GLN OXT    O N N 135 
GLN H      H N N 136 
GLN H2     H N N 137 
GLN HA     H N N 138 
GLN HB2    H N N 139 
GLN HB3    H N N 140 
GLN HG2    H N N 141 
GLN HG3    H N N 142 
GLN HE21   H N N 143 
GLN HE22   H N N 144 
GLN HXT    H N N 145 
GLU N      N N N 146 
GLU CA     C N S 147 
GLU C      C N N 148 
GLU O      O N N 149 
GLU CB     C N N 150 
GLU CG     C N N 151 
GLU CD     C N N 152 
GLU OE1    O N N 153 
GLU OE2    O N N 154 
GLU OXT    O N N 155 
GLU H      H N N 156 
GLU H2     H N N 157 
GLU HA     H N N 158 
GLU HB2    H N N 159 
GLU HB3    H N N 160 
GLU HG2    H N N 161 
GLU HG3    H N N 162 
GLU HE2    H N N 163 
GLU HXT    H N N 164 
GLY N      N N N 165 
GLY CA     C N N 166 
GLY C      C N N 167 
GLY O      O N N 168 
GLY OXT    O N N 169 
GLY H      H N N 170 
GLY H2     H N N 171 
GLY HA2    H N N 172 
GLY HA3    H N N 173 
GLY HXT    H N N 174 
HIS N      N N N 175 
HIS CA     C N S 176 
HIS C      C N N 177 
HIS O      O N N 178 
HIS CB     C N N 179 
HIS CG     C Y N 180 
HIS ND1    N Y N 181 
HIS CD2    C Y N 182 
HIS CE1    C Y N 183 
HIS NE2    N Y N 184 
HIS OXT    O N N 185 
HIS H      H N N 186 
HIS H2     H N N 187 
HIS HA     H N N 188 
HIS HB2    H N N 189 
HIS HB3    H N N 190 
HIS HD1    H N N 191 
HIS HD2    H N N 192 
HIS HE1    H N N 193 
HIS HE2    H N N 194 
HIS HXT    H N N 195 
HOH O      O N N 196 
HOH H1     H N N 197 
HOH H2     H N N 198 
ILE N      N N N 199 
ILE CA     C N S 200 
ILE C      C N N 201 
ILE O      O N N 202 
ILE CB     C N S 203 
ILE CG1    C N N 204 
ILE CG2    C N N 205 
ILE CD1    C N N 206 
ILE OXT    O N N 207 
ILE H      H N N 208 
ILE H2     H N N 209 
ILE HA     H N N 210 
ILE HB     H N N 211 
ILE HG12   H N N 212 
ILE HG13   H N N 213 
ILE HG21   H N N 214 
ILE HG22   H N N 215 
ILE HG23   H N N 216 
ILE HD11   H N N 217 
ILE HD12   H N N 218 
ILE HD13   H N N 219 
ILE HXT    H N N 220 
LEU N      N N N 221 
LEU CA     C N S 222 
LEU C      C N N 223 
LEU O      O N N 224 
LEU CB     C N N 225 
LEU CG     C N N 226 
LEU CD1    C N N 227 
LEU CD2    C N N 228 
LEU OXT    O N N 229 
LEU H      H N N 230 
LEU H2     H N N 231 
LEU HA     H N N 232 
LEU HB2    H N N 233 
LEU HB3    H N N 234 
LEU HG     H N N 235 
LEU HD11   H N N 236 
LEU HD12   H N N 237 
LEU HD13   H N N 238 
LEU HD21   H N N 239 
LEU HD22   H N N 240 
LEU HD23   H N N 241 
LEU HXT    H N N 242 
LYS N      N N N 243 
LYS CA     C N S 244 
LYS C      C N N 245 
LYS O      O N N 246 
LYS CB     C N N 247 
LYS CG     C N N 248 
LYS CD     C N N 249 
LYS CE     C N N 250 
LYS NZ     N N N 251 
LYS OXT    O N N 252 
LYS H      H N N 253 
LYS H2     H N N 254 
LYS HA     H N N 255 
LYS HB2    H N N 256 
LYS HB3    H N N 257 
LYS HG2    H N N 258 
LYS HG3    H N N 259 
LYS HD2    H N N 260 
LYS HD3    H N N 261 
LYS HE2    H N N 262 
LYS HE3    H N N 263 
LYS HZ1    H N N 264 
LYS HZ2    H N N 265 
LYS HZ3    H N N 266 
LYS HXT    H N N 267 
PHE N      N N N 268 
PHE CA     C N S 269 
PHE C      C N N 270 
PHE O      O N N 271 
PHE CB     C N N 272 
PHE CG     C Y N 273 
PHE CD1    C Y N 274 
PHE CD2    C Y N 275 
PHE CE1    C Y N 276 
PHE CE2    C Y N 277 
PHE CZ     C Y N 278 
PHE OXT    O N N 279 
PHE H      H N N 280 
PHE H2     H N N 281 
PHE HA     H N N 282 
PHE HB2    H N N 283 
PHE HB3    H N N 284 
PHE HD1    H N N 285 
PHE HD2    H N N 286 
PHE HE1    H N N 287 
PHE HE2    H N N 288 
PHE HZ     H N N 289 
PHE HXT    H N N 290 
PRO N      N N N 291 
PRO CA     C N S 292 
PRO C      C N N 293 
PRO O      O N N 294 
PRO CB     C N N 295 
PRO CG     C N N 296 
PRO CD     C N N 297 
PRO OXT    O N N 298 
PRO H      H N N 299 
PRO HA     H N N 300 
PRO HB2    H N N 301 
PRO HB3    H N N 302 
PRO HG2    H N N 303 
PRO HG3    H N N 304 
PRO HD2    H N N 305 
PRO HD3    H N N 306 
PRO HXT    H N N 307 
SER N      N N N 308 
SER CA     C N S 309 
SER C      C N N 310 
SER O      O N N 311 
SER CB     C N N 312 
SER OG     O N N 313 
SER OXT    O N N 314 
SER H      H N N 315 
SER H2     H N N 316 
SER HA     H N N 317 
SER HB2    H N N 318 
SER HB3    H N N 319 
SER HG     H N N 320 
SER HXT    H N N 321 
THR N      N N N 322 
THR CA     C N S 323 
THR C      C N N 324 
THR O      O N N 325 
THR CB     C N R 326 
THR OG1    O N N 327 
THR CG2    C N N 328 
THR OXT    O N N 329 
THR H      H N N 330 
THR H2     H N N 331 
THR HA     H N N 332 
THR HB     H N N 333 
THR HG1    H N N 334 
THR HG21   H N N 335 
THR HG22   H N N 336 
THR HG23   H N N 337 
THR HXT    H N N 338 
TRP N      N N N 339 
TRP CA     C N S 340 
TRP C      C N N 341 
TRP O      O N N 342 
TRP CB     C N N 343 
TRP CG     C Y N 344 
TRP CD1    C Y N 345 
TRP CD2    C Y N 346 
TRP NE1    N Y N 347 
TRP CE2    C Y N 348 
TRP CE3    C Y N 349 
TRP CZ2    C Y N 350 
TRP CZ3    C Y N 351 
TRP CH2    C Y N 352 
TRP OXT    O N N 353 
TRP H      H N N 354 
TRP H2     H N N 355 
TRP HA     H N N 356 
TRP HB2    H N N 357 
TRP HB3    H N N 358 
TRP HD1    H N N 359 
TRP HE1    H N N 360 
TRP HE3    H N N 361 
TRP HZ2    H N N 362 
TRP HZ3    H N N 363 
TRP HH2    H N N 364 
TRP HXT    H N N 365 
TYR N      N N N 366 
TYR CA     C N S 367 
TYR C      C N N 368 
TYR O      O N N 369 
TYR CB     C N N 370 
TYR CG     C Y N 371 
TYR CD1    C Y N 372 
TYR CD2    C Y N 373 
TYR CE1    C Y N 374 
TYR CE2    C Y N 375 
TYR CZ     C Y N 376 
TYR OH     O N N 377 
TYR OXT    O N N 378 
TYR H      H N N 379 
TYR H2     H N N 380 
TYR HA     H N N 381 
TYR HB2    H N N 382 
TYR HB3    H N N 383 
TYR HD1    H N N 384 
TYR HD2    H N N 385 
TYR HE1    H N N 386 
TYR HE2    H N N 387 
TYR HH     H N N 388 
TYR HXT    H N N 389 
VAL N      N N N 390 
VAL CA     C N S 391 
VAL C      C N N 392 
VAL O      O N N 393 
VAL CB     C N N 394 
VAL CG1    C N N 395 
VAL CG2    C N N 396 
VAL OXT    O N N 397 
VAL H      H N N 398 
VAL H2     H N N 399 
VAL HA     H N N 400 
VAL HB     H N N 401 
VAL HG11   H N N 402 
VAL HG12   H N N 403 
VAL HG13   H N N 404 
VAL HG21   H N N 405 
VAL HG22   H N N 406 
VAL HG23   H N N 407 
VAL HXT    H N N 408 
# 
loop_
_chem_comp_bond.comp_id 
_chem_comp_bond.atom_id_1 
_chem_comp_bond.atom_id_2 
_chem_comp_bond.value_order 
_chem_comp_bond.pdbx_aromatic_flag 
_chem_comp_bond.pdbx_stereo_config 
_chem_comp_bond.pdbx_ordinal 
ALA N     CA     sing N N 1   
ALA N     H      sing N N 2   
ALA N     H2     sing N N 3   
ALA CA    C      sing N N 4   
ALA CA    CB     sing N N 5   
ALA CA    HA     sing N N 6   
ALA C     O      doub N N 7   
ALA C     OXT    sing N N 8   
ALA CB    HB1    sing N N 9   
ALA CB    HB2    sing N N 10  
ALA CB    HB3    sing N N 11  
ALA OXT   HXT    sing N N 12  
ARG N     CA     sing N N 13  
ARG N     H      sing N N 14  
ARG N     H2     sing N N 15  
ARG CA    C      sing N N 16  
ARG CA    CB     sing N N 17  
ARG CA    HA     sing N N 18  
ARG C     O      doub N N 19  
ARG C     OXT    sing N N 20  
ARG CB    CG     sing N N 21  
ARG CB    HB2    sing N N 22  
ARG CB    HB3    sing N N 23  
ARG CG    CD     sing N N 24  
ARG CG    HG2    sing N N 25  
ARG CG    HG3    sing N N 26  
ARG CD    NE     sing N N 27  
ARG CD    HD2    sing N N 28  
ARG CD    HD3    sing N N 29  
ARG NE    CZ     sing N N 30  
ARG NE    HE     sing N N 31  
ARG CZ    NH1    sing N N 32  
ARG CZ    NH2    doub N N 33  
ARG NH1   HH11   sing N N 34  
ARG NH1   HH12   sing N N 35  
ARG NH2   HH21   sing N N 36  
ARG NH2   HH22   sing N N 37  
ARG OXT   HXT    sing N N 38  
ASN N     CA     sing N N 39  
ASN N     H      sing N N 40  
ASN N     H2     sing N N 41  
ASN CA    C      sing N N 42  
ASN CA    CB     sing N N 43  
ASN CA    HA     sing N N 44  
ASN C     O      doub N N 45  
ASN C     OXT    sing N N 46  
ASN CB    CG     sing N N 47  
ASN CB    HB2    sing N N 48  
ASN CB    HB3    sing N N 49  
ASN CG    OD1    doub N N 50  
ASN CG    ND2    sing N N 51  
ASN ND2   HD21   sing N N 52  
ASN ND2   HD22   sing N N 53  
ASN OXT   HXT    sing N N 54  
ASP N     CA     sing N N 55  
ASP N     H      sing N N 56  
ASP N     H2     sing N N 57  
ASP CA    C      sing N N 58  
ASP CA    CB     sing N N 59  
ASP CA    HA     sing N N 60  
ASP C     O      doub N N 61  
ASP C     OXT    sing N N 62  
ASP CB    CG     sing N N 63  
ASP CB    HB2    sing N N 64  
ASP CB    HB3    sing N N 65  
ASP CG    OD1    doub N N 66  
ASP CG    OD2    sing N N 67  
ASP OD2   HD2    sing N N 68  
ASP OXT   HXT    sing N N 69  
FMN N1    C2     sing N N 70  
FMN N1    C10    doub N N 71  
FMN C2    O2     doub N N 72  
FMN C2    N3     sing N N 73  
FMN N3    C4     sing N N 74  
FMN N3    HN3    sing N N 75  
FMN C4    O4     doub N N 76  
FMN C4    C4A    sing N N 77  
FMN C4A   N5     doub N N 78  
FMN C4A   C10    sing N N 79  
FMN N5    C5A    sing N N 80  
FMN C5A   C6     doub Y N 81  
FMN C5A   C9A    sing Y N 82  
FMN C6    C7     sing Y N 83  
FMN C6    H6     sing N N 84  
FMN C7    C7M    sing N N 85  
FMN C7    C8     doub Y N 86  
FMN C7M   HM71   sing N N 87  
FMN C7M   HM72   sing N N 88  
FMN C7M   HM73   sing N N 89  
FMN C8    C8M    sing N N 90  
FMN C8    C9     sing Y N 91  
FMN C8M   HM81   sing N N 92  
FMN C8M   HM82   sing N N 93  
FMN C8M   HM83   sing N N 94  
FMN C9    C9A    doub Y N 95  
FMN C9    H9     sing N N 96  
FMN C9A   N10    sing N N 97  
FMN N10   C10    sing N N 98  
FMN N10   "C1'"  sing N N 99  
FMN "C1'" "C2'"  sing N N 100 
FMN "C1'" "H1'1" sing N N 101 
FMN "C1'" "H1'2" sing N N 102 
FMN "C2'" "O2'"  sing N N 103 
FMN "C2'" "C3'"  sing N N 104 
FMN "C2'" "H2'"  sing N N 105 
FMN "O2'" "HO2'" sing N N 106 
FMN "C3'" "O3'"  sing N N 107 
FMN "C3'" "C4'"  sing N N 108 
FMN "C3'" "H3'"  sing N N 109 
FMN "O3'" "HO3'" sing N N 110 
FMN "C4'" "O4'"  sing N N 111 
FMN "C4'" "C5'"  sing N N 112 
FMN "C4'" "H4'"  sing N N 113 
FMN "O4'" "HO4'" sing N N 114 
FMN "C5'" "O5'"  sing N N 115 
FMN "C5'" "H5'1" sing N N 116 
FMN "C5'" "H5'2" sing N N 117 
FMN "O5'" P      sing N N 118 
FMN P     O1P    doub N N 119 
FMN P     O2P    sing N N 120 
FMN P     O3P    sing N N 121 
FMN O2P   HOP2   sing N N 122 
FMN O3P   HOP3   sing N N 123 
GLN N     CA     sing N N 124 
GLN N     H      sing N N 125 
GLN N     H2     sing N N 126 
GLN CA    C      sing N N 127 
GLN CA    CB     sing N N 128 
GLN CA    HA     sing N N 129 
GLN C     O      doub N N 130 
GLN C     OXT    sing N N 131 
GLN CB    CG     sing N N 132 
GLN CB    HB2    sing N N 133 
GLN CB    HB3    sing N N 134 
GLN CG    CD     sing N N 135 
GLN CG    HG2    sing N N 136 
GLN CG    HG3    sing N N 137 
GLN CD    OE1    doub N N 138 
GLN CD    NE2    sing N N 139 
GLN NE2   HE21   sing N N 140 
GLN NE2   HE22   sing N N 141 
GLN OXT   HXT    sing N N 142 
GLU N     CA     sing N N 143 
GLU N     H      sing N N 144 
GLU N     H2     sing N N 145 
GLU CA    C      sing N N 146 
GLU CA    CB     sing N N 147 
GLU CA    HA     sing N N 148 
GLU C     O      doub N N 149 
GLU C     OXT    sing N N 150 
GLU CB    CG     sing N N 151 
GLU CB    HB2    sing N N 152 
GLU CB    HB3    sing N N 153 
GLU CG    CD     sing N N 154 
GLU CG    HG2    sing N N 155 
GLU CG    HG3    sing N N 156 
GLU CD    OE1    doub N N 157 
GLU CD    OE2    sing N N 158 
GLU OE2   HE2    sing N N 159 
GLU OXT   HXT    sing N N 160 
GLY N     CA     sing N N 161 
GLY N     H      sing N N 162 
GLY N     H2     sing N N 163 
GLY CA    C      sing N N 164 
GLY CA    HA2    sing N N 165 
GLY CA    HA3    sing N N 166 
GLY C     O      doub N N 167 
GLY C     OXT    sing N N 168 
GLY OXT   HXT    sing N N 169 
HIS N     CA     sing N N 170 
HIS N     H      sing N N 171 
HIS N     H2     sing N N 172 
HIS CA    C      sing N N 173 
HIS CA    CB     sing N N 174 
HIS CA    HA     sing N N 175 
HIS C     O      doub N N 176 
HIS C     OXT    sing N N 177 
HIS CB    CG     sing N N 178 
HIS CB    HB2    sing N N 179 
HIS CB    HB3    sing N N 180 
HIS CG    ND1    sing Y N 181 
HIS CG    CD2    doub Y N 182 
HIS ND1   CE1    doub Y N 183 
HIS ND1   HD1    sing N N 184 
HIS CD2   NE2    sing Y N 185 
HIS CD2   HD2    sing N N 186 
HIS CE1   NE2    sing Y N 187 
HIS CE1   HE1    sing N N 188 
HIS NE2   HE2    sing N N 189 
HIS OXT   HXT    sing N N 190 
HOH O     H1     sing N N 191 
HOH O     H2     sing N N 192 
ILE N     CA     sing N N 193 
ILE N     H      sing N N 194 
ILE N     H2     sing N N 195 
ILE CA    C      sing N N 196 
ILE CA    CB     sing N N 197 
ILE CA    HA     sing N N 198 
ILE C     O      doub N N 199 
ILE C     OXT    sing N N 200 
ILE CB    CG1    sing N N 201 
ILE CB    CG2    sing N N 202 
ILE CB    HB     sing N N 203 
ILE CG1   CD1    sing N N 204 
ILE CG1   HG12   sing N N 205 
ILE CG1   HG13   sing N N 206 
ILE CG2   HG21   sing N N 207 
ILE CG2   HG22   sing N N 208 
ILE CG2   HG23   sing N N 209 
ILE CD1   HD11   sing N N 210 
ILE CD1   HD12   sing N N 211 
ILE CD1   HD13   sing N N 212 
ILE OXT   HXT    sing N N 213 
LEU N     CA     sing N N 214 
LEU N     H      sing N N 215 
LEU N     H2     sing N N 216 
LEU CA    C      sing N N 217 
LEU CA    CB     sing N N 218 
LEU CA    HA     sing N N 219 
LEU C     O      doub N N 220 
LEU C     OXT    sing N N 221 
LEU CB    CG     sing N N 222 
LEU CB    HB2    sing N N 223 
LEU CB    HB3    sing N N 224 
LEU CG    CD1    sing N N 225 
LEU CG    CD2    sing N N 226 
LEU CG    HG     sing N N 227 
LEU CD1   HD11   sing N N 228 
LEU CD1   HD12   sing N N 229 
LEU CD1   HD13   sing N N 230 
LEU CD2   HD21   sing N N 231 
LEU CD2   HD22   sing N N 232 
LEU CD2   HD23   sing N N 233 
LEU OXT   HXT    sing N N 234 
LYS N     CA     sing N N 235 
LYS N     H      sing N N 236 
LYS N     H2     sing N N 237 
LYS CA    C      sing N N 238 
LYS CA    CB     sing N N 239 
LYS CA    HA     sing N N 240 
LYS C     O      doub N N 241 
LYS C     OXT    sing N N 242 
LYS CB    CG     sing N N 243 
LYS CB    HB2    sing N N 244 
LYS CB    HB3    sing N N 245 
LYS CG    CD     sing N N 246 
LYS CG    HG2    sing N N 247 
LYS CG    HG3    sing N N 248 
LYS CD    CE     sing N N 249 
LYS CD    HD2    sing N N 250 
LYS CD    HD3    sing N N 251 
LYS CE    NZ     sing N N 252 
LYS CE    HE2    sing N N 253 
LYS CE    HE3    sing N N 254 
LYS NZ    HZ1    sing N N 255 
LYS NZ    HZ2    sing N N 256 
LYS NZ    HZ3    sing N N 257 
LYS OXT   HXT    sing N N 258 
PHE N     CA     sing N N 259 
PHE N     H      sing N N 260 
PHE N     H2     sing N N 261 
PHE CA    C      sing N N 262 
PHE CA    CB     sing N N 263 
PHE CA    HA     sing N N 264 
PHE C     O      doub N N 265 
PHE C     OXT    sing N N 266 
PHE CB    CG     sing N N 267 
PHE CB    HB2    sing N N 268 
PHE CB    HB3    sing N N 269 
PHE CG    CD1    doub Y N 270 
PHE CG    CD2    sing Y N 271 
PHE CD1   CE1    sing Y N 272 
PHE CD1   HD1    sing N N 273 
PHE CD2   CE2    doub Y N 274 
PHE CD2   HD2    sing N N 275 
PHE CE1   CZ     doub Y N 276 
PHE CE1   HE1    sing N N 277 
PHE CE2   CZ     sing Y N 278 
PHE CE2   HE2    sing N N 279 
PHE CZ    HZ     sing N N 280 
PHE OXT   HXT    sing N N 281 
PRO N     CA     sing N N 282 
PRO N     CD     sing N N 283 
PRO N     H      sing N N 284 
PRO CA    C      sing N N 285 
PRO CA    CB     sing N N 286 
PRO CA    HA     sing N N 287 
PRO C     O      doub N N 288 
PRO C     OXT    sing N N 289 
PRO CB    CG     sing N N 290 
PRO CB    HB2    sing N N 291 
PRO CB    HB3    sing N N 292 
PRO CG    CD     sing N N 293 
PRO CG    HG2    sing N N 294 
PRO CG    HG3    sing N N 295 
PRO CD    HD2    sing N N 296 
PRO CD    HD3    sing N N 297 
PRO OXT   HXT    sing N N 298 
SER N     CA     sing N N 299 
SER N     H      sing N N 300 
SER N     H2     sing N N 301 
SER CA    C      sing N N 302 
SER CA    CB     sing N N 303 
SER CA    HA     sing N N 304 
SER C     O      doub N N 305 
SER C     OXT    sing N N 306 
SER CB    OG     sing N N 307 
SER CB    HB2    sing N N 308 
SER CB    HB3    sing N N 309 
SER OG    HG     sing N N 310 
SER OXT   HXT    sing N N 311 
THR N     CA     sing N N 312 
THR N     H      sing N N 313 
THR N     H2     sing N N 314 
THR CA    C      sing N N 315 
THR CA    CB     sing N N 316 
THR CA    HA     sing N N 317 
THR C     O      doub N N 318 
THR C     OXT    sing N N 319 
THR CB    OG1    sing N N 320 
THR CB    CG2    sing N N 321 
THR CB    HB     sing N N 322 
THR OG1   HG1    sing N N 323 
THR CG2   HG21   sing N N 324 
THR CG2   HG22   sing N N 325 
THR CG2   HG23   sing N N 326 
THR OXT   HXT    sing N N 327 
TRP N     CA     sing N N 328 
TRP N     H      sing N N 329 
TRP N     H2     sing N N 330 
TRP CA    C      sing N N 331 
TRP CA    CB     sing N N 332 
TRP CA    HA     sing N N 333 
TRP C     O      doub N N 334 
TRP C     OXT    sing N N 335 
TRP CB    CG     sing N N 336 
TRP CB    HB2    sing N N 337 
TRP CB    HB3    sing N N 338 
TRP CG    CD1    doub Y N 339 
TRP CG    CD2    sing Y N 340 
TRP CD1   NE1    sing Y N 341 
TRP CD1   HD1    sing N N 342 
TRP CD2   CE2    doub Y N 343 
TRP CD2   CE3    sing Y N 344 
TRP NE1   CE2    sing Y N 345 
TRP NE1   HE1    sing N N 346 
TRP CE2   CZ2    sing Y N 347 
TRP CE3   CZ3    doub Y N 348 
TRP CE3   HE3    sing N N 349 
TRP CZ2   CH2    doub Y N 350 
TRP CZ2   HZ2    sing N N 351 
TRP CZ3   CH2    sing Y N 352 
TRP CZ3   HZ3    sing N N 353 
TRP CH2   HH2    sing N N 354 
TRP OXT   HXT    sing N N 355 
TYR N     CA     sing N N 356 
TYR N     H      sing N N 357 
TYR N     H2     sing N N 358 
TYR CA    C      sing N N 359 
TYR CA    CB     sing N N 360 
TYR CA    HA     sing N N 361 
TYR C     O      doub N N 362 
TYR C     OXT    sing N N 363 
TYR CB    CG     sing N N 364 
TYR CB    HB2    sing N N 365 
TYR CB    HB3    sing N N 366 
TYR CG    CD1    doub Y N 367 
TYR CG    CD2    sing Y N 368 
TYR CD1   CE1    sing Y N 369 
TYR CD1   HD1    sing N N 370 
TYR CD2   CE2    doub Y N 371 
TYR CD2   HD2    sing N N 372 
TYR CE1   CZ     doub Y N 373 
TYR CE1   HE1    sing N N 374 
TYR CE2   CZ     sing Y N 375 
TYR CE2   HE2    sing N N 376 
TYR CZ    OH     sing N N 377 
TYR OH    HH     sing N N 378 
TYR OXT   HXT    sing N N 379 
VAL N     CA     sing N N 380 
VAL N     H      sing N N 381 
VAL N     H2     sing N N 382 
VAL CA    C      sing N N 383 
VAL CA    CB     sing N N 384 
VAL CA    HA     sing N N 385 
VAL C     O      doub N N 386 
VAL C     OXT    sing N N 387 
VAL CB    CG1    sing N N 388 
VAL CB    CG2    sing N N 389 
VAL CB    HB     sing N N 390 
VAL CG1   HG11   sing N N 391 
VAL CG1   HG12   sing N N 392 
VAL CG1   HG13   sing N N 393 
VAL CG2   HG21   sing N N 394 
VAL CG2   HG22   sing N N 395 
VAL CG2   HG23   sing N N 396 
VAL OXT   HXT    sing N N 397 
# 
_atom_sites.entry_id                    1FUE 
_atom_sites.fract_transf_matrix[1][1]   0.00121391 
_atom_sites.fract_transf_matrix[1][2]   -0.03054917 
_atom_sites.fract_transf_matrix[1][3]   -0.01064681 
_atom_sites.fract_transf_matrix[2][1]   0.02014621 
_atom_sites.fract_transf_matrix[2][2]   -0.00141959 
_atom_sites.fract_transf_matrix[2][3]   0.00637026 
_atom_sites.fract_transf_matrix[3][1]   -0.00623466 
_atom_sites.fract_transf_matrix[3][2]   -0.00915625 
_atom_sites.fract_transf_matrix[3][3]   0.01767692 
_atom_sites.fract_transf_vector[1]      -1.257222 
_atom_sites.fract_transf_vector[2]      -0.245620 
_atom_sites.fract_transf_vector[3]      -0.736850 
# 
loop_
_atom_type.symbol 
C 
N 
O 
P 
# 
loop_
_atom_site.group_PDB 
_atom_site.id 
_atom_site.type_symbol 
_atom_site.label_atom_id 
_atom_site.label_alt_id 
_atom_site.label_comp_id 
_atom_site.label_asym_id 
_atom_site.label_entity_id 
_atom_site.label_seq_id 
_atom_site.pdbx_PDB_ins_code 
_atom_site.Cartn_x 
_atom_site.Cartn_y 
_atom_site.Cartn_z 
_atom_site.occupancy 
_atom_site.B_iso_or_equiv 
_atom_site.pdbx_formal_charge 
_atom_site.auth_seq_id 
_atom_site.auth_comp_id 
_atom_site.auth_asym_id 
_atom_site.auth_atom_id 
_atom_site.pdbx_PDB_model_num 
ATOM   1    N N     . GLY A 1 1   ? 13.202  -8.395  8.828   1.00 59.66  ? 2   GLY A N     1 
ATOM   2    C CA    . GLY A 1 1   ? 12.813  -8.280  10.252  1.00 58.69  ? 2   GLY A CA    1 
ATOM   3    C C     . GLY A 1 1   ? 12.236  -6.924  10.615  1.00 55.35  ? 2   GLY A C     1 
ATOM   4    O O     . GLY A 1 1   ? 11.033  -6.796  10.837  1.00 55.25  ? 2   GLY A O     1 
ATOM   5    N N     . LYS A 1 2   ? 13.083  -5.903  10.662  1.00 51.81  ? 3   LYS A N     1 
ATOM   6    C CA    . LYS A 1 2   ? 12.647  -4.567  11.038  1.00 47.26  ? 3   LYS A CA    1 
ATOM   7    C C     . LYS A 1 2   ? 11.519  -3.920  10.215  1.00 42.27  ? 3   LYS A C     1 
ATOM   8    O O     . LYS A 1 2   ? 10.674  -3.230  10.778  1.00 45.42  ? 3   LYS A O     1 
ATOM   9    C CB    . LYS A 1 2   ? 13.863  -3.648  11.083  1.00 43.30  ? 3   LYS A CB    1 
ATOM   10   C CG    . LYS A 1 2   ? 14.843  -4.032  12.164  1.00 48.22  ? 3   LYS A CG    1 
ATOM   11   C CD    . LYS A 1 2   ? 16.057  -3.120  12.142  1.00 47.59  ? 3   LYS A CD    1 
ATOM   12   C CE    . LYS A 1 2   ? 17.205  -3.718  12.945  1.00 55.71  ? 3   LYS A CE    1 
ATOM   13   N NZ    . LYS A 1 2   ? 18.429  -2.864  12.931  1.00 52.69  ? 3   LYS A NZ    1 
ATOM   14   N N     . ILE A 1 3   ? 11.503  -4.129  8.900   1.00 36.08  ? 4   ILE A N     1 
ATOM   15   C CA    . ILE A 1 3   ? 10.464  -3.555  8.041   1.00 28.56  ? 4   ILE A CA    1 
ATOM   16   C C     . ILE A 1 3   ? 9.128   -4.289  8.191   1.00 25.64  ? 4   ILE A C     1 
ATOM   17   O O     . ILE A 1 3   ? 8.998   -5.436  7.781   1.00 28.96  ? 4   ILE A O     1 
ATOM   18   C CB    . ILE A 1 3   ? 10.875  -3.613  6.548   1.00 30.87  ? 4   ILE A CB    1 
ATOM   19   C CG1   . ILE A 1 3   ? 12.091  -2.722  6.297   1.00 27.72  ? 4   ILE A CG1   1 
ATOM   20   C CG2   . ILE A 1 3   ? 9.716   -3.166  5.659   1.00 27.32  ? 4   ILE A CG2   1 
ATOM   21   C CD1   . ILE A 1 3   ? 12.552  -2.735  4.847   1.00 27.80  ? 4   ILE A CD1   1 
ATOM   22   N N     . GLY A 1 4   ? 8.138   -3.633  8.777   1.00 24.39  ? 5   GLY A N     1 
ATOM   23   C CA    . GLY A 1 4   ? 6.839   -4.265  8.936   1.00 24.03  ? 5   GLY A CA    1 
ATOM   24   C C     . GLY A 1 4   ? 5.974   -4.044  7.702   1.00 24.96  ? 5   GLY A C     1 
ATOM   25   O O     . GLY A 1 4   ? 5.644   -2.911  7.371   1.00 26.30  ? 5   GLY A O     1 
ATOM   26   N N     . ILE A 1 5   ? 5.616   -5.127  7.016   1.00 23.47  ? 6   ILE A N     1 
ATOM   27   C CA    . ILE A 1 5   ? 4.786   -5.074  5.808   1.00 13.17  ? 6   ILE A CA    1 
ATOM   28   C C     . ILE A 1 5   ? 3.400   -5.593  6.163   1.00 14.71  ? 6   ILE A C     1 
ATOM   29   O O     . ILE A 1 5   ? 3.187   -6.804  6.228   1.00 12.71  ? 6   ILE A O     1 
ATOM   30   C CB    . ILE A 1 5   ? 5.391   -5.959  4.687   1.00 12.13  ? 6   ILE A CB    1 
ATOM   31   C CG1   . ILE A 1 5   ? 6.766   -5.409  4.292   1.00 18.50  ? 6   ILE A CG1   1 
ATOM   32   C CG2   . ILE A 1 5   ? 4.466   -6.000  3.473   1.00 14.83  ? 6   ILE A CG2   1 
ATOM   33   C CD1   . ILE A 1 5   ? 7.481   -6.215  3.211   1.00 15.16  ? 6   ILE A CD1   1 
ATOM   34   N N     . PHE A 1 6   ? 2.472   -4.665  6.405   1.00 17.83  ? 7   PHE A N     1 
ATOM   35   C CA    . PHE A 1 6   ? 1.092   -4.987  6.772   1.00 13.65  ? 7   PHE A CA    1 
ATOM   36   C C     . PHE A 1 6   ? 0.179   -5.035  5.555   1.00 16.48  ? 7   PHE A C     1 
ATOM   37   O O     . PHE A 1 6   ? 0.151   -4.099  4.757   1.00 21.60  ? 7   PHE A O     1 
ATOM   38   C CB    . PHE A 1 6   ? 0.556   -3.946  7.766   1.00 13.96  ? 7   PHE A CB    1 
ATOM   39   C CG    . PHE A 1 6   ? 1.322   -3.895  9.062   1.00 26.50  ? 7   PHE A CG    1 
ATOM   40   C CD1   . PHE A 1 6   ? 2.621   -3.378  9.100   1.00 23.21  ? 7   PHE A CD1   1 
ATOM   41   C CD2   . PHE A 1 6   ? 0.779   -4.434  10.231  1.00 19.10  ? 7   PHE A CD2   1 
ATOM   42   C CE1   . PHE A 1 6   ? 3.365   -3.407  10.272  1.00 24.45  ? 7   PHE A CE1   1 
ATOM   43   C CE2   . PHE A 1 6   ? 1.512   -4.468  11.407  1.00 25.31  ? 7   PHE A CE2   1 
ATOM   44   C CZ    . PHE A 1 6   ? 2.815   -3.955  11.431  1.00 24.18  ? 7   PHE A CZ    1 
ATOM   45   N N     . PHE A 1 7   ? -0.575  -6.124  5.423   1.00 17.10  ? 8   PHE A N     1 
ATOM   46   C CA    . PHE A 1 7   ? -1.501  -6.293  4.304   1.00 12.28  ? 8   PHE A CA    1 
ATOM   47   C C     . PHE A 1 7   ? -2.862  -6.767  4.798   1.00 16.57  ? 8   PHE A C     1 
ATOM   48   O O     . PHE A 1 7   ? -3.007  -7.272  5.922   1.00 15.81  ? 8   PHE A O     1 
ATOM   49   C CB    . PHE A 1 7   ? -0.960  -7.317  3.302   1.00 12.98  ? 8   PHE A CB    1 
ATOM   50   C CG    . PHE A 1 7   ? -1.178  -8.744  3.720   1.00 19.26  ? 8   PHE A CG    1 
ATOM   51   C CD1   . PHE A 1 7   ? -2.304  -9.445  3.293   1.00 23.12  ? 8   PHE A CD1   1 
ATOM   52   C CD2   . PHE A 1 7   ? -0.298  -9.366  4.602   1.00 20.34  ? 8   PHE A CD2   1 
ATOM   53   C CE1   . PHE A 1 7   ? -2.553  -10.749 3.748   1.00 24.85  ? 8   PHE A CE1   1 
ATOM   54   C CE2   . PHE A 1 7   ? -0.538  -10.665 5.061   1.00 21.62  ? 8   PHE A CE2   1 
ATOM   55   C CZ    . PHE A 1 7   ? -1.664  -11.356 4.636   1.00 17.64  ? 8   PHE A CZ    1 
ATOM   56   N N     . GLY A 1 8   ? -3.854  -6.604  3.935   1.00 11.44  ? 9   GLY A N     1 
ATOM   57   C CA    . GLY A 1 8   ? -5.198  -7.045  4.247   1.00 17.54  ? 9   GLY A CA    1 
ATOM   58   C C     . GLY A 1 8   ? -5.733  -7.612  2.952   1.00 20.26  ? 9   GLY A C     1 
ATOM   59   O O     . GLY A 1 8   ? -5.532  -7.005  1.906   1.00 23.10  ? 9   GLY A O     1 
ATOM   60   N N     . THR A 1 9   ? -6.404  -8.754  2.991   1.00 20.26  ? 10  THR A N     1 
ATOM   61   C CA    . THR A 1 9   ? -6.906  -9.325  1.746   1.00 24.40  ? 10  THR A CA    1 
ATOM   62   C C     . THR A 1 9   ? -8.184  -10.146 1.872   1.00 30.00  ? 10  THR A C     1 
ATOM   63   O O     . THR A 1 9   ? -8.540  -10.626 2.949   1.00 23.28  ? 10  THR A O     1 
ATOM   64   C CB    . THR A 1 9   ? -5.847  -10.242 1.093   1.00 23.92  ? 10  THR A CB    1 
ATOM   65   O OG1   . THR A 1 9   ? -6.320  -10.695 -0.179  1.00 22.93  ? 10  THR A OG1   1 
ATOM   66   C CG2   . THR A 1 9   ? -5.580  -11.466 1.970   1.00 19.98  ? 10  THR A CG2   1 
ATOM   67   N N     . ASP A 1 10  ? -8.863  -10.301 0.742   1.00 32.08  ? 11  ASP A N     1 
ATOM   68   C CA    . ASP A 1 10  ? -10.071 -11.098 0.677   1.00 36.51  ? 11  ASP A CA    1 
ATOM   69   C C     . ASP A 1 10  ? -9.812  -12.308 -0.213  1.00 35.68  ? 11  ASP A C     1 
ATOM   70   O O     . ASP A 1 10  ? -10.048 -13.437 0.205   1.00 39.52  ? 11  ASP A O     1 
ATOM   71   C CB    . ASP A 1 10  ? -11.244 -10.282 0.132   1.00 33.04  ? 11  ASP A CB    1 
ATOM   72   C CG    . ASP A 1 10  ? -11.788 -9.303  1.147   1.00 34.76  ? 11  ASP A CG    1 
ATOM   73   O OD1   . ASP A 1 10  ? -11.758 -9.619  2.357   1.00 34.67  ? 11  ASP A OD1   1 
ATOM   74   O OD2   . ASP A 1 10  ? -12.263 -8.227  0.739   1.00 29.35  ? 11  ASP A OD2   1 
ATOM   75   N N     . SER A 1 11  ? -9.318  -12.075 -1.431  1.00 35.70  ? 12  SER A N     1 
ATOM   76   C CA    . SER A 1 11  ? -9.027  -13.173 -2.363  1.00 33.68  ? 12  SER A CA    1 
ATOM   77   C C     . SER A 1 11  ? -7.644  -13.751 -2.095  1.00 33.83  ? 12  SER A C     1 
ATOM   78   O O     . SER A 1 11  ? -7.468  -14.967 -2.038  1.00 43.20  ? 12  SER A O     1 
ATOM   79   C CB    . SER A 1 11  ? -9.084  -12.698 -3.813  1.00 34.15  ? 12  SER A CB    1 
ATOM   80   O OG    . SER A 1 11  ? -10.271 -11.990 -4.079  1.00 34.59  ? 12  SER A OG    1 
ATOM   81   N N     . GLY A 1 12  ? -6.658  -12.878 -1.940  1.00 29.47  ? 13  GLY A N     1 
ATOM   82   C CA    . GLY A 1 12  ? -5.319  -13.353 -1.673  1.00 23.14  ? 13  GLY A CA    1 
ATOM   83   C C     . GLY A 1 12  ? -4.272  -12.582 -2.440  1.00 22.54  ? 13  GLY A C     1 
ATOM   84   O O     . GLY A 1 12  ? -3.082  -12.721 -2.175  1.00 21.65  ? 13  GLY A O     1 
ATOM   85   N N     . ASN A 1 13  ? -4.708  -11.767 -3.390  1.00 19.34  ? 14  ASN A N     1 
ATOM   86   C CA    . ASN A 1 13  ? -3.775  -10.980 -4.182  1.00 19.08  ? 14  ASN A CA    1 
ATOM   87   C C     . ASN A 1 13  ? -2.849  -10.148 -3.303  1.00 23.75  ? 14  ASN A C     1 
ATOM   88   O O     . ASN A 1 13  ? -1.622  -10.225 -3.440  1.00 23.60  ? 14  ASN A O     1 
ATOM   89   C CB    . ASN A 1 13  ? -4.533  -10.059 -5.139  1.00 23.33  ? 14  ASN A CB    1 
ATOM   90   C CG    . ASN A 1 13  ? -5.246  -10.822 -6.244  1.00 29.02  ? 14  ASN A CG    1 
ATOM   91   O OD1   . ASN A 1 13  ? -6.216  -10.332 -6.823  1.00 29.46  ? 14  ASN A OD1   1 
ATOM   92   N ND2   . ASN A 1 13  ? -4.762  -12.024 -6.547  1.00 31.91  ? 14  ASN A ND2   1 
ATOM   93   N N     . ALA A 1 14  ? -3.426  -9.363  -2.395  1.00 20.16  ? 15  ALA A N     1 
ATOM   94   C CA    . ALA A 1 14  ? -2.610  -8.523  -1.528  1.00 20.66  ? 15  ALA A CA    1 
ATOM   95   C C     . ALA A 1 14  ? -1.558  -9.339  -0.787  1.00 21.34  ? 15  ALA A C     1 
ATOM   96   O O     . ALA A 1 14  ? -0.399  -8.959  -0.740  1.00 18.35  ? 15  ALA A O     1 
ATOM   97   C CB    . ALA A 1 14  ? -3.485  -7.772  -0.533  1.00 15.52  ? 15  ALA A CB    1 
ATOM   98   N N     . GLU A 1 15  ? -1.973  -10.456 -0.202  1.00 23.16  ? 16  GLU A N     1 
ATOM   99   C CA    . GLU A 1 15  ? -1.059  -11.306 0.545   1.00 22.21  ? 16  GLU A CA    1 
ATOM   100  C C     . GLU A 1 15  ? 0.103   -11.719 -0.335  1.00 22.89  ? 16  GLU A C     1 
ATOM   101  O O     . GLU A 1 15  ? 1.259   -11.685 0.080   1.00 25.94  ? 16  GLU A O     1 
ATOM   102  C CB    . GLU A 1 15  ? -1.782  -12.559 1.049   1.00 21.02  ? 16  GLU A CB    1 
ATOM   103  C CG    . GLU A 1 15  ? -0.897  -13.495 1.861   1.00 21.71  ? 16  GLU A CG    1 
ATOM   104  C CD    . GLU A 1 15  ? -1.668  -14.660 2.460   1.00 32.33  ? 16  GLU A CD    1 
ATOM   105  O OE1   . GLU A 1 15  ? -2.712  -14.416 3.106   1.00 35.11  ? 16  GLU A OE1   1 
ATOM   106  O OE2   . GLU A 1 15  ? -1.229  -15.819 2.299   1.00 33.01  ? 16  GLU A OE2   1 
ATOM   107  N N     . ALA A 1 16  ? -0.209  -12.116 -1.558  1.00 20.42  ? 17  ALA A N     1 
ATOM   108  C CA    . ALA A 1 16  ? 0.821   -12.549 -2.482  1.00 20.71  ? 17  ALA A CA    1 
ATOM   109  C C     . ALA A 1 16  ? 1.762   -11.386 -2.829  1.00 17.88  ? 17  ALA A C     1 
ATOM   110  O O     . ALA A 1 16  ? 2.965   -11.583 -2.941  1.00 16.51  ? 17  ALA A O     1 
ATOM   111  C CB    . ALA A 1 16  ? 0.172   -13.128 -3.735  1.00 19.56  ? 17  ALA A CB    1 
ATOM   112  N N     . ILE A 1 17  ? 1.212   -10.182 -2.983  1.00 16.15  ? 18  ILE A N     1 
ATOM   113  C CA    . ILE A 1 17  ? 2.011   -8.996  -3.298  1.00 17.68  ? 18  ILE A CA    1 
ATOM   114  C C     . ILE A 1 17  ? 2.942   -8.665  -2.127  1.00 22.92  ? 18  ILE A C     1 
ATOM   115  O O     . ILE A 1 17  ? 4.140   -8.418  -2.314  1.00 25.86  ? 18  ILE A O     1 
ATOM   116  C CB    . ILE A 1 17  ? 1.112   -7.751  -3.563  1.00 22.41  ? 18  ILE A CB    1 
ATOM   117  C CG1   . ILE A 1 17  ? 0.170   -8.009  -4.746  1.00 22.49  ? 18  ILE A CG1   1 
ATOM   118  C CG2   . ILE A 1 17  ? 1.979   -6.520  -3.810  1.00 18.34  ? 18  ILE A CG2   1 
ATOM   119  C CD1   . ILE A 1 17  ? 0.864   -8.412  -6.040  1.00 17.81  ? 18  ILE A CD1   1 
ATOM   120  N N     . ALA A 1 18  ? 2.381   -8.656  -0.920  1.00 20.58  ? 19  ALA A N     1 
ATOM   121  C CA    . ALA A 1 18  ? 3.145   -8.363  0.287   1.00 21.39  ? 19  ALA A CA    1 
ATOM   122  C C     . ALA A 1 18  ? 4.340   -9.282  0.378   1.00 19.20  ? 19  ALA A C     1 
ATOM   123  O O     . ALA A 1 18  ? 5.420   -8.857  0.772   1.00 20.76  ? 19  ALA A O     1 
ATOM   124  C CB    . ALA A 1 18  ? 2.281   -8.541  1.515   1.00 17.42  ? 19  ALA A CB    1 
ATOM   125  N N     . GLU A 1 19  ? 4.129   -10.543 0.009   1.00 22.18  ? 20  GLU A N     1 
ATOM   126  C CA    . GLU A 1 19  ? 5.171   -11.568 0.042   1.00 24.01  ? 20  GLU A CA    1 
ATOM   127  C C     . GLU A 1 19  ? 6.264   -11.319 -0.983  1.00 26.65  ? 20  GLU A C     1 
ATOM   128  O O     . GLU A 1 19  ? 7.441   -11.568 -0.736  1.00 24.60  ? 20  GLU A O     1 
ATOM   129  C CB    . GLU A 1 19  ? 4.567   -12.940 -0.233  1.00 15.15  ? 20  GLU A CB    1 
ATOM   130  C CG    . GLU A 1 19  ? 3.660   -13.472 0.859   1.00 20.45  ? 20  GLU A CG    1 
ATOM   131  C CD    . GLU A 1 19  ? 4.410   -13.837 2.114   1.00 19.08  ? 20  GLU A CD    1 
ATOM   132  O OE1   . GLU A 1 19  ? 3.771   -14.342 3.059   1.00 24.47  ? 20  GLU A OE1   1 
ATOM   133  O OE2   . GLU A 1 19  ? 5.634   -13.618 2.157   1.00 21.63  ? 20  GLU A OE2   1 
ATOM   134  N N     . LYS A 1 20  ? 5.855   -10.841 -2.144  1.00 27.56  ? 21  LYS A N     1 
ATOM   135  C CA    . LYS A 1 20  ? 6.783   -10.567 -3.217  1.00 32.83  ? 21  LYS A CA    1 
ATOM   136  C C     . LYS A 1 20  ? 7.643   -9.362  -2.853  1.00 31.39  ? 21  LYS A C     1 
ATOM   137  O O     . LYS A 1 20  ? 8.821   -9.299  -3.205  1.00 32.10  ? 21  LYS A O     1 
ATOM   138  C CB    . LYS A 1 20  ? 6.001   -10.310 -4.507  1.00 38.30  ? 21  LYS A CB    1 
ATOM   139  C CG    . LYS A 1 20  ? 6.823   -10.429 -5.761  1.00 46.56  ? 21  LYS A CG    1 
ATOM   140  C CD    . LYS A 1 20  ? 5.933   -10.430 -6.991  1.00 53.58  ? 21  LYS A CD    1 
ATOM   141  C CE    . LYS A 1 20  ? 4.925   -11.566 -6.934  1.00 48.39  ? 21  LYS A CE    1 
ATOM   142  N NZ    . LYS A 1 20  ? 4.265   -11.773 -8.244  1.00 48.71  ? 21  LYS A NZ    1 
ATOM   143  N N     . ILE A 1 21  ? 7.061   -8.409  -2.137  1.00 25.51  ? 22  ILE A N     1 
ATOM   144  C CA    . ILE A 1 21  ? 7.818   -7.236  -1.742  1.00 24.18  ? 22  ILE A CA    1 
ATOM   145  C C     . ILE A 1 21  ? 8.833   -7.620  -0.672  1.00 27.07  ? 22  ILE A C     1 
ATOM   146  O O     . ILE A 1 21  ? 10.000  -7.233  -0.739  1.00 29.21  ? 22  ILE A O     1 
ATOM   147  C CB    . ILE A 1 21  ? 6.895   -6.128  -1.220  1.00 26.93  ? 22  ILE A CB    1 
ATOM   148  C CG1   . ILE A 1 21  ? 6.074   -5.559  -2.380  1.00 24.12  ? 22  ILE A CG1   1 
ATOM   149  C CG2   . ILE A 1 21  ? 7.712   -5.032  -0.567  1.00 22.36  ? 22  ILE A CG2   1 
ATOM   150  C CD1   . ILE A 1 21  ? 5.115   -4.475  -1.962  1.00 24.22  ? 22  ILE A CD1   1 
ATOM   151  N N     . SER A 1 22  ? 8.390   -8.394  0.308   1.00 23.92  ? 23  SER A N     1 
ATOM   152  C CA    . SER A 1 22  ? 9.277   -8.835  1.363   1.00 25.75  ? 23  SER A CA    1 
ATOM   153  C C     . SER A 1 22  ? 10.566  -9.415  0.781   1.00 28.85  ? 23  SER A C     1 
ATOM   154  O O     . SER A 1 22  ? 11.667  -8.980  1.134   1.00 29.34  ? 23  SER A O     1 
ATOM   155  C CB    . SER A 1 22  ? 8.605   -9.905  2.219   1.00 25.34  ? 23  SER A CB    1 
ATOM   156  O OG    . SER A 1 22  ? 9.479   -10.306 3.262   1.00 30.17  ? 23  SER A OG    1 
ATOM   157  N N     . LYS A 1 23  ? 10.417  -10.395 -0.108  1.00 23.53  ? 24  LYS A N     1 
ATOM   158  C CA    . LYS A 1 23  ? 11.561  -11.057 -0.729  1.00 30.99  ? 24  LYS A CA    1 
ATOM   159  C C     . LYS A 1 23  ? 12.439  -10.094 -1.507  1.00 30.62  ? 24  LYS A C     1 
ATOM   160  O O     . LYS A 1 23  ? 13.653  -10.236 -1.525  1.00 30.01  ? 24  LYS A O     1 
ATOM   161  C CB    . LYS A 1 23  ? 11.098  -12.173 -1.678  1.00 35.51  ? 24  LYS A CB    1 
ATOM   162  C CG    . LYS A 1 23  ? 10.348  -13.316 -1.006  1.00 42.77  ? 24  LYS A CG    1 
ATOM   163  C CD    . LYS A 1 23  ? 11.206  -14.012 0.040   1.00 50.70  ? 24  LYS A CD    1 
ATOM   164  C CE    . LYS A 1 23  ? 10.414  -15.091 0.770   1.00 55.78  ? 24  LYS A CE    1 
ATOM   165  N NZ    . LYS A 1 23  ? 11.258  -15.885 1.702   1.00 54.70  ? 24  LYS A NZ    1 
ATOM   166  N N     . ALA A 1 24  ? 11.814  -9.114  -2.145  1.00 33.51  ? 25  ALA A N     1 
ATOM   167  C CA    . ALA A 1 24  ? 12.542  -8.149  -2.951  1.00 36.58  ? 25  ALA A CA    1 
ATOM   168  C C     . ALA A 1 24  ? 13.226  -7.049  -2.140  1.00 38.11  ? 25  ALA A C     1 
ATOM   169  O O     . ALA A 1 24  ? 14.220  -6.472  -2.584  1.00 40.53  ? 25  ALA A O     1 
ATOM   170  C CB    . ALA A 1 24  ? 11.598  -7.529  -3.985  1.00 31.96  ? 25  ALA A CB    1 
ATOM   171  N N     . ILE A 1 25  ? 12.704  -6.760  -0.952  1.00 36.44  ? 26  ILE A N     1 
ATOM   172  C CA    . ILE A 1 25  ? 13.274  -5.705  -0.118  1.00 33.64  ? 26  ILE A CA    1 
ATOM   173  C C     . ILE A 1 25  ? 14.147  -6.279  0.979   1.00 31.50  ? 26  ILE A C     1 
ATOM   174  O O     . ILE A 1 25  ? 15.057  -5.616  1.476   1.00 34.71  ? 26  ILE A O     1 
ATOM   175  C CB    . ILE A 1 25  ? 12.169  -4.857  0.540   1.00 30.51  ? 26  ILE A CB    1 
ATOM   176  C CG1   . ILE A 1 25  ? 12.779  -3.620  1.196   1.00 27.23  ? 26  ILE A CG1   1 
ATOM   177  C CG2   . ILE A 1 25  ? 11.415  -5.692  1.560   1.00 25.61  ? 26  ILE A CG2   1 
ATOM   178  C CD1   . ILE A 1 25  ? 13.353  -2.633  0.210   1.00 33.67  ? 26  ILE A CD1   1 
ATOM   179  N N     . GLY A 1 26  ? 13.847  -7.512  1.364   1.00 30.98  ? 27  GLY A N     1 
ATOM   180  C CA    . GLY A 1 26  ? 14.614  -8.172  2.404   1.00 28.13  ? 27  GLY A CA    1 
ATOM   181  C C     . GLY A 1 26  ? 14.438  -7.551  3.769   1.00 27.61  ? 27  GLY A C     1 
ATOM   182  O O     . GLY A 1 26  ? 13.825  -6.497  3.915   1.00 21.49  ? 27  GLY A O     1 
ATOM   183  N N     . ASN A 1 27  ? 14.979  -8.217  4.782   1.00 33.20  ? 28  ASN A N     1 
ATOM   184  C CA    . ASN A 1 27  ? 14.886  -7.723  6.147   1.00 33.87  ? 28  ASN A CA    1 
ATOM   185  C C     . ASN A 1 27  ? 13.470  -7.236  6.419   1.00 33.08  ? 28  ASN A C     1 
ATOM   186  O O     . ASN A 1 27  ? 13.270  -6.080  6.800   1.00 34.44  ? 28  ASN A O     1 
ATOM   187  C CB    . ASN A 1 27  ? 15.859  -6.561  6.342   1.00 38.97  ? 28  ASN A CB    1 
ATOM   188  C CG    . ASN A 1 27  ? 15.846  -6.022  7.758   1.00 44.86  ? 28  ASN A CG    1 
ATOM   189  O OD1   . ASN A 1 27  ? 16.094  -4.834  7.984   1.00 48.26  ? 28  ASN A OD1   1 
ATOM   190  N ND2   . ASN A 1 27  ? 15.570  -6.894  8.724   1.00 45.82  ? 28  ASN A ND2   1 
ATOM   191  N N     . ALA A 1 28  ? 12.488  -8.112  6.232   1.00 28.62  ? 29  ALA A N     1 
ATOM   192  C CA    . ALA A 1 28  ? 11.103  -7.717  6.453   1.00 26.50  ? 29  ALA A CA    1 
ATOM   193  C C     . ALA A 1 28  ? 10.219  -8.802  7.066   1.00 28.00  ? 29  ALA A C     1 
ATOM   194  O O     . ALA A 1 28  ? 10.506  -9.993  6.972   1.00 33.74  ? 29  ALA A O     1 
ATOM   195  C CB    . ALA A 1 28  ? 10.502  -7.234  5.140   1.00 30.54  ? 29  ALA A CB    1 
ATOM   196  N N     . GLU A 1 29  ? 9.133   -8.368  7.692   1.00 27.09  ? 30  GLU A N     1 
ATOM   197  C CA    . GLU A 1 29  ? 8.177   -9.265  8.323   1.00 27.79  ? 30  GLU A CA    1 
ATOM   198  C C     . GLU A 1 29  ? 6.772   -8.968  7.775   1.00 30.50  ? 30  GLU A C     1 
ATOM   199  O O     . GLU A 1 29  ? 6.288   -7.838  7.863   1.00 29.22  ? 30  GLU A O     1 
ATOM   200  C CB    . GLU A 1 29  ? 8.212   -9.048  9.838   1.00 28.50  ? 30  GLU A CB    1 
ATOM   201  C CG    . GLU A 1 29  ? 7.235   -9.884  10.652  1.00 32.26  ? 30  GLU A CG    1 
ATOM   202  C CD    . GLU A 1 29  ? 7.271   -9.510  12.129  1.00 40.06  ? 30  GLU A CD    1 
ATOM   203  O OE1   . GLU A 1 29  ? 6.504   -10.090 12.930  1.00 37.98  ? 30  GLU A OE1   1 
ATOM   204  O OE2   . GLU A 1 29  ? 8.079   -8.627  12.488  1.00 40.97  ? 30  GLU A OE2   1 
ATOM   205  N N     . VAL A 1 30  ? 6.126   -9.978  7.197   1.00 27.92  ? 31  VAL A N     1 
ATOM   206  C CA    . VAL A 1 30  ? 4.786   -9.799  6.650   1.00 24.81  ? 31  VAL A CA    1 
ATOM   207  C C     . VAL A 1 30  ? 3.788   -9.998  7.773   1.00 26.42  ? 31  VAL A C     1 
ATOM   208  O O     . VAL A 1 30  ? 3.923   -10.924 8.566   1.00 25.89  ? 31  VAL A O     1 
ATOM   209  C CB    . VAL A 1 30  ? 4.493   -10.811 5.530   1.00 25.34  ? 31  VAL A CB    1 
ATOM   210  C CG1   . VAL A 1 30  ? 3.021   -10.739 5.129   1.00 24.76  ? 31  VAL A CG1   1 
ATOM   211  C CG2   . VAL A 1 30  ? 5.375   -10.519 4.330   1.00 21.90  ? 31  VAL A CG2   1 
ATOM   212  N N     . VAL A 1 31  ? 2.789   -9.127  7.848   1.00 24.75  ? 32  VAL A N     1 
ATOM   213  C CA    . VAL A 1 31  ? 1.795   -9.226  8.904   1.00 22.45  ? 32  VAL A CA    1 
ATOM   214  C C     . VAL A 1 31  ? 0.394   -8.958  8.393   1.00 26.16  ? 32  VAL A C     1 
ATOM   215  O O     . VAL A 1 31  ? 0.139   -7.917  7.786   1.00 32.05  ? 32  VAL A O     1 
ATOM   216  C CB    . VAL A 1 31  ? 2.082   -8.213  10.033  1.00 27.35  ? 32  VAL A CB    1 
ATOM   217  C CG1   . VAL A 1 31  ? 1.084   -8.396  11.169  1.00 26.02  ? 32  VAL A CG1   1 
ATOM   218  C CG2   . VAL A 1 31  ? 3.505   -8.370  10.531  1.00 26.20  ? 32  VAL A CG2   1 
ATOM   219  N N     . ASP A 1 32  ? -0.516  -9.900  8.631   1.00 28.82  ? 33  ASP A N     1 
ATOM   220  C CA    . ASP A 1 32  ? -1.907  -9.728  8.226   1.00 28.12  ? 33  ASP A CA    1 
ATOM   221  C C     . ASP A 1 32  ? -2.529  -8.754  9.219   1.00 28.49  ? 33  ASP A C     1 
ATOM   222  O O     . ASP A 1 32  ? -2.453  -8.957  10.434  1.00 28.26  ? 33  ASP A O     1 
ATOM   223  C CB    . ASP A 1 32  ? -2.641  -11.067 8.248   1.00 29.35  ? 33  ASP A CB    1 
ATOM   224  C CG    . ASP A 1 32  ? -4.136  -10.921 8.028   1.00 37.22  ? 33  ASP A CG    1 
ATOM   225  O OD1   . ASP A 1 32  ? -4.553  -10.107 7.178   1.00 41.76  ? 33  ASP A OD1   1 
ATOM   226  O OD2   . ASP A 1 32  ? -4.902  -11.638 8.702   1.00 47.27  ? 33  ASP A OD2   1 
ATOM   227  N N     . VAL A 1 33  ? -3.112  -7.679  8.701   1.00 28.90  ? 34  VAL A N     1 
ATOM   228  C CA    . VAL A 1 33  ? -3.716  -6.668  9.557   1.00 27.95  ? 34  VAL A CA    1 
ATOM   229  C C     . VAL A 1 33  ? -4.874  -7.220  10.371  1.00 30.93  ? 34  VAL A C     1 
ATOM   230  O O     . VAL A 1 33  ? -5.126  -6.762  11.487  1.00 30.86  ? 34  VAL A O     1 
ATOM   231  C CB    . VAL A 1 33  ? -4.223  -5.460  8.737   1.00 30.37  ? 34  VAL A CB    1 
ATOM   232  C CG1   . VAL A 1 33  ? -3.063  -4.791  8.014   1.00 31.12  ? 34  VAL A CG1   1 
ATOM   233  C CG2   . VAL A 1 33  ? -5.281  -5.913  7.749   1.00 29.11  ? 34  VAL A CG2   1 
ATOM   234  N N     . ALA A 1 34  ? -5.575  -8.205  9.819   1.00 32.37  ? 35  ALA A N     1 
ATOM   235  C CA    . ALA A 1 34  ? -6.709  -8.799  10.515  1.00 36.34  ? 35  ALA A CA    1 
ATOM   236  C C     . ALA A 1 34  ? -6.306  -9.401  11.864  1.00 38.65  ? 35  ALA A C     1 
ATOM   237  O O     . ALA A 1 34  ? -7.167  -9.760  12.660  1.00 40.76  ? 35  ALA A O     1 
ATOM   238  C CB    . ALA A 1 34  ? -7.367  -9.863  9.638   1.00 32.11  ? 35  ALA A CB    1 
ATOM   239  N N     . LYS A 1 35  ? -5.004  -9.498  12.118  1.00 38.03  ? 36  LYS A N     1 
ATOM   240  C CA    . LYS A 1 35  ? -4.507  -10.062 13.369  1.00 43.16  ? 36  LYS A CA    1 
ATOM   241  C C     . LYS A 1 35  ? -3.581  -9.082  14.068  1.00 45.88  ? 36  LYS A C     1 
ATOM   242  O O     . LYS A 1 35  ? -3.173  -9.308  15.205  1.00 48.44  ? 36  LYS A O     1 
ATOM   243  C CB    . LYS A 1 35  ? -3.724  -11.349 13.103  1.00 47.01  ? 36  LYS A CB    1 
ATOM   244  C CG    . LYS A 1 35  ? -4.480  -12.407 12.316  1.00 54.57  ? 36  LYS A CG    1 
ATOM   245  C CD    . LYS A 1 35  ? -3.541  -13.495 11.834  1.00 54.90  ? 36  LYS A CD    1 
ATOM   246  C CE    . LYS A 1 35  ? -4.298  -14.597 11.127  1.00 61.30  ? 36  LYS A CE    1 
ATOM   247  N NZ    . LYS A 1 35  ? -5.131  -14.072 10.006  1.00 65.85  ? 36  LYS A NZ    1 
ATOM   248  N N     . ALA A 1 36  ? -3.241  -8.000  13.378  1.00 44.44  ? 37  ALA A N     1 
ATOM   249  C CA    . ALA A 1 36  ? -2.340  -6.998  13.925  1.00 42.29  ? 37  ALA A CA    1 
ATOM   250  C C     . ALA A 1 36  ? -2.977  -6.235  15.073  1.00 41.82  ? 37  ALA A C     1 
ATOM   251  O O     . ALA A 1 36  ? -4.178  -6.328  15.305  1.00 42.98  ? 37  ALA A O     1 
ATOM   252  C CB    . ALA A 1 36  ? -1.911  -6.022  12.830  1.00 34.97  ? 37  ALA A CB    1 
ATOM   253  N N     . SER A 1 37  ? -2.147  -5.479  15.785  1.00 41.51  ? 38  SER A N     1 
ATOM   254  C CA    . SER A 1 37  ? -2.591  -4.666  16.905  1.00 39.04  ? 38  SER A CA    1 
ATOM   255  C C     . SER A 1 37  ? -1.842  -3.348  16.809  1.00 36.63  ? 38  SER A C     1 
ATOM   256  O O     . SER A 1 37  ? -0.833  -3.258  16.112  1.00 35.29  ? 38  SER A O     1 
ATOM   257  C CB    . SER A 1 37  ? -2.223  -5.329  18.227  1.00 39.45  ? 38  SER A CB    1 
ATOM   258  O OG    . SER A 1 37  ? -0.817  -5.276  18.429  1.00 38.45  ? 38  SER A OG    1 
ATOM   259  N N     . LYS A 1 38  ? -2.334  -2.337  17.518  1.00 34.97  ? 39  LYS A N     1 
ATOM   260  C CA    . LYS A 1 38  ? -1.704  -1.029  17.537  1.00 34.18  ? 39  LYS A CA    1 
ATOM   261  C C     . LYS A 1 38  ? -0.288  -1.130  18.126  1.00 36.21  ? 39  LYS A C     1 
ATOM   262  O O     . LYS A 1 38  ? 0.657   -0.538  17.596  1.00 31.21  ? 39  LYS A O     1 
ATOM   263  C CB    . LYS A 1 38  ? -2.564  -0.066  18.360  1.00 33.17  ? 39  LYS A CB    1 
ATOM   264  C CG    . LYS A 1 38  ? -2.052  1.364   18.417  1.00 34.17  ? 39  LYS A CG    1 
ATOM   265  C CD    . LYS A 1 38  ? -3.041  2.291   19.115  1.00 37.16  ? 39  LYS A CD    1 
ATOM   266  C CE    . LYS A 1 38  ? -2.440  3.686   19.298  1.00 46.84  ? 39  LYS A CE    1 
ATOM   267  N NZ    . LYS A 1 38  ? -3.383  4.675   19.908  1.00 49.04  ? 39  LYS A NZ    1 
ATOM   268  N N     . GLU A 1 39  ? -0.150  -1.898  19.209  1.00 39.38  ? 40  GLU A N     1 
ATOM   269  C CA    . GLU A 1 39  ? 1.132   -2.099  19.895  1.00 42.93  ? 40  GLU A CA    1 
ATOM   270  C C     . GLU A 1 39  ? 2.157   -2.740  18.978  1.00 42.83  ? 40  GLU A C     1 
ATOM   271  O O     . GLU A 1 39  ? 3.307   -2.309  18.903  1.00 47.50  ? 40  GLU A O     1 
ATOM   272  C CB    . GLU A 1 39  ? 0.966   -3.003  21.119  1.00 45.66  ? 40  GLU A CB    1 
ATOM   273  C CG    . GLU A 1 39  ? -0.172  -2.623  22.040  1.00 59.21  ? 40  GLU A CG    1 
ATOM   274  C CD    . GLU A 1 39  ? -1.532  -2.869  21.412  1.00 68.46  ? 40  GLU A CD    1 
ATOM   275  O OE1   . GLU A 1 39  ? -1.760  -3.994  20.915  1.00 74.30  ? 40  GLU A OE1   1 
ATOM   276  O OE2   . GLU A 1 39  ? -2.375  -1.944  21.419  1.00 73.22  ? 40  GLU A OE2   1 
ATOM   277  N N     . GLN A 1 40  ? 1.741   -3.796  18.298  1.00 38.84  ? 41  GLN A N     1 
ATOM   278  C CA    . GLN A 1 40  ? 2.630   -4.480  17.381  1.00 36.32  ? 41  GLN A CA    1 
ATOM   279  C C     . GLN A 1 40  ? 3.043   -3.505  16.280  1.00 34.05  ? 41  GLN A C     1 
ATOM   280  O O     . GLN A 1 40  ? 4.223   -3.388  15.943  1.00 31.91  ? 41  GLN A O     1 
ATOM   281  C CB    . GLN A 1 40  ? 1.907   -5.678  16.781  1.00 38.04  ? 41  GLN A CB    1 
ATOM   282  C CG    . GLN A 1 40  ? 2.722   -6.459  15.779  1.00 36.26  ? 41  GLN A CG    1 
ATOM   283  C CD    . GLN A 1 40  ? 1.931   -7.598  15.197  1.00 37.89  ? 41  GLN A CD    1 
ATOM   284  O OE1   . GLN A 1 40  ? 2.454   -8.410  14.433  1.00 40.98  ? 41  GLN A OE1   1 
ATOM   285  N NE2   . GLN A 1 40  ? 0.652   -7.666  15.553  1.00 39.15  ? 41  GLN A NE2   1 
ATOM   286  N N     . PHE A 1 41  ? 2.052   -2.805  15.734  1.00 29.99  ? 42  PHE A N     1 
ATOM   287  C CA    . PHE A 1 41  ? 2.263   -1.835  14.670  1.00 33.44  ? 42  PHE A CA    1 
ATOM   288  C C     . PHE A 1 41  ? 3.333   -0.798  15.011  1.00 36.11  ? 42  PHE A C     1 
ATOM   289  O O     . PHE A 1 41  ? 4.198   -0.484  14.194  1.00 33.20  ? 42  PHE A O     1 
ATOM   290  C CB    . PHE A 1 41  ? 0.954   -1.101  14.367  1.00 32.83  ? 42  PHE A CB    1 
ATOM   291  C CG    . PHE A 1 41  ? 1.078   -0.079  13.278  1.00 32.49  ? 42  PHE A CG    1 
ATOM   292  C CD1   . PHE A 1 41  ? 1.229   -0.474  11.947  1.00 38.68  ? 42  PHE A CD1   1 
ATOM   293  C CD2   . PHE A 1 41  ? 1.091   1.273   13.577  1.00 30.78  ? 42  PHE A CD2   1 
ATOM   294  C CE1   . PHE A 1 41  ? 1.393   0.472   10.927  1.00 30.46  ? 42  PHE A CE1   1 
ATOM   295  C CE2   . PHE A 1 41  ? 1.253   2.225   12.564  1.00 34.47  ? 42  PHE A CE2   1 
ATOM   296  C CZ    . PHE A 1 41  ? 1.405   1.822   11.237  1.00 29.77  ? 42  PHE A CZ    1 
ATOM   297  N N     . ASN A 1 42  ? 3.254   -0.251  16.217  1.00 39.65  ? 43  ASN A N     1 
ATOM   298  C CA    . ASN A 1 42  ? 4.204   0.761   16.642  1.00 39.89  ? 43  ASN A CA    1 
ATOM   299  C C     . ASN A 1 42  ? 5.567   0.187   16.960  1.00 39.41  ? 43  ASN A C     1 
ATOM   300  O O     . ASN A 1 42  ? 6.503   0.929   17.254  1.00 39.08  ? 43  ASN A O     1 
ATOM   301  C CB    . ASN A 1 42  ? 3.659   1.531   17.844  1.00 41.25  ? 43  ASN A CB    1 
ATOM   302  C CG    . ASN A 1 42  ? 2.610   2.547   17.444  1.00 42.60  ? 43  ASN A CG    1 
ATOM   303  O OD1   . ASN A 1 42  ? 2.799   3.283   16.480  1.00 46.04  ? 43  ASN A OD1   1 
ATOM   304  N ND2   . ASN A 1 42  ? 1.505   2.600   18.181  1.00 38.93  ? 43  ASN A ND2   1 
ATOM   305  N N     . GLY A 1 43  ? 5.680   -1.136  16.893  1.00 38.04  ? 44  GLY A N     1 
ATOM   306  C CA    . GLY A 1 43  ? 6.959   -1.775  17.155  1.00 37.46  ? 44  GLY A CA    1 
ATOM   307  C C     . GLY A 1 43  ? 7.928   -1.582  15.995  1.00 37.27  ? 44  GLY A C     1 
ATOM   308  O O     . GLY A 1 43  ? 9.125   -1.867  16.113  1.00 37.93  ? 44  GLY A O     1 
ATOM   309  N N     . PHE A 1 44  ? 7.414   -1.105  14.865  1.00 31.01  ? 45  PHE A N     1 
ATOM   310  C CA    . PHE A 1 44  ? 8.255   -0.883  13.700  1.00 30.26  ? 45  PHE A CA    1 
ATOM   311  C C     . PHE A 1 44  ? 8.399   0.601   13.461  1.00 31.38  ? 45  PHE A C     1 
ATOM   312  O O     . PHE A 1 44  ? 7.497   1.383   13.787  1.00 27.42  ? 45  PHE A O     1 
ATOM   313  C CB    . PHE A 1 44  ? 7.651   -1.509  12.441  1.00 29.49  ? 45  PHE A CB    1 
ATOM   314  C CG    . PHE A 1 44  ? 7.293   -2.959  12.579  1.00 23.74  ? 45  PHE A CG    1 
ATOM   315  C CD1   . PHE A 1 44  ? 6.110   -3.340  13.198  1.00 16.70  ? 45  PHE A CD1   1 
ATOM   316  C CD2   . PHE A 1 44  ? 8.117   -3.941  12.050  1.00 22.16  ? 45  PHE A CD2   1 
ATOM   317  C CE1   . PHE A 1 44  ? 5.748   -4.665  13.279  1.00 12.67  ? 45  PHE A CE1   1 
ATOM   318  C CE2   . PHE A 1 44  ? 7.763   -5.278  12.131  1.00 22.56  ? 45  PHE A CE2   1 
ATOM   319  C CZ    . PHE A 1 44  ? 6.570   -5.640  12.747  1.00 17.56  ? 45  PHE A CZ    1 
ATOM   320  N N     . THR A 1 45  ? 9.539   0.982   12.889  1.00 29.34  ? 46  THR A N     1 
ATOM   321  C CA    . THR A 1 45  ? 9.815   2.378   12.571  1.00 31.11  ? 46  THR A CA    1 
ATOM   322  C C     . THR A 1 45  ? 9.683   2.537   11.061  1.00 29.28  ? 46  THR A C     1 
ATOM   323  O O     . THR A 1 45  ? 9.531   3.644   10.553  1.00 30.14  ? 46  THR A O     1 
ATOM   324  C CB    . THR A 1 45  ? 11.251  2.811   13.012  1.00 31.05  ? 46  THR A CB    1 
ATOM   325  O OG1   . THR A 1 45  ? 12.230  2.076   12.274  1.00 31.17  ? 46  THR A OG1   1 
ATOM   326  C CG2   . THR A 1 45  ? 11.461  2.546   14.484  1.00 30.94  ? 46  THR A CG2   1 
ATOM   327  N N     . LYS A 1 46  ? 9.743   1.416   10.351  1.00 30.81  ? 47  LYS A N     1 
ATOM   328  C CA    . LYS A 1 46  ? 9.619   1.409   8.896   1.00 33.33  ? 47  LYS A CA    1 
ATOM   329  C C     . LYS A 1 46  ? 8.496   0.442   8.515   1.00 35.28  ? 47  LYS A C     1 
ATOM   330  O O     . LYS A 1 46  ? 8.470   -0.715  8.956   1.00 31.15  ? 47  LYS A O     1 
ATOM   331  C CB    . LYS A 1 46  ? 10.945  0.995   8.261   1.00 37.21  ? 47  LYS A CB    1 
ATOM   332  C CG    . LYS A 1 46  ? 12.068  1.980   8.547   1.00 45.64  ? 47  LYS A CG    1 
ATOM   333  C CD    . LYS A 1 46  ? 13.409  1.494   8.017   1.00 52.86  ? 47  LYS A CD    1 
ATOM   334  C CE    . LYS A 1 46  ? 14.518  2.513   8.288   1.00 59.16  ? 47  LYS A CE    1 
ATOM   335  N NZ    . LYS A 1 46  ? 14.376  3.764   7.478   1.00 62.92  ? 47  LYS A NZ    1 
ATOM   336  N N     . VAL A 1 47  ? 7.563   0.915   7.695   1.00 29.19  ? 48  VAL A N     1 
ATOM   337  C CA    . VAL A 1 47  ? 6.432   0.081   7.336   1.00 26.38  ? 48  VAL A CA    1 
ATOM   338  C C     . VAL A 1 47  ? 5.970   0.190   5.885   1.00 23.52  ? 48  VAL A C     1 
ATOM   339  O O     . VAL A 1 47  ? 6.074   1.238   5.268   1.00 22.11  ? 48  VAL A O     1 
ATOM   340  C CB    . VAL A 1 47  ? 5.247   0.412   8.255   1.00 30.32  ? 48  VAL A CB    1 
ATOM   341  C CG1   . VAL A 1 47  ? 4.210   -0.657  8.162   1.00 44.70  ? 48  VAL A CG1   1 
ATOM   342  C CG2   . VAL A 1 47  ? 5.718   0.530   9.692   1.00 39.05  ? 48  VAL A CG2   1 
ATOM   343  N N     . ILE A 1 48  ? 5.470   -0.917  5.343   1.00 21.79  ? 49  ILE A N     1 
ATOM   344  C CA    . ILE A 1 48  ? 4.946   -0.944  3.983   1.00 20.23  ? 49  ILE A CA    1 
ATOM   345  C C     . ILE A 1 48  ? 3.503   -1.451  4.038   1.00 19.26  ? 49  ILE A C     1 
ATOM   346  O O     . ILE A 1 48  ? 3.239   -2.598  4.374   1.00 23.79  ? 49  ILE A O     1 
ATOM   347  C CB    . ILE A 1 48  ? 5.814   -1.816  3.080   1.00 20.35  ? 49  ILE A CB    1 
ATOM   348  C CG1   . ILE A 1 48  ? 7.177   -1.127  2.921   1.00 18.24  ? 49  ILE A CG1   1 
ATOM   349  C CG2   . ILE A 1 48  ? 5.122   -2.042  1.728   1.00 8.75   ? 49  ILE A CG2   1 
ATOM   350  C CD1   . ILE A 1 48  ? 8.215   -1.924  2.165   1.00 19.93  ? 49  ILE A CD1   1 
ATOM   351  N N     . LEU A 1 49  ? 2.577   -0.561  3.706   1.00 14.98  ? 50  LEU A N     1 
ATOM   352  C CA    . LEU A 1 49  ? 1.148   -0.831  3.771   1.00 15.81  ? 50  LEU A CA    1 
ATOM   353  C C     . LEU A 1 49  ? 0.517   -1.202  2.439   1.00 16.32  ? 50  LEU A C     1 
ATOM   354  O O     . LEU A 1 49  ? 0.303   -0.346  1.594   1.00 21.73  ? 50  LEU A O     1 
ATOM   355  C CB    . LEU A 1 49  ? 0.456   0.399   4.357   1.00 14.55  ? 50  LEU A CB    1 
ATOM   356  C CG    . LEU A 1 49  ? 0.586   0.610   5.876   1.00 22.42  ? 50  LEU A CG    1 
ATOM   357  C CD1   . LEU A 1 49  ? 1.890   0.070   6.407   1.00 18.79  ? 50  LEU A CD1   1 
ATOM   358  C CD2   . LEU A 1 49  ? 0.460   2.075   6.192   1.00 19.16  ? 50  LEU A CD2   1 
ATOM   359  N N     . VAL A 1 50  ? 0.213   -2.482  2.262   1.00 13.52  ? 51  VAL A N     1 
ATOM   360  C CA    . VAL A 1 50  ? -0.381  -2.934  1.020   1.00 14.88  ? 51  VAL A CA    1 
ATOM   361  C C     . VAL A 1 50  ? -1.850  -3.213  1.275   1.00 17.59  ? 51  VAL A C     1 
ATOM   362  O O     . VAL A 1 50  ? -2.206  -4.026  2.121   1.00 18.37  ? 51  VAL A O     1 
ATOM   363  C CB    . VAL A 1 50  ? 0.373   -4.164  0.469   1.00 17.36  ? 51  VAL A CB    1 
ATOM   364  C CG1   . VAL A 1 50  ? 1.240   -4.756  1.554   1.00 15.10  ? 51  VAL A CG1   1 
ATOM   365  C CG2   . VAL A 1 50  ? -0.600  -5.182  -0.101  1.00 9.74   ? 51  VAL A CG2   1 
ATOM   366  N N     . ALA A 1 51  ? -2.695  -2.491  0.550   1.00 15.95  ? 52  ALA A N     1 
ATOM   367  C CA    . ALA A 1 51  ? -4.123  -2.595  0.718   1.00 15.84  ? 52  ALA A CA    1 
ATOM   368  C C     . ALA A 1 51  ? -4.925  -2.601  -0.584  1.00 19.29  ? 52  ALA A C     1 
ATOM   369  O O     . ALA A 1 51  ? -4.742  -1.744  -1.450  1.00 14.92  ? 52  ALA A O     1 
ATOM   370  C CB    . ALA A 1 51  ? -4.594  -1.460  1.593   1.00 15.97  ? 52  ALA A CB    1 
ATOM   371  N N     . PRO A 1 52  ? -5.823  -3.583  -0.732  1.00 17.53  ? 53  PRO A N     1 
ATOM   372  C CA    . PRO A 1 52  ? -6.674  -3.709  -1.914  1.00 24.25  ? 53  PRO A CA    1 
ATOM   373  C C     . PRO A 1 52  ? -7.858  -2.740  -1.771  1.00 30.04  ? 53  PRO A C     1 
ATOM   374  O O     . PRO A 1 52  ? -8.252  -2.392  -0.655  1.00 32.54  ? 53  PRO A O     1 
ATOM   375  C CB    . PRO A 1 52  ? -7.090  -5.177  -1.878  1.00 24.50  ? 53  PRO A CB    1 
ATOM   376  C CG    . PRO A 1 52  ? -7.156  -5.467  -0.405  1.00 21.56  ? 53  PRO A CG    1 
ATOM   377  C CD    . PRO A 1 52  ? -5.906  -4.794  0.107   1.00 21.71  ? 53  PRO A CD    1 
ATOM   378  N N     . THR A 1 53  ? -8.411  -2.297  -2.895  1.00 33.19  ? 54  THR A N     1 
ATOM   379  C CA    . THR A 1 53  ? -9.524  -1.356  -2.874  1.00 32.41  ? 54  THR A CA    1 
ATOM   380  C C     . THR A 1 53  ? -10.890 -2.032  -2.903  1.00 35.63  ? 54  THR A C     1 
ATOM   381  O O     . THR A 1 53  ? -11.193 -2.790  -3.820  1.00 39.86  ? 54  THR A O     1 
ATOM   382  C CB    . THR A 1 53  ? -9.452  -0.419  -4.065  1.00 33.03  ? 54  THR A CB    1 
ATOM   383  O OG1   . THR A 1 53  ? -8.131  0.119   -4.163  1.00 28.11  ? 54  THR A OG1   1 
ATOM   384  C CG2   . THR A 1 53  ? -10.449 0.706   -3.905  1.00 27.29  ? 54  THR A CG2   1 
ATOM   385  N N     . ALA A 1 54  ? -11.713 -1.749  -1.899  1.00 37.82  ? 55  ALA A N     1 
ATOM   386  C CA    . ALA A 1 54  ? -13.056 -2.322  -1.815  1.00 39.76  ? 55  ALA A CA    1 
ATOM   387  C C     . ALA A 1 54  ? -14.053 -1.502  -2.638  1.00 40.28  ? 55  ALA A C     1 
ATOM   388  O O     . ALA A 1 54  ? -13.702 -0.483  -3.235  1.00 37.81  ? 55  ALA A O     1 
ATOM   389  C CB    . ALA A 1 54  ? -13.510 -2.390  -0.351  1.00 35.05  ? 55  ALA A CB    1 
ATOM   390  N N     . GLY A 1 55  ? -15.302 -1.950  -2.658  1.00 44.06  ? 56  GLY A N     1 
ATOM   391  C CA    . GLY A 1 55  ? -16.320 -1.255  -3.419  1.00 45.61  ? 56  GLY A CA    1 
ATOM   392  C C     . GLY A 1 55  ? -16.434 0.209   -3.064  1.00 50.00  ? 56  GLY A C     1 
ATOM   393  O O     . GLY A 1 55  ? -16.291 0.582   -1.898  1.00 53.13  ? 56  GLY A O     1 
ATOM   394  N N     . ALA A 1 56  ? -16.685 1.038   -4.074  1.00 50.86  ? 57  ALA A N     1 
ATOM   395  C CA    . ALA A 1 56  ? -16.837 2.476   -3.879  1.00 51.58  ? 57  ALA A CA    1 
ATOM   396  C C     . ALA A 1 56  ? -15.506 3.193   -3.676  1.00 52.87  ? 57  ALA A C     1 
ATOM   397  O O     . ALA A 1 56  ? -15.449 4.425   -3.634  1.00 53.90  ? 57  ALA A O     1 
ATOM   398  C CB    . ALA A 1 56  ? -17.764 2.748   -2.693  1.00 47.93  ? 57  ALA A CB    1 
ATOM   399  N N     . GLY A 1 57  ? -14.435 2.421   -3.552  1.00 52.19  ? 58  GLY A N     1 
ATOM   400  C CA    . GLY A 1 57  ? -13.129 3.019   -3.355  1.00 48.12  ? 58  GLY A CA    1 
ATOM   401  C C     . GLY A 1 57  ? -12.702 2.964   -1.910  1.00 46.70  ? 58  GLY A C     1 
ATOM   402  O O     . GLY A 1 57  ? -11.656 3.505   -1.535  1.00 39.92  ? 58  GLY A O     1 
ATOM   403  N N     . ASP A 1 58  ? -13.514 2.303   -1.094  1.00 47.26  ? 59  ASP A N     1 
ATOM   404  C CA    . ASP A 1 58  ? -13.209 2.181   0.318   1.00 49.40  ? 59  ASP A CA    1 
ATOM   405  C C     . ASP A 1 58  ? -12.232 1.046   0.606   1.00 48.65  ? 59  ASP A C     1 
ATOM   406  O O     . ASP A 1 58  ? -11.969 0.190   -0.244  1.00 44.34  ? 59  ASP A O     1 
ATOM   407  C CB    . ASP A 1 58  ? -14.497 2.007   1.119   1.00 53.90  ? 59  ASP A CB    1 
ATOM   408  C CG    . ASP A 1 58  ? -15.441 3.184   0.946   1.00 57.84  ? 59  ASP A CG    1 
ATOM   409  O OD1   . ASP A 1 58  ? -14.952 4.334   0.928   1.00 54.75  ? 59  ASP A OD1   1 
ATOM   410  O OD2   . ASP A 1 58  ? -16.666 2.964   0.833   1.00 58.97  ? 59  ASP A OD2   1 
ATOM   411  N N     . LEU A 1 59  ? -11.694 1.061   1.818   1.00 44.47  ? 60  LEU A N     1 
ATOM   412  C CA    . LEU A 1 59  ? -10.716 0.080   2.249   1.00 39.60  ? 60  LEU A CA    1 
ATOM   413  C C     . LEU A 1 59  ? -11.286 -1.302  2.506   1.00 40.36  ? 60  LEU A C     1 
ATOM   414  O O     . LEU A 1 59  ? -12.423 -1.455  2.957   1.00 41.78  ? 60  LEU A O     1 
ATOM   415  C CB    . LEU A 1 59  ? -10.020 0.589   3.512   1.00 37.18  ? 60  LEU A CB    1 
ATOM   416  C CG    . LEU A 1 59  ? -8.497  0.744   3.585   1.00 41.08  ? 60  LEU A CG    1 
ATOM   417  C CD1   . LEU A 1 59  ? -7.893  1.059   2.228   1.00 38.85  ? 60  LEU A CD1   1 
ATOM   418  C CD2   . LEU A 1 59  ? -8.192  1.858   4.578   1.00 35.95  ? 60  LEU A CD2   1 
ATOM   419  N N     . GLN A 1 60  ? -10.469 -2.302  2.197   1.00 40.49  ? 61  GLN A N     1 
ATOM   420  C CA    . GLN A 1 60  ? -10.793 -3.705  2.412   1.00 38.83  ? 61  GLN A CA    1 
ATOM   421  C C     . GLN A 1 60  ? -11.182 -3.758  3.889   1.00 38.64  ? 61  GLN A C     1 
ATOM   422  O O     . GLN A 1 60  ? -10.624 -3.017  4.702   1.00 34.01  ? 61  GLN A O     1 
ATOM   423  C CB    . GLN A 1 60  ? -9.533  -4.532  2.114   1.00 40.70  ? 61  GLN A CB    1 
ATOM   424  C CG    . GLN A 1 60  ? -9.641  -6.042  2.213   1.00 41.86  ? 61  GLN A CG    1 
ATOM   425  C CD    . GLN A 1 60  ? -9.389  -6.554  3.621   1.00 45.96  ? 61  GLN A CD    1 
ATOM   426  O OE1   . GLN A 1 60  ? -8.564  -6.009  4.370   1.00 37.69  ? 61  GLN A OE1   1 
ATOM   427  N NE2   . GLN A 1 60  ? -10.088 -7.618  3.982   1.00 44.19  ? 61  GLN A NE2   1 
ATOM   428  N N     . THR A 1 61  ? -12.141 -4.614  4.233   1.00 38.24  ? 62  THR A N     1 
ATOM   429  C CA    . THR A 1 61  ? -12.621 -4.709  5.615   1.00 36.65  ? 62  THR A CA    1 
ATOM   430  C C     . THR A 1 61  ? -11.542 -4.757  6.684   1.00 34.60  ? 62  THR A C     1 
ATOM   431  O O     . THR A 1 61  ? -11.493 -3.882  7.547   1.00 38.39  ? 62  THR A O     1 
ATOM   432  C CB    . THR A 1 61  ? -13.586 -5.929  5.811   1.00 39.83  ? 62  THR A CB    1 
ATOM   433  O OG1   . THR A 1 61  ? -14.912 -5.554  5.411   1.00 34.19  ? 62  THR A OG1   1 
ATOM   434  C CG2   . THR A 1 61  ? -13.619 -6.386  7.280   1.00 35.31  ? 62  THR A CG2   1 
ATOM   435  N N     . ASP A 1 62  ? -10.689 -5.774  6.640   1.00 29.68  ? 63  ASP A N     1 
ATOM   436  C CA    . ASP A 1 62  ? -9.630  -5.906  7.628   1.00 31.84  ? 63  ASP A CA    1 
ATOM   437  C C     . ASP A 1 62  ? -8.904  -4.588  7.867   1.00 32.05  ? 63  ASP A C     1 
ATOM   438  O O     . ASP A 1 62  ? -8.641  -4.208  9.004   1.00 31.92  ? 63  ASP A O     1 
ATOM   439  C CB    . ASP A 1 62  ? -8.612  -6.960  7.180   1.00 36.67  ? 63  ASP A CB    1 
ATOM   440  C CG    . ASP A 1 62  ? -9.208  -8.345  7.097   1.00 42.20  ? 63  ASP A CG    1 
ATOM   441  O OD1   . ASP A 1 62  ? -9.735  -8.828  8.119   1.00 47.42  ? 63  ASP A OD1   1 
ATOM   442  O OD2   . ASP A 1 62  ? -9.148  -8.957  6.014   1.00 44.06  ? 63  ASP A OD2   1 
ATOM   443  N N     . TRP A 1 63  ? -8.583  -3.890  6.786   1.00 33.49  ? 64  TRP A N     1 
ATOM   444  C CA    . TRP A 1 63  ? -7.861  -2.636  6.891   1.00 33.13  ? 64  TRP A CA    1 
ATOM   445  C C     . TRP A 1 63  ? -8.672  -1.509  7.517   1.00 33.35  ? 64  TRP A C     1 
ATOM   446  O O     . TRP A 1 63  ? -8.165  -0.775  8.362   1.00 31.76  ? 64  TRP A O     1 
ATOM   447  C CB    . TRP A 1 63  ? -7.342  -2.220  5.513   1.00 26.89  ? 64  TRP A CB    1 
ATOM   448  C CG    . TRP A 1 63  ? -5.861  -2.406  5.343   1.00 26.74  ? 64  TRP A CG    1 
ATOM   449  C CD1   . TRP A 1 63  ? -5.232  -3.200  4.428   1.00 25.12  ? 64  TRP A CD1   1 
ATOM   450  C CD2   . TRP A 1 63  ? -4.826  -1.733  6.069   1.00 23.47  ? 64  TRP A CD2   1 
ATOM   451  N NE1   . TRP A 1 63  ? -3.869  -3.057  4.534   1.00 24.27  ? 64  TRP A NE1   1 
ATOM   452  C CE2   . TRP A 1 63  ? -3.593  -2.162  5.535   1.00 21.48  ? 64  TRP A CE2   1 
ATOM   453  C CE3   . TRP A 1 63  ? -4.822  -0.799  7.122   1.00 17.43  ? 64  TRP A CE3   1 
ATOM   454  C CZ2   . TRP A 1 63  ? -2.359  -1.691  6.017   1.00 25.41  ? 64  TRP A CZ2   1 
ATOM   455  C CZ3   . TRP A 1 63  ? -3.603  -0.332  7.599   1.00 14.67  ? 64  TRP A CZ3   1 
ATOM   456  C CH2   . TRP A 1 63  ? -2.385  -0.781  7.046   1.00 20.60  ? 64  TRP A CH2   1 
ATOM   457  N N     . GLU A 1 64  ? -9.927  -1.365  7.111   1.00 37.94  ? 65  GLU A N     1 
ATOM   458  C CA    . GLU A 1 64  ? -10.759 -0.307  7.670   1.00 39.63  ? 65  GLU A CA    1 
ATOM   459  C C     . GLU A 1 64  ? -10.879 -0.403  9.187   1.00 34.87  ? 65  GLU A C     1 
ATOM   460  O O     . GLU A 1 64  ? -10.874 0.614   9.881   1.00 34.68  ? 65  GLU A O     1 
ATOM   461  C CB    . GLU A 1 64  ? -12.147 -0.322  7.034   1.00 44.70  ? 65  GLU A CB    1 
ATOM   462  C CG    . GLU A 1 64  ? -12.249 0.588   5.825   1.00 59.97  ? 65  GLU A CG    1 
ATOM   463  C CD    . GLU A 1 64  ? -13.648 0.648   5.248   1.00 71.92  ? 65  GLU A CD    1 
ATOM   464  O OE1   . GLU A 1 64  ? -14.148 -0.399  4.778   1.00 77.74  ? 65  GLU A OE1   1 
ATOM   465  O OE2   . GLU A 1 64  ? -14.247 1.746   5.265   1.00 77.47  ? 65  GLU A OE2   1 
ATOM   466  N N     . ASP A 1 65  ? -10.967 -1.624  9.700   1.00 31.95  ? 66  ASP A N     1 
ATOM   467  C CA    . ASP A 1 65  ? -11.093 -1.840  11.138  1.00 35.01  ? 66  ASP A CA    1 
ATOM   468  C C     . ASP A 1 65  ? -9.770  -1.637  11.868  1.00 33.91  ? 66  ASP A C     1 
ATOM   469  O O     . ASP A 1 65  ? -9.745  -1.157  12.995  1.00 37.11  ? 66  ASP A O     1 
ATOM   470  C CB    . ASP A 1 65  ? -11.635 -3.245  11.416  1.00 40.32  ? 66  ASP A CB    1 
ATOM   471  C CG    . ASP A 1 65  ? -13.030 -3.463  10.838  1.00 45.54  ? 66  ASP A CG    1 
ATOM   472  O OD1   . ASP A 1 65  ? -13.423 -4.637  10.683  1.00 50.60  ? 66  ASP A OD1   1 
ATOM   473  O OD2   . ASP A 1 65  ? -13.736 -2.469  10.544  1.00 46.06  ? 66  ASP A OD2   1 
ATOM   474  N N     . PHE A 1 66  ? -8.663  -2.002  11.232  1.00 33.92  ? 67  PHE A N     1 
ATOM   475  C CA    . PHE A 1 66  ? -7.361  -1.824  11.861  1.00 27.49  ? 67  PHE A CA    1 
ATOM   476  C C     . PHE A 1 66  ? -6.984  -0.343  11.850  1.00 29.58  ? 67  PHE A C     1 
ATOM   477  O O     . PHE A 1 66  ? -6.467  0.187   12.840  1.00 33.60  ? 67  PHE A O     1 
ATOM   478  C CB    . PHE A 1 66  ? -6.298  -2.631  11.120  1.00 28.42  ? 67  PHE A CB    1 
ATOM   479  C CG    . PHE A 1 66  ? -4.949  -2.585  11.772  1.00 29.86  ? 67  PHE A CG    1 
ATOM   480  C CD1   . PHE A 1 66  ? -4.783  -3.016  13.084  1.00 24.24  ? 67  PHE A CD1   1 
ATOM   481  C CD2   . PHE A 1 66  ? -3.849  -2.089  11.086  1.00 25.49  ? 67  PHE A CD2   1 
ATOM   482  C CE1   . PHE A 1 66  ? -3.547  -2.951  13.704  1.00 28.56  ? 67  PHE A CE1   1 
ATOM   483  C CE2   . PHE A 1 66  ? -2.602  -2.020  11.699  1.00 28.13  ? 67  PHE A CE2   1 
ATOM   484  C CZ    . PHE A 1 66  ? -2.450  -2.452  13.013  1.00 30.52  ? 67  PHE A CZ    1 
ATOM   485  N N     . LEU A 1 67  ? -7.261  0.321   10.730  1.00 22.61  ? 68  LEU A N     1 
ATOM   486  C CA    . LEU A 1 67  ? -6.949  1.738   10.566  1.00 20.83  ? 68  LEU A CA    1 
ATOM   487  C C     . LEU A 1 67  ? -7.740  2.595   11.551  1.00 21.12  ? 68  LEU A C     1 
ATOM   488  O O     . LEU A 1 67  ? -7.261  3.629   12.028  1.00 17.75  ? 68  LEU A O     1 
ATOM   489  C CB    . LEU A 1 67  ? -7.255  2.176   9.124   1.00 15.06  ? 68  LEU A CB    1 
ATOM   490  C CG    . LEU A 1 67  ? -6.830  3.590   8.704   1.00 19.21  ? 68  LEU A CG    1 
ATOM   491  C CD1   . LEU A 1 67  ? -5.310  3.721   8.750   1.00 17.97  ? 68  LEU A CD1   1 
ATOM   492  C CD2   . LEU A 1 67  ? -7.326  3.876   7.302   1.00 14.93  ? 68  LEU A CD2   1 
ATOM   493  N N     . GLY A 1 68  ? -8.953  2.148   11.857  1.00 25.31  ? 69  GLY A N     1 
ATOM   494  C CA    . GLY A 1 68  ? -9.805  2.878   12.779  1.00 24.17  ? 69  GLY A CA    1 
ATOM   495  C C     . GLY A 1 68  ? -9.266  2.930   14.197  1.00 24.89  ? 69  GLY A C     1 
ATOM   496  O O     . GLY A 1 68  ? -9.705  3.748   14.993  1.00 27.52  ? 69  GLY A O     1 
ATOM   497  N N     . THR A 1 69  ? -8.326  2.056   14.530  1.00 25.79  ? 70  THR A N     1 
ATOM   498  C CA    . THR A 1 69  ? -7.763  2.066   15.869  1.00 30.69  ? 70  THR A CA    1 
ATOM   499  C C     . THR A 1 69  ? -6.449  2.841   15.855  1.00 31.62  ? 70  THR A C     1 
ATOM   500  O O     . THR A 1 69  ? -5.735  2.889   16.856  1.00 32.81  ? 70  THR A O     1 
ATOM   501  C CB    . THR A 1 69  ? -7.482  0.642   16.380  1.00 32.94  ? 70  THR A CB    1 
ATOM   502  O OG1   . THR A 1 69  ? -6.240  0.175   15.835  1.00 39.18  ? 70  THR A OG1   1 
ATOM   503  C CG2   . THR A 1 69  ? -8.606  -0.303  15.965  1.00 29.80  ? 70  THR A CG2   1 
ATOM   504  N N     . LEU A 1 70  ? -6.135  3.444   14.714  1.00 29.22  ? 71  LEU A N     1 
ATOM   505  C CA    . LEU A 1 70  ? -4.906  4.212   14.580  1.00 27.88  ? 71  LEU A CA    1 
ATOM   506  C C     . LEU A 1 70  ? -5.187  5.686   14.335  1.00 26.23  ? 71  LEU A C     1 
ATOM   507  O O     . LEU A 1 70  ? -6.170  6.042   13.682  1.00 28.68  ? 71  LEU A O     1 
ATOM   508  C CB    . LEU A 1 70  ? -4.052  3.661   13.427  1.00 21.88  ? 71  LEU A CB    1 
ATOM   509  C CG    . LEU A 1 70  ? -3.598  2.199   13.527  1.00 25.16  ? 71  LEU A CG    1 
ATOM   510  C CD1   . LEU A 1 70  ? -2.683  1.861   12.358  1.00 18.25  ? 71  LEU A CD1   1 
ATOM   511  C CD2   . LEU A 1 70  ? -2.873  1.970   14.861  1.00 26.90  ? 71  LEU A CD2   1 
ATOM   512  N N     . GLU A 1 71  ? -4.311  6.530   14.869  1.00 24.11  ? 72  GLU A N     1 
ATOM   513  C CA    . GLU A 1 71  ? -4.388  7.979   14.718  1.00 25.34  ? 72  GLU A CA    1 
ATOM   514  C C     . GLU A 1 71  ? -3.170  8.425   13.920  1.00 27.34  ? 72  GLU A C     1 
ATOM   515  O O     . GLU A 1 71  ? -2.264  7.628   13.654  1.00 23.96  ? 72  GLU A O     1 
ATOM   516  C CB    . GLU A 1 71  ? -4.334  8.667   16.080  1.00 30.28  ? 72  GLU A CB    1 
ATOM   517  C CG    . GLU A 1 71  ? -5.620  9.332   16.481  1.00 47.17  ? 72  GLU A CG    1 
ATOM   518  C CD    . GLU A 1 71  ? -6.659  8.336   16.938  1.00 52.11  ? 72  GLU A CD    1 
ATOM   519  O OE1   . GLU A 1 71  ? -7.781  8.349   16.386  1.00 56.87  ? 72  GLU A OE1   1 
ATOM   520  O OE2   . GLU A 1 71  ? -6.348  7.541   17.855  1.00 59.28  ? 72  GLU A OE2   1 
ATOM   521  N N     . ALA A 1 72  ? -3.134  9.706   13.573  1.00 25.46  ? 73  ALA A N     1 
ATOM   522  C CA    . ALA A 1 72  ? -2.009  10.252  12.821  1.00 29.30  ? 73  ALA A CA    1 
ATOM   523  C C     . ALA A 1 72  ? -0.724  10.202  13.646  1.00 25.25  ? 73  ALA A C     1 
ATOM   524  O O     . ALA A 1 72  ? 0.361   9.970   13.107  1.00 20.07  ? 73  ALA A O     1 
ATOM   525  C CB    . ALA A 1 72  ? -2.301  11.687  12.406  1.00 32.68  ? 73  ALA A CB    1 
ATOM   526  N N     . SER A 1 73  ? -0.845  10.424  14.952  1.00 19.57  ? 74  SER A N     1 
ATOM   527  C CA    . SER A 1 73  ? 0.321   10.394  15.828  1.00 21.16  ? 74  SER A CA    1 
ATOM   528  C C     . SER A 1 73  ? 1.093   9.074   15.714  1.00 19.67  ? 74  SER A C     1 
ATOM   529  O O     . SER A 1 73  ? 2.315   9.055   15.816  1.00 26.28  ? 74  SER A O     1 
ATOM   530  C CB    . SER A 1 73  ? -0.106  10.658  17.270  1.00 25.25  ? 74  SER A CB    1 
ATOM   531  O OG    . SER A 1 73  ? -1.183  9.824   17.661  1.00 36.83  ? 74  SER A OG    1 
ATOM   532  N N     . ASP A 1 74  ? 0.388   7.976   15.473  1.00 19.36  ? 75  ASP A N     1 
ATOM   533  C CA    . ASP A 1 74  ? 1.036   6.673   15.319  1.00 20.22  ? 75  ASP A CA    1 
ATOM   534  C C     . ASP A 1 74  ? 1.880   6.571   14.040  1.00 23.66  ? 75  ASP A C     1 
ATOM   535  O O     . ASP A 1 74  ? 2.746   5.705   13.933  1.00 20.61  ? 75  ASP A O     1 
ATOM   536  C CB    . ASP A 1 74  ? -0.004  5.560   15.299  1.00 19.40  ? 75  ASP A CB    1 
ATOM   537  C CG    . ASP A 1 74  ? -0.735  5.423   16.618  1.00 30.22  ? 75  ASP A CG    1 
ATOM   538  O OD1   . ASP A 1 74  ? -0.062  5.216   17.656  1.00 34.66  ? 75  ASP A OD1   1 
ATOM   539  O OD2   . ASP A 1 74  ? -1.980  5.515   16.612  1.00 30.55  ? 75  ASP A OD2   1 
ATOM   540  N N     . PHE A 1 75  ? 1.625   7.438   13.064  1.00 19.46  ? 76  PHE A N     1 
ATOM   541  C CA    . PHE A 1 75  ? 2.391   7.383   11.836  1.00 19.26  ? 76  PHE A CA    1 
ATOM   542  C C     . PHE A 1 75  ? 3.540   8.369   11.887  1.00 21.48  ? 76  PHE A C     1 
ATOM   543  O O     . PHE A 1 75  ? 4.560   8.193   11.214  1.00 18.90  ? 76  PHE A O     1 
ATOM   544  C CB    . PHE A 1 75  ? 1.506   7.690   10.625  1.00 20.11  ? 76  PHE A CB    1 
ATOM   545  C CG    . PHE A 1 75  ? 0.558   6.582   10.266  1.00 19.42  ? 76  PHE A CG    1 
ATOM   546  C CD1   . PHE A 1 75  ? -0.667  6.461   10.903  1.00 22.62  ? 76  PHE A CD1   1 
ATOM   547  C CD2   . PHE A 1 75  ? 0.906   5.638   9.314   1.00 16.16  ? 76  PHE A CD2   1 
ATOM   548  C CE1   . PHE A 1 75  ? -1.539  5.404   10.592  1.00 22.89  ? 76  PHE A CE1   1 
ATOM   549  C CE2   . PHE A 1 75  ? 0.048   4.578   8.994   1.00 19.70  ? 76  PHE A CE2   1 
ATOM   550  C CZ    . PHE A 1 75  ? -1.181  4.462   9.636   1.00 18.97  ? 76  PHE A CZ    1 
ATOM   551  N N     . ALA A 1 76  ? 3.366   9.395   12.708  1.00 24.14  ? 77  ALA A N     1 
ATOM   552  C CA    . ALA A 1 76  ? 4.346   10.467  12.851  1.00 28.21  ? 77  ALA A CA    1 
ATOM   553  C C     . ALA A 1 76  ? 5.817   10.087  12.732  1.00 31.41  ? 77  ALA A C     1 
ATOM   554  O O     . ALA A 1 76  ? 6.531   10.627  11.883  1.00 32.00  ? 77  ALA A O     1 
ATOM   555  C CB    . ALA A 1 76  ? 4.121   11.188  14.159  1.00 24.75  ? 77  ALA A CB    1 
ATOM   556  N N     . ASN A 1 77  ? 6.258   9.154   13.569  1.00 27.14  ? 78  ASN A N     1 
ATOM   557  C CA    . ASN A 1 77  ? 7.660   8.747   13.606  1.00 30.16  ? 78  ASN A CA    1 
ATOM   558  C C     . ASN A 1 77  ? 8.088   7.606   12.697  1.00 29.53  ? 78  ASN A C     1 
ATOM   559  O O     . ASN A 1 77  ? 9.150   7.012   12.898  1.00 27.39  ? 78  ASN A O     1 
ATOM   560  C CB    . ASN A 1 77  ? 8.029   8.386   15.041  1.00 37.54  ? 78  ASN A CB    1 
ATOM   561  C CG    . ASN A 1 77  ? 7.175   7.262   15.587  1.00 40.70  ? 78  ASN A CG    1 
ATOM   562  O OD1   . ASN A 1 77  ? 5.968   7.205   15.328  1.00 45.36  ? 78  ASN A OD1   1 
ATOM   563  N ND2   . ASN A 1 77  ? 7.789   6.368   16.355  1.00 41.62  ? 78  ASN A ND2   1 
ATOM   564  N N     . LYS A 1 78  ? 7.291   7.305   11.684  1.00 25.22  ? 79  LYS A N     1 
ATOM   565  C CA    . LYS A 1 78  ? 7.651   6.210   10.808  1.00 25.32  ? 79  LYS A CA    1 
ATOM   566  C C     . LYS A 1 78  ? 7.918   6.646   9.382   1.00 26.21  ? 79  LYS A C     1 
ATOM   567  O O     . LYS A 1 78  ? 7.605   7.766   8.982   1.00 30.03  ? 79  LYS A O     1 
ATOM   568  C CB    . LYS A 1 78  ? 6.533   5.161   10.812  1.00 27.80  ? 79  LYS A CB    1 
ATOM   569  C CG    . LYS A 1 78  ? 6.255   4.514   12.166  1.00 24.81  ? 79  LYS A CG    1 
ATOM   570  C CD    . LYS A 1 78  ? 4.995   3.667   12.108  1.00 27.95  ? 79  LYS A CD    1 
ATOM   571  C CE    . LYS A 1 78  ? 4.766   2.895   13.395  1.00 27.16  ? 79  LYS A CE    1 
ATOM   572  N NZ    . LYS A 1 78  ? 4.820   3.784   14.590  1.00 34.30  ? 79  LYS A NZ    1 
ATOM   573  N N     . THR A 1 79  ? 8.528   5.749   8.622   1.00 23.96  ? 80  THR A N     1 
ATOM   574  C CA    . THR A 1 79  ? 8.778   5.996   7.218   1.00 21.65  ? 80  THR A CA    1 
ATOM   575  C C     . THR A 1 79  ? 7.781   5.023   6.614   1.00 19.27  ? 80  THR A C     1 
ATOM   576  O O     . THR A 1 79  ? 7.779   3.839   6.955   1.00 14.12  ? 80  THR A O     1 
ATOM   577  C CB    . THR A 1 79  ? 10.202  5.634   6.819   1.00 22.58  ? 80  THR A CB    1 
ATOM   578  O OG1   . THR A 1 79  ? 11.118  6.475   7.530   1.00 29.35  ? 80  THR A OG1   1 
ATOM   579  C CG2   . THR A 1 79  ? 10.387  5.845   5.335   1.00 20.87  ? 80  THR A CG2   1 
ATOM   580  N N     . ILE A 1 80  ? 6.944   5.532   5.717   1.00 19.15  ? 81  ILE A N     1 
ATOM   581  C CA    . ILE A 1 80  ? 5.862   4.754   5.132   1.00 14.48  ? 81  ILE A CA    1 
ATOM   582  C C     . ILE A 1 80  ? 5.834   4.588   3.629   1.00 17.30  ? 81  ILE A C     1 
ATOM   583  O O     . ILE A 1 80  ? 6.068   5.538   2.878   1.00 18.13  ? 81  ILE A O     1 
ATOM   584  C CB    . ILE A 1 80  ? 4.518   5.390   5.516   1.00 21.31  ? 81  ILE A CB    1 
ATOM   585  C CG1   . ILE A 1 80  ? 4.455   5.583   7.037   1.00 24.38  ? 81  ILE A CG1   1 
ATOM   586  C CG2   . ILE A 1 80  ? 3.375   4.561   4.977   1.00 17.09  ? 81  ILE A CG2   1 
ATOM   587  C CD1   . ILE A 1 80  ? 3.521   6.688   7.475   1.00 29.08  ? 81  ILE A CD1   1 
ATOM   588  N N     . GLY A 1 81  ? 5.497   3.371   3.215   1.00 14.43  ? 82  GLY A N     1 
ATOM   589  C CA    . GLY A 1 81  ? 5.366   3.038   1.810   1.00 18.93  ? 82  GLY A CA    1 
ATOM   590  C C     . GLY A 1 81  ? 3.951   2.511   1.593   1.00 22.73  ? 82  GLY A C     1 
ATOM   591  O O     . GLY A 1 81  ? 3.488   1.654   2.339   1.00 26.96  ? 82  GLY A O     1 
ATOM   592  N N     . LEU A 1 82  ? 3.254   3.019   0.585   1.00 21.52  ? 83  LEU A N     1 
ATOM   593  C CA    . LEU A 1 82  ? 1.895   2.576   0.314   1.00 23.15  ? 83  LEU A CA    1 
ATOM   594  C C     . LEU A 1 82  ? 1.786   1.801   -0.998  1.00 22.84  ? 83  LEU A C     1 
ATOM   595  O O     . LEU A 1 82  ? 2.289   2.227   -2.030  1.00 25.08  ? 83  LEU A O     1 
ATOM   596  C CB    . LEU A 1 82  ? 0.958   3.779   0.277   1.00 22.07  ? 83  LEU A CB    1 
ATOM   597  C CG    . LEU A 1 82  ? 0.841   4.609   1.552   1.00 27.01  ? 83  LEU A CG    1 
ATOM   598  C CD1   . LEU A 1 82  ? -0.030  5.827   1.280   1.00 25.01  ? 83  LEU A CD1   1 
ATOM   599  C CD2   . LEU A 1 82  ? 0.248   3.769   2.673   1.00 33.22  ? 83  LEU A CD2   1 
ATOM   600  N N     . VAL A 1 83  ? 1.133   0.650   -0.935  1.00 20.32  ? 84  VAL A N     1 
ATOM   601  C CA    . VAL A 1 83  ? 0.937   -0.191  -2.096  1.00 15.51  ? 84  VAL A CA    1 
ATOM   602  C C     . VAL A 1 83  ? -0.544  -0.543  -2.186  1.00 22.88  ? 84  VAL A C     1 
ATOM   603  O O     . VAL A 1 83  ? -1.077  -1.278  -1.345  1.00 17.83  ? 84  VAL A O     1 
ATOM   604  C CB    . VAL A 1 83  ? 1.757   -1.485  -1.992  1.00 18.11  ? 84  VAL A CB    1 
ATOM   605  C CG1   . VAL A 1 83  ? 1.445   -2.402  -3.165  1.00 18.49  ? 84  VAL A CG1   1 
ATOM   606  C CG2   . VAL A 1 83  ? 3.217   -1.156  -1.973  1.00 14.48  ? 84  VAL A CG2   1 
ATOM   607  N N     . GLY A 1 84  ? -1.211  0.000   -3.202  1.00 22.44  ? 85  GLY A N     1 
ATOM   608  C CA    . GLY A 1 84  ? -2.623  -0.279  -3.374  1.00 24.01  ? 85  GLY A CA    1 
ATOM   609  C C     . GLY A 1 84  ? -2.902  -1.198  -4.543  1.00 29.04  ? 85  GLY A C     1 
ATOM   610  O O     . GLY A 1 84  ? -2.142  -1.234  -5.516  1.00 29.24  ? 85  GLY A O     1 
ATOM   611  N N     . LEU A 1 85  ? -3.991  -1.953  -4.437  1.00 29.93  ? 86  LEU A N     1 
ATOM   612  C CA    . LEU A 1 85  ? -4.422  -2.875  -5.482  1.00 31.61  ? 86  LEU A CA    1 
ATOM   613  C C     . LEU A 1 85  ? -5.747  -2.373  -6.058  1.00 35.10  ? 86  LEU A C     1 
ATOM   614  O O     . LEU A 1 85  ? -6.609  -1.888  -5.320  1.00 34.94  ? 86  LEU A O     1 
ATOM   615  C CB    . LEU A 1 85  ? -4.640  -4.269  -4.908  1.00 30.76  ? 86  LEU A CB    1 
ATOM   616  C CG    . LEU A 1 85  ? -3.458  -5.171  -4.586  1.00 28.71  ? 86  LEU A CG    1 
ATOM   617  C CD1   . LEU A 1 85  ? -3.955  -6.366  -3.787  1.00 29.67  ? 86  LEU A CD1   1 
ATOM   618  C CD2   . LEU A 1 85  ? -2.809  -5.637  -5.870  1.00 30.87  ? 86  LEU A CD2   1 
ATOM   619  N N     . GLY A 1 86  ? -5.915  -2.502  -7.370  1.00 37.20  ? 87  GLY A N     1 
ATOM   620  C CA    . GLY A 1 86  ? -7.151  -2.055  -7.986  1.00 42.05  ? 87  GLY A CA    1 
ATOM   621  C C     . GLY A 1 86  ? -7.467  -2.656  -9.346  1.00 42.67  ? 87  GLY A C     1 
ATOM   622  O O     . GLY A 1 86  ? -6.647  -3.347  -9.949  1.00 41.24  ? 87  GLY A O     1 
ATOM   623  N N     . ASP A 1 87  ? -8.676  -2.380  -9.821  1.00 45.15  ? 88  ASP A N     1 
ATOM   624  C CA    . ASP A 1 87  ? -9.158  -2.865  -11.111 1.00 44.22  ? 88  ASP A CA    1 
ATOM   625  C C     . ASP A 1 87  ? -9.496  -1.626  -11.939 1.00 42.42  ? 88  ASP A C     1 
ATOM   626  O O     . ASP A 1 87  ? -10.627 -1.136  -11.890 1.00 40.49  ? 88  ASP A O     1 
ATOM   627  C CB    . ASP A 1 87  ? -10.421 -3.701  -10.901 1.00 45.88  ? 88  ASP A CB    1 
ATOM   628  C CG    . ASP A 1 87  ? -10.814 -4.502  -12.129 1.00 45.44  ? 88  ASP A CG    1 
ATOM   629  O OD1   . ASP A 1 87  ? -10.386 -4.151  -13.256 1.00 36.89  ? 88  ASP A OD1   1 
ATOM   630  O OD2   . ASP A 1 87  ? -11.567 -5.483  -11.952 1.00 34.76  ? 88  ASP A OD2   1 
ATOM   631  N N     . GLN A 1 88  ? -8.514  -1.129  -12.689 1.00 42.55  ? 89  GLN A N     1 
ATOM   632  C CA    . GLN A 1 88  ? -8.674  0.071   -13.506 1.00 44.48  ? 89  GLN A CA    1 
ATOM   633  C C     . GLN A 1 88  ? -9.689  -0.018  -14.643 1.00 51.67  ? 89  GLN A C     1 
ATOM   634  O O     . GLN A 1 88  ? -10.218 1.006   -15.074 1.00 53.87  ? 89  GLN A O     1 
ATOM   635  C CB    . GLN A 1 88  ? -7.326  0.496   -14.076 1.00 40.36  ? 89  GLN A CB    1 
ATOM   636  C CG    . GLN A 1 88  ? -6.684  -0.542  -14.966 1.00 42.55  ? 89  GLN A CG    1 
ATOM   637  C CD    . GLN A 1 88  ? -5.243  -0.203  -15.304 1.00 46.94  ? 89  GLN A CD    1 
ATOM   638  O OE1   . GLN A 1 88  ? -4.974  0.610   -16.188 1.00 40.82  ? 89  GLN A OE1   1 
ATOM   639  N NE2   . GLN A 1 88  ? -4.305  -0.814  -14.583 1.00 44.41  ? 89  GLN A NE2   1 
ATOM   640  N N     . ASP A 1 89  ? -9.955  -1.222  -15.143 1.00 54.63  ? 90  ASP A N     1 
ATOM   641  C CA    . ASP A 1 89  ? -10.926 -1.368  -16.219 1.00 53.74  ? 90  ASP A CA    1 
ATOM   642  C C     . ASP A 1 89  ? -12.339 -1.398  -15.665 1.00 54.95  ? 90  ASP A C     1 
ATOM   643  O O     . ASP A 1 89  ? -13.184 -0.605  -16.073 1.00 59.62  ? 90  ASP A O     1 
ATOM   644  C CB    . ASP A 1 89  ? -10.659 -2.635  -17.030 1.00 52.70  ? 90  ASP A CB    1 
ATOM   645  C CG    . ASP A 1 89  ? -9.351  -2.568  -17.783 1.00 56.67  ? 90  ASP A CG    1 
ATOM   646  O OD1   . ASP A 1 89  ? -9.011  -1.470  -18.265 1.00 53.07  ? 90  ASP A OD1   1 
ATOM   647  O OD2   . ASP A 1 89  ? -8.663  -3.606  -17.907 1.00 62.83  ? 90  ASP A OD2   1 
ATOM   648  N N     . THR A 1 90  ? -12.596 -2.302  -14.727 1.00 53.12  ? 91  THR A N     1 
ATOM   649  C CA    . THR A 1 90  ? -13.922 -2.405  -14.135 1.00 55.00  ? 91  THR A CA    1 
ATOM   650  C C     . THR A 1 90  ? -14.300 -1.199  -13.272 1.00 57.76  ? 91  THR A C     1 
ATOM   651  O O     . THR A 1 90  ? -15.481 -0.874  -13.146 1.00 59.78  ? 91  THR A O     1 
ATOM   652  C CB    . THR A 1 90  ? -14.055 -3.677  -13.272 1.00 55.01  ? 91  THR A CB    1 
ATOM   653  O OG1   . THR A 1 90  ? -13.920 -4.836  -14.102 1.00 58.91  ? 91  THR A OG1   1 
ATOM   654  C CG2   . THR A 1 90  ? -15.412 -3.717  -12.580 1.00 53.18  ? 91  THR A CG2   1 
ATOM   655  N N     . TYR A 1 91  ? -13.305 -0.531  -12.687 1.00 58.79  ? 92  TYR A N     1 
ATOM   656  C CA    . TYR A 1 91  ? -13.565 0.620   -11.817 1.00 58.52  ? 92  TYR A CA    1 
ATOM   657  C C     . TYR A 1 91  ? -12.729 1.825   -12.221 1.00 59.37  ? 92  TYR A C     1 
ATOM   658  O O     . TYR A 1 91  ? -11.877 2.278   -11.456 1.00 59.04  ? 92  TYR A O     1 
ATOM   659  C CB    . TYR A 1 91  ? -13.244 0.251   -10.370 1.00 56.14  ? 92  TYR A CB    1 
ATOM   660  C CG    . TYR A 1 91  ? -13.940 -0.999  -9.897  1.00 53.89  ? 92  TYR A CG    1 
ATOM   661  C CD1   . TYR A 1 91  ? -15.183 -0.933  -9.279  1.00 53.16  ? 92  TYR A CD1   1 
ATOM   662  C CD2   . TYR A 1 91  ? -13.358 -2.253  -10.081 1.00 52.47  ? 92  TYR A CD2   1 
ATOM   663  C CE1   . TYR A 1 91  ? -15.834 -2.084  -8.843  1.00 56.00  ? 92  TYR A CE1   1 
ATOM   664  C CE2   . TYR A 1 91  ? -14.001 -3.415  -9.655  1.00 54.63  ? 92  TYR A CE2   1 
ATOM   665  C CZ    . TYR A 1 91  ? -15.239 -3.324  -9.033  1.00 58.41  ? 92  TYR A CZ    1 
ATOM   666  O OH    . TYR A 1 91  ? -15.878 -4.465  -8.586  1.00 54.21  ? 92  TYR A OH    1 
ATOM   667  N N     . SER A 1 92  ? -12.992 2.344   -13.416 1.00 61.32  ? 93  SER A N     1 
ATOM   668  C CA    . SER A 1 92  ? -12.260 3.487   -13.958 1.00 60.66  ? 93  SER A CA    1 
ATOM   669  C C     . SER A 1 92  ? -12.311 4.752   -13.105 1.00 58.45  ? 93  SER A C     1 
ATOM   670  O O     . SER A 1 92  ? -11.419 5.595   -13.188 1.00 50.65  ? 93  SER A O     1 
ATOM   671  C CB    . SER A 1 92  ? -12.771 3.816   -15.364 1.00 60.59  ? 93  SER A CB    1 
ATOM   672  O OG    . SER A 1 92  ? -12.502 2.763   -16.271 1.00 62.26  ? 93  SER A OG    1 
ATOM   673  N N     . GLU A 1 93  ? -13.343 4.893   -12.286 1.00 58.69  ? 94  GLU A N     1 
ATOM   674  C CA    . GLU A 1 93  ? -13.454 6.090   -11.468 1.00 64.93  ? 94  GLU A CA    1 
ATOM   675  C C     . GLU A 1 93  ? -13.403 5.786   -9.979  1.00 63.52  ? 94  GLU A C     1 
ATOM   676  O O     . GLU A 1 93  ? -14.255 6.244   -9.220  1.00 65.36  ? 94  GLU A O     1 
ATOM   677  C CB    . GLU A 1 93  ? -14.756 6.815   -11.802 1.00 73.10  ? 94  GLU A CB    1 
ATOM   678  C CG    . GLU A 1 93  ? -15.046 6.890   -13.287 1.00 81.92  ? 94  GLU A CG    1 
ATOM   679  C CD    . GLU A 1 93  ? -16.097 7.930   -13.616 1.00 87.86  ? 94  GLU A CD    1 
ATOM   680  O OE1   . GLU A 1 93  ? -17.163 7.935   -12.960 1.00 92.13  ? 94  GLU A OE1   1 
ATOM   681  O OE2   . GLU A 1 93  ? -15.855 8.743   -14.534 1.00 91.04  ? 94  GLU A OE2   1 
ATOM   682  N N     . THR A 1 94  ? -12.388 5.031   -9.571  1.00 55.38  ? 95  THR A N     1 
ATOM   683  C CA    . THR A 1 94  ? -12.206 4.629   -8.185  1.00 47.33  ? 95  THR A CA    1 
ATOM   684  C C     . THR A 1 94  ? -10.968 3.750   -8.163  1.00 45.08  ? 95  THR A C     1 
ATOM   685  O O     . THR A 1 94  ? -10.779 2.950   -7.256  1.00 45.85  ? 95  THR A O     1 
ATOM   686  C CB    . THR A 1 94  ? -13.410 3.790   -7.702  1.00 44.85  ? 95  THR A CB    1 
ATOM   687  O OG1   . THR A 1 94  ? -14.573 4.614   -7.632  1.00 41.50  ? 95  THR A OG1   1 
ATOM   688  C CG2   . THR A 1 94  ? -13.172 3.236   -6.342  1.00 46.97  ? 95  THR A CG2   1 
ATOM   689  N N     . PHE A 1 95  ? -10.114 3.909   -9.165  1.00 42.91  ? 96  PHE A N     1 
ATOM   690  C CA    . PHE A 1 95  ? -8.918  3.085   -9.262  1.00 43.11  ? 96  PHE A CA    1 
ATOM   691  C C     . PHE A 1 95  ? -7.952  3.135   -8.083  1.00 43.63  ? 96  PHE A C     1 
ATOM   692  O O     . PHE A 1 95  ? -7.266  4.133   -7.864  1.00 39.73  ? 96  PHE A O     1 
ATOM   693  C CB    . PHE A 1 95  ? -8.153  3.400   -10.545 1.00 42.30  ? 96  PHE A CB    1 
ATOM   694  C CG    . PHE A 1 95  ? -6.971  2.504   -10.773 1.00 43.69  ? 96  PHE A CG    1 
ATOM   695  C CD1   . PHE A 1 95  ? -7.094  1.125   -10.643 1.00 42.75  ? 96  PHE A CD1   1 
ATOM   696  C CD2   . PHE A 1 95  ? -5.734  3.036   -11.116 1.00 47.63  ? 96  PHE A CD2   1 
ATOM   697  C CE1   . PHE A 1 95  ? -6.003  0.293   -10.852 1.00 43.46  ? 96  PHE A CE1   1 
ATOM   698  C CE2   . PHE A 1 95  ? -4.636  2.210   -11.325 1.00 46.83  ? 96  PHE A CE2   1 
ATOM   699  C CZ    . PHE A 1 95  ? -4.770  0.841   -11.193 1.00 42.37  ? 96  PHE A CZ    1 
ATOM   700  N N     . ALA A 1 96  ? -7.910  2.033   -7.337  1.00 44.14  ? 97  ALA A N     1 
ATOM   701  C CA    . ALA A 1 96  ? -7.019  1.882   -6.199  1.00 40.87  ? 97  ALA A CA    1 
ATOM   702  C C     . ALA A 1 96  ? -7.073  3.055   -5.230  1.00 42.17  ? 97  ALA A C     1 
ATOM   703  O O     . ALA A 1 96  ? -6.047  3.670   -4.933  1.00 41.91  ? 97  ALA A O     1 
ATOM   704  C CB    . ALA A 1 96  ? -5.608  1.692   -6.705  1.00 37.67  ? 97  ALA A CB    1 
ATOM   705  N N     . GLU A 1 97  ? -8.262  3.360   -4.724  1.00 41.03  ? 98  GLU A N     1 
ATOM   706  C CA    . GLU A 1 97  ? -8.404  4.479   -3.802  1.00 38.70  ? 98  GLU A CA    1 
ATOM   707  C C     . GLU A 1 97  ? -8.175  4.132   -2.340  1.00 36.17  ? 98  GLU A C     1 
ATOM   708  O O     . GLU A 1 97  ? -7.932  5.025   -1.529  1.00 31.68  ? 98  GLU A O     1 
ATOM   709  C CB    . GLU A 1 97  ? -9.782  5.115   -3.945  1.00 41.63  ? 98  GLU A CB    1 
ATOM   710  C CG    . GLU A 1 97  ? -10.090 5.625   -5.325  1.00 43.03  ? 98  GLU A CG    1 
ATOM   711  C CD    . GLU A 1 97  ? -11.052 6.785   -5.285  1.00 42.91  ? 98  GLU A CD    1 
ATOM   712  O OE1   . GLU A 1 97  ? -11.958 6.775   -4.415  1.00 35.91  ? 98  GLU A OE1   1 
ATOM   713  O OE2   . GLU A 1 97  ? -10.896 7.698   -6.126  1.00 41.92  ? 98  GLU A OE2   1 
ATOM   714  N N     . GLY A 1 98  ? -8.266  2.848   -1.999  1.00 37.27  ? 99  GLY A N     1 
ATOM   715  C CA    . GLY A 1 98  ? -8.050  2.440   -0.620  1.00 32.09  ? 99  GLY A CA    1 
ATOM   716  C C     . GLY A 1 98  ? -6.866  3.175   -0.022  1.00 28.56  ? 99  GLY A C     1 
ATOM   717  O O     . GLY A 1 98  ? -6.994  3.868   0.990   1.00 26.83  ? 99  GLY A O     1 
ATOM   718  N N     . ILE A 1 99  ? -5.720  3.036   -0.682  1.00 24.23  ? 100 ILE A N     1 
ATOM   719  C CA    . ILE A 1 99  ? -4.473  3.664   -0.269  1.00 24.62  ? 100 ILE A CA    1 
ATOM   720  C C     . ILE A 1 99  ? -4.688  5.078   0.215   1.00 23.42  ? 100 ILE A C     1 
ATOM   721  O O     . ILE A 1 99  ? -4.131  5.493   1.228   1.00 22.95  ? 100 ILE A O     1 
ATOM   722  C CB    . ILE A 1 99  ? -3.465  3.704   -1.436  1.00 27.40  ? 100 ILE A CB    1 
ATOM   723  C CG1   . ILE A 1 99  ? -2.866  2.320   -1.655  1.00 30.77  ? 100 ILE A CG1   1 
ATOM   724  C CG2   . ILE A 1 99  ? -2.380  4.712   -1.159  1.00 31.81  ? 100 ILE A CG2   1 
ATOM   725  C CD1   . ILE A 1 99  ? -2.112  1.777   -0.467  1.00 38.30  ? 100 ILE A CD1   1 
ATOM   726  N N     . PHE A 1 100 ? -5.493  5.822   -0.528  1.00 28.81  ? 101 PHE A N     1 
ATOM   727  C CA    . PHE A 1 100 ? -5.774  7.203   -0.183  1.00 29.14  ? 101 PHE A CA    1 
ATOM   728  C C     . PHE A 1 100 ? -6.270  7.321   1.249   1.00 27.41  ? 101 PHE A C     1 
ATOM   729  O O     . PHE A 1 100 ? -5.858  8.219   1.980   1.00 26.03  ? 101 PHE A O     1 
ATOM   730  C CB    . PHE A 1 100 ? -6.817  7.799   -1.139  1.00 30.25  ? 101 PHE A CB    1 
ATOM   731  C CG    . PHE A 1 100 ? -7.282  9.169   -0.736  1.00 26.84  ? 101 PHE A CG    1 
ATOM   732  C CD1   . PHE A 1 100 ? -6.465  10.273  -0.930  1.00 20.32  ? 101 PHE A CD1   1 
ATOM   733  C CD2   . PHE A 1 100 ? -8.509  9.337   -0.087  1.00 26.50  ? 101 PHE A CD2   1 
ATOM   734  C CE1   . PHE A 1 100 ? -6.857  11.533  -0.476  1.00 28.45  ? 101 PHE A CE1   1 
ATOM   735  C CE2   . PHE A 1 100 ? -8.915  10.581  0.373   1.00 21.22  ? 101 PHE A CE2   1 
ATOM   736  C CZ    . PHE A 1 100 ? -8.091  11.684  0.182   1.00 27.53  ? 101 PHE A CZ    1 
ATOM   737  N N     . HIS A 1 101 ? -7.157  6.416   1.647   1.00 24.14  ? 102 HIS A N     1 
ATOM   738  C CA    . HIS A 1 101 ? -7.704  6.462   3.001   1.00 27.13  ? 102 HIS A CA    1 
ATOM   739  C C     . HIS A 1 101 ? -6.613  6.252   4.041   1.00 24.39  ? 102 HIS A C     1 
ATOM   740  O O     . HIS A 1 101 ? -6.598  6.913   5.076   1.00 21.70  ? 102 HIS A O     1 
ATOM   741  C CB    . HIS A 1 101 ? -8.822  5.429   3.148   1.00 28.52  ? 102 HIS A CB    1 
ATOM   742  C CG    . HIS A 1 101 ? -9.918  5.609   2.149   1.00 31.54  ? 102 HIS A CG    1 
ATOM   743  N ND1   . HIS A 1 101 ? -10.700 6.743   2.106   1.00 37.12  ? 102 HIS A ND1   1 
ATOM   744  C CD2   . HIS A 1 101 ? -10.309 4.841   1.105   1.00 34.01  ? 102 HIS A CD2   1 
ATOM   745  C CE1   . HIS A 1 101 ? -11.523 6.668   1.076   1.00 40.77  ? 102 HIS A CE1   1 
ATOM   746  N NE2   . HIS A 1 101 ? -11.305 5.524   0.452   1.00 42.02  ? 102 HIS A NE2   1 
ATOM   747  N N     . ILE A 1 102 ? -5.700  5.329   3.767   1.00 17.56  ? 103 ILE A N     1 
ATOM   748  C CA    . ILE A 1 102 ? -4.593  5.109   4.678   1.00 20.36  ? 103 ILE A CA    1 
ATOM   749  C C     . ILE A 1 102 ? -3.815  6.422   4.702   1.00 16.62  ? 103 ILE A C     1 
ATOM   750  O O     . ILE A 1 102 ? -3.442  6.921   5.759   1.00 21.75  ? 103 ILE A O     1 
ATOM   751  C CB    . ILE A 1 102 ? -3.653  4.024   4.163   1.00 16.81  ? 103 ILE A CB    1 
ATOM   752  C CG1   . ILE A 1 102 ? -4.434  2.738   3.965   1.00 18.28  ? 103 ILE A CG1   1 
ATOM   753  C CG2   . ILE A 1 102 ? -2.471  3.853   5.136   1.00 13.88  ? 103 ILE A CG2   1 
ATOM   754  C CD1   . ILE A 1 102 ? -3.618  1.621   3.373   1.00 27.42  ? 103 ILE A CD1   1 
ATOM   755  N N     . TYR A 1 103 ? -3.605  6.982   3.518   1.00 14.32  ? 104 TYR A N     1 
ATOM   756  C CA    . TYR A 1 103 ? -2.865  8.232   3.361   1.00 20.19  ? 104 TYR A CA    1 
ATOM   757  C C     . TYR A 1 103 ? -3.360  9.365   4.265   1.00 16.44  ? 104 TYR A C     1 
ATOM   758  O O     . TYR A 1 103 ? -2.576  10.191  4.714   1.00 14.40  ? 104 TYR A O     1 
ATOM   759  C CB    . TYR A 1 103 ? -2.916  8.683   1.893   1.00 23.34  ? 104 TYR A CB    1 
ATOM   760  C CG    . TYR A 1 103 ? -2.115  9.926   1.627   1.00 25.09  ? 104 TYR A CG    1 
ATOM   761  C CD1   . TYR A 1 103 ? -0.723  9.904   1.689   1.00 32.97  ? 104 TYR A CD1   1 
ATOM   762  C CD2   . TYR A 1 103 ? -2.745  11.132  1.352   1.00 27.40  ? 104 TYR A CD2   1 
ATOM   763  C CE1   . TYR A 1 103 ? 0.022   11.051  1.488   1.00 33.47  ? 104 TYR A CE1   1 
ATOM   764  C CE2   . TYR A 1 103 ? -2.012  12.289  1.150   1.00 26.14  ? 104 TYR A CE2   1 
ATOM   765  C CZ    . TYR A 1 103 ? -0.630  12.243  1.217   1.00 35.79  ? 104 TYR A CZ    1 
ATOM   766  O OH    . TYR A 1 103 ? 0.104   13.387  1.009   1.00 39.37  ? 104 TYR A OH    1 
ATOM   767  N N     . GLU A 1 104 ? -4.661  9.388   4.533   1.00 17.57  ? 105 GLU A N     1 
ATOM   768  C CA    . GLU A 1 104 ? -5.261  10.413  5.374   1.00 20.37  ? 105 GLU A CA    1 
ATOM   769  C C     . GLU A 1 104 ? -4.585  10.528  6.726   1.00 19.83  ? 105 GLU A C     1 
ATOM   770  O O     . GLU A 1 104 ? -4.554  11.597  7.330   1.00 16.87  ? 105 GLU A O     1 
ATOM   771  C CB    . GLU A 1 104 ? -6.754  10.140  5.553   1.00 19.92  ? 105 GLU A CB    1 
ATOM   772  C CG    . GLU A 1 104 ? -7.529  10.300  4.251   1.00 40.74  ? 105 GLU A CG    1 
ATOM   773  C CD    . GLU A 1 104 ? -7.369  11.689  3.629   1.00 47.11  ? 105 GLU A CD    1 
ATOM   774  O OE1   . GLU A 1 104 ? -6.218  12.154  3.458   1.00 50.90  ? 105 GLU A OE1   1 
ATOM   775  O OE2   . GLU A 1 104 ? -8.401  12.316  3.302   1.00 52.97  ? 105 GLU A OE2   1 
ATOM   776  N N     . LYS A 1 105 ? -4.037  9.426   7.210   1.00 20.35  ? 106 LYS A N     1 
ATOM   777  C CA    . LYS A 1 105 ? -3.359  9.486   8.488   1.00 20.94  ? 106 LYS A CA    1 
ATOM   778  C C     . LYS A 1 105 ? -1.854  9.341   8.283   1.00 18.84  ? 106 LYS A C     1 
ATOM   779  O O     . LYS A 1 105 ? -1.065  9.962   8.982   1.00 21.50  ? 106 LYS A O     1 
ATOM   780  C CB    . LYS A 1 105 ? -3.888  8.387   9.412   1.00 22.09  ? 106 LYS A CB    1 
ATOM   781  C CG    . LYS A 1 105 ? -5.415  8.343   9.507   1.00 19.09  ? 106 LYS A CG    1 
ATOM   782  C CD    . LYS A 1 105 ? -5.856  7.583   10.743  1.00 13.95  ? 106 LYS A CD    1 
ATOM   783  C CE    . LYS A 1 105 ? -7.378  7.562   10.863  1.00 22.49  ? 106 LYS A CE    1 
ATOM   784  N NZ    . LYS A 1 105 ? -7.847  7.018   12.165  1.00 19.18  ? 106 LYS A NZ    1 
ATOM   785  N N     . ALA A 1 106 ? -1.464  8.530   7.308   1.00 16.65  ? 107 ALA A N     1 
ATOM   786  C CA    . ALA A 1 106 ? -0.053  8.290   7.038   1.00 18.89  ? 107 ALA A CA    1 
ATOM   787  C C     . ALA A 1 106 ? 0.731   9.538   6.663   1.00 16.90  ? 107 ALA A C     1 
ATOM   788  O O     . ALA A 1 106 ? 1.930   9.600   6.911   1.00 20.61  ? 107 ALA A O     1 
ATOM   789  C CB    . ALA A 1 106 ? 0.104   7.230   5.951   1.00 12.81  ? 107 ALA A CB    1 
ATOM   790  N N     . LYS A 1 107 ? 0.063   10.529  6.078   1.00 17.42  ? 108 LYS A N     1 
ATOM   791  C CA    . LYS A 1 107 ? 0.745   11.758  5.675   1.00 19.76  ? 108 LYS A CA    1 
ATOM   792  C C     . LYS A 1 107 ? 1.417   12.445  6.871   1.00 20.86  ? 108 LYS A C     1 
ATOM   793  O O     . LYS A 1 107 ? 2.242   13.344  6.697   1.00 16.23  ? 108 LYS A O     1 
ATOM   794  C CB    . LYS A 1 107 ? -0.240  12.717  4.999   1.00 22.76  ? 108 LYS A CB    1 
ATOM   795  C CG    . LYS A 1 107 ? -1.307  13.268  5.935   1.00 29.88  ? 108 LYS A CG    1 
ATOM   796  C CD    . LYS A 1 107 ? -2.451  13.930  5.187   1.00 28.36  ? 108 LYS A CD    1 
ATOM   797  C CE    . LYS A 1 107 ? -3.556  14.342  6.157   1.00 31.33  ? 108 LYS A CE    1 
ATOM   798  N NZ    . LYS A 1 107 ? -4.859  14.568  5.469   1.00 26.27  ? 108 LYS A NZ    1 
ATOM   799  N N     . ALA A 1 108 ? 1.059   12.009  8.081   1.00 19.96  ? 109 ALA A N     1 
ATOM   800  C CA    . ALA A 1 108 ? 1.634   12.548  9.313   1.00 19.59  ? 109 ALA A CA    1 
ATOM   801  C C     . ALA A 1 108 ? 3.097   12.125  9.485   1.00 19.82  ? 109 ALA A C     1 
ATOM   802  O O     . ALA A 1 108 ? 3.852   12.785  10.184  1.00 24.09  ? 109 ALA A O     1 
ATOM   803  C CB    . ALA A 1 108 ? 0.822   12.088  10.513  1.00 22.57  ? 109 ALA A CB    1 
ATOM   804  N N     . GLY A 1 109 ? 3.483   11.020  8.852   1.00 16.83  ? 110 GLY A N     1 
ATOM   805  C CA    . GLY A 1 109 ? 4.850   10.545  8.939   1.00 16.30  ? 110 GLY A CA    1 
ATOM   806  C C     . GLY A 1 109 ? 5.549   10.804  7.623   1.00 20.90  ? 110 GLY A C     1 
ATOM   807  O O     . GLY A 1 109 ? 5.081   11.610  6.822   1.00 30.44  ? 110 GLY A O     1 
ATOM   808  N N     . LYS A 1 110 ? 6.662   10.130  7.377   1.00 18.23  ? 111 LYS A N     1 
ATOM   809  C CA    . LYS A 1 110 ? 7.376   10.330  6.127   1.00 20.99  ? 111 LYS A CA    1 
ATOM   810  C C     . LYS A 1 110 ? 6.953   9.316   5.055   1.00 23.41  ? 111 LYS A C     1 
ATOM   811  O O     . LYS A 1 110 ? 7.346   8.149   5.102   1.00 21.99  ? 111 LYS A O     1 
ATOM   812  C CB    . LYS A 1 110 ? 8.884   10.242  6.366   1.00 18.65  ? 111 LYS A CB    1 
ATOM   813  C CG    . LYS A 1 110 ? 9.720   10.344  5.097   1.00 28.63  ? 111 LYS A CG    1 
ATOM   814  C CD    . LYS A 1 110 ? 11.187  10.043  5.354   1.00 31.25  ? 111 LYS A CD    1 
ATOM   815  C CE    . LYS A 1 110 ? 11.988  10.064  4.060   1.00 38.86  ? 111 LYS A CE    1 
ATOM   816  N NZ    . LYS A 1 110 ? 13.412  9.616   4.226   1.00 34.98  ? 111 LYS A NZ    1 
ATOM   817  N N     . VAL A 1 111 ? 6.159   9.767   4.085   1.00 26.55  ? 112 VAL A N     1 
ATOM   818  C CA    . VAL A 1 111 ? 5.702   8.890   3.004   1.00 31.25  ? 112 VAL A CA    1 
ATOM   819  C C     . VAL A 1 111 ? 6.654   8.934   1.813   1.00 33.08  ? 112 VAL A C     1 
ATOM   820  O O     . VAL A 1 111 ? 7.132   9.996   1.425   1.00 39.93  ? 112 VAL A O     1 
ATOM   821  C CB    . VAL A 1 111 ? 4.290   9.270   2.517   1.00 28.64  ? 112 VAL A CB    1 
ATOM   822  C CG1   . VAL A 1 111 ? 3.897   8.401   1.320   1.00 27.25  ? 112 VAL A CG1   1 
ATOM   823  C CG2   . VAL A 1 111 ? 3.292   9.084   3.640   1.00 27.48  ? 112 VAL A CG2   1 
ATOM   824  N N     . VAL A 1 112 ? 6.922   7.772   1.237   1.00 31.20  ? 113 VAL A N     1 
ATOM   825  C CA    . VAL A 1 112 ? 7.830   7.681   0.105   1.00 33.42  ? 113 VAL A CA    1 
ATOM   826  C C     . VAL A 1 112 ? 7.373   6.570   -0.820  1.00 36.20  ? 113 VAL A C     1 
ATOM   827  O O     . VAL A 1 112 ? 6.717   5.620   -0.385  1.00 36.62  ? 113 VAL A O     1 
ATOM   828  C CB    . VAL A 1 112 ? 9.264   7.352   0.567   1.00 35.56  ? 113 VAL A CB    1 
ATOM   829  C CG1   . VAL A 1 112 ? 9.708   8.346   1.633   1.00 33.17  ? 113 VAL A CG1   1 
ATOM   830  C CG2   . VAL A 1 112 ? 9.323   5.923   1.114   1.00 38.06  ? 113 VAL A CG2   1 
ATOM   831  N N     . GLY A 1 113 ? 7.725   6.685   -2.095  1.00 34.84  ? 114 GLY A N     1 
ATOM   832  C CA    . GLY A 1 113 ? 7.334   5.665   -3.045  1.00 32.95  ? 114 GLY A CA    1 
ATOM   833  C C     . GLY A 1 113 ? 6.242   6.124   -3.987  1.00 34.34  ? 114 GLY A C     1 
ATOM   834  O O     . GLY A 1 113 ? 5.558   5.292   -4.599  1.00 28.56  ? 114 GLY A O     1 
ATOM   835  N N     . GLN A 1 114 ? 6.061   7.440   -4.090  1.00 35.53  ? 115 GLN A N     1 
ATOM   836  C CA    . GLN A 1 114 ? 5.058   8.005   -4.998  1.00 38.62  ? 115 GLN A CA    1 
ATOM   837  C C     . GLN A 1 114 ? 5.417   7.521   -6.398  1.00 37.07  ? 115 GLN A C     1 
ATOM   838  O O     . GLN A 1 114 ? 6.592   7.485   -6.764  1.00 32.24  ? 115 GLN A O     1 
ATOM   839  C CB    . GLN A 1 114 ? 5.073   9.539   -4.956  1.00 44.06  ? 115 GLN A CB    1 
ATOM   840  C CG    . GLN A 1 114 ? 4.608   10.134  -3.633  1.00 51.82  ? 115 GLN A CG    1 
ATOM   841  C CD    . GLN A 1 114 ? 5.693   10.135  -2.562  1.00 57.41  ? 115 GLN A CD    1 
ATOM   842  O OE1   . GLN A 1 114 ? 6.467   9.183   -2.434  1.00 58.19  ? 115 GLN A OE1   1 
ATOM   843  N NE2   . GLN A 1 114 ? 5.743   11.207  -1.778  1.00 60.46  ? 115 GLN A NE2   1 
ATOM   844  N N     . THR A 1 115 ? 4.413   7.139   -7.178  1.00 38.83  ? 116 THR A N     1 
ATOM   845  C CA    . THR A 1 115 ? 4.683   6.625   -8.510  1.00 39.46  ? 116 THR A CA    1 
ATOM   846  C C     . THR A 1 115 ? 3.982   7.379   -9.622  1.00 43.11  ? 116 THR A C     1 
ATOM   847  O O     . THR A 1 115 ? 2.922   7.977   -9.423  1.00 36.89  ? 116 THR A O     1 
ATOM   848  C CB    . THR A 1 115 ? 4.286   5.136   -8.626  1.00 35.59  ? 116 THR A CB    1 
ATOM   849  O OG1   . THR A 1 115 ? 2.863   5.015   -8.564  1.00 34.04  ? 116 THR A OG1   1 
ATOM   850  C CG2   . THR A 1 115 ? 4.904   4.328   -7.500  1.00 35.69  ? 116 THR A CG2   1 
ATOM   851  N N     . SER A 1 116 ? 4.592   7.329   -10.803 1.00 46.96  ? 117 SER A N     1 
ATOM   852  C CA    . SER A 1 116 ? 4.050   7.980   -11.982 1.00 51.13  ? 117 SER A CA    1 
ATOM   853  C C     . SER A 1 116 ? 2.765   7.277   -12.387 1.00 50.37  ? 117 SER A C     1 
ATOM   854  O O     . SER A 1 116 ? 2.539   6.124   -12.030 1.00 47.47  ? 117 SER A O     1 
ATOM   855  C CB    . SER A 1 116 ? 5.058   7.918   -13.132 1.00 52.41  ? 117 SER A CB    1 
ATOM   856  O OG    . SER A 1 116 ? 4.461   8.363   -14.339 1.00 55.60  ? 117 SER A OG    1 
ATOM   857  N N     . THR A 1 117 ? 1.932   7.981   -13.139 1.00 53.79  ? 118 THR A N     1 
ATOM   858  C CA    . THR A 1 117 ? 0.667   7.433   -13.595 1.00 58.13  ? 118 THR A CA    1 
ATOM   859  C C     . THR A 1 117 ? 0.769   6.887   -15.024 1.00 62.16  ? 118 THR A C     1 
ATOM   860  O O     . THR A 1 117 ? -0.240  6.554   -15.655 1.00 61.45  ? 118 THR A O     1 
ATOM   861  C CB    . THR A 1 117 ? -0.429  8.507   -13.521 1.00 57.83  ? 118 THR A CB    1 
ATOM   862  O OG1   . THR A 1 117 ? -1.647  7.994   -14.076 1.00 63.81  ? 118 THR A OG1   1 
ATOM   863  C CG2   . THR A 1 117 ? 0.003   9.754   -14.275 1.00 56.08  ? 118 THR A CG2   1 
ATOM   864  N N     . ASP A 1 118 ? 1.996   6.788   -15.527 1.00 66.28  ? 119 ASP A N     1 
ATOM   865  C CA    . ASP A 1 118 ? 2.238   6.279   -16.875 1.00 68.33  ? 119 ASP A CA    1 
ATOM   866  C C     . ASP A 1 118 ? 2.105   4.764   -16.924 1.00 67.37  ? 119 ASP A C     1 
ATOM   867  O O     . ASP A 1 118 ? 2.784   4.045   -16.189 1.00 65.81  ? 119 ASP A O     1 
ATOM   868  C CB    . ASP A 1 118 ? 3.637   6.669   -17.362 1.00 71.65  ? 119 ASP A CB    1 
ATOM   869  C CG    . ASP A 1 118 ? 3.787   8.160   -17.566 1.00 77.08  ? 119 ASP A CG    1 
ATOM   870  O OD1   . ASP A 1 118 ? 2.913   8.751   -18.235 1.00 80.56  ? 119 ASP A OD1   1 
ATOM   871  O OD2   . ASP A 1 118 ? 4.777   8.738   -17.067 1.00 78.34  ? 119 ASP A OD2   1 
ATOM   872  N N     . GLY A 1 119 ? 1.235   4.288   -17.808 1.00 66.01  ? 120 GLY A N     1 
ATOM   873  C CA    . GLY A 1 119 ? 1.026   2.861   -17.944 1.00 62.63  ? 120 GLY A CA    1 
ATOM   874  C C     . GLY A 1 119 ? -0.323  2.441   -17.398 1.00 61.55  ? 120 GLY A C     1 
ATOM   875  O O     . GLY A 1 119 ? -0.621  1.250   -17.308 1.00 63.13  ? 120 GLY A O     1 
ATOM   876  N N     . TYR A 1 120 ? -1.145  3.419   -17.030 1.00 57.87  ? 121 TYR A N     1 
ATOM   877  C CA    . TYR A 1 120 ? -2.464  3.127   -16.488 1.00 56.04  ? 121 TYR A CA    1 
ATOM   878  C C     . TYR A 1 120 ? -3.562  3.826   -17.275 1.00 56.59  ? 121 TYR A C     1 
ATOM   879  O O     . TYR A 1 120 ? -3.332  4.859   -17.903 1.00 55.34  ? 121 TYR A O     1 
ATOM   880  C CB    . TYR A 1 120 ? -2.551  3.557   -15.017 1.00 53.19  ? 121 TYR A CB    1 
ATOM   881  C CG    . TYR A 1 120 ? -1.538  2.898   -14.103 1.00 47.59  ? 121 TYR A CG    1 
ATOM   882  C CD1   . TYR A 1 120 ? -0.184  3.201   -14.203 1.00 45.40  ? 121 TYR A CD1   1 
ATOM   883  C CD2   . TYR A 1 120 ? -1.940  1.989   -13.122 1.00 45.56  ? 121 TYR A CD2   1 
ATOM   884  C CE1   . TYR A 1 120 ? 0.749   2.624   -13.344 1.00 47.71  ? 121 TYR A CE1   1 
ATOM   885  C CE2   . TYR A 1 120 ? -1.016  1.402   -12.258 1.00 42.71  ? 121 TYR A CE2   1 
ATOM   886  C CZ    . TYR A 1 120 ? 0.326   1.729   -12.372 1.00 45.93  ? 121 TYR A CZ    1 
ATOM   887  O OH    . TYR A 1 120 ? 1.250   1.198   -11.498 1.00 44.32  ? 121 TYR A OH    1 
ATOM   888  N N     . HIS A 1 121 ? -4.757  3.249   -17.234 1.00 57.02  ? 122 HIS A N     1 
ATOM   889  C CA    . HIS A 1 121 ? -5.911  3.811   -17.922 1.00 59.14  ? 122 HIS A CA    1 
ATOM   890  C C     . HIS A 1 121 ? -7.140  3.779   -17.013 1.00 56.99  ? 122 HIS A C     1 
ATOM   891  O O     . HIS A 1 121 ? -7.725  2.725   -16.761 1.00 52.77  ? 122 HIS A O     1 
ATOM   892  C CB    . HIS A 1 121 ? -6.186  3.059   -19.238 1.00 62.29  ? 122 HIS A CB    1 
ATOM   893  C CG    . HIS A 1 121 ? -6.154  1.564   -19.115 1.00 66.51  ? 122 HIS A CG    1 
ATOM   894  N ND1   . HIS A 1 121 ? -4.979  0.845   -19.056 1.00 68.90  ? 122 HIS A ND1   1 
ATOM   895  C CD2   . HIS A 1 121 ? -7.155  0.653   -19.052 1.00 66.24  ? 122 HIS A CD2   1 
ATOM   896  C CE1   . HIS A 1 121 ? -5.258  -0.444  -18.964 1.00 69.50  ? 122 HIS A CE1   1 
ATOM   897  N NE2   . HIS A 1 121 ? -6.571  -0.588  -18.959 1.00 66.94  ? 122 HIS A NE2   1 
ATOM   898  N N     . PHE A 1 122 ? -7.515  4.955   -16.521 1.00 58.18  ? 123 PHE A N     1 
ATOM   899  C CA    . PHE A 1 122 ? -8.654  5.101   -15.621 1.00 57.91  ? 123 PHE A CA    1 
ATOM   900  C C     . PHE A 1 122 ? -9.160  6.534   -15.704 1.00 59.91  ? 123 PHE A C     1 
ATOM   901  O O     . PHE A 1 122 ? -8.502  7.397   -16.283 1.00 58.26  ? 123 PHE A O     1 
ATOM   902  C CB    . PHE A 1 122 ? -8.230  4.803   -14.178 1.00 56.41  ? 123 PHE A CB    1 
ATOM   903  C CG    . PHE A 1 122 ? -7.176  5.743   -13.652 1.00 51.62  ? 123 PHE A CG    1 
ATOM   904  C CD1   . PHE A 1 122 ? -5.892  5.749   -14.197 1.00 49.28  ? 123 PHE A CD1   1 
ATOM   905  C CD2   . PHE A 1 122 ? -7.473  6.644   -12.635 1.00 51.65  ? 123 PHE A CD2   1 
ATOM   906  C CE1   . PHE A 1 122 ? -4.918  6.640   -13.736 1.00 48.56  ? 123 PHE A CE1   1 
ATOM   907  C CE2   . PHE A 1 122 ? -6.506  7.541   -12.167 1.00 52.33  ? 123 PHE A CE2   1 
ATOM   908  C CZ    . PHE A 1 122 ? -5.225  7.537   -12.721 1.00 44.34  ? 123 PHE A CZ    1 
ATOM   909  N N     . ALA A 1 123 ? -10.322 6.785   -15.108 1.00 62.79  ? 124 ALA A N     1 
ATOM   910  C CA    . ALA A 1 123 ? -10.912 8.117   -15.114 1.00 64.68  ? 124 ALA A CA    1 
ATOM   911  C C     . ALA A 1 123 ? -10.463 8.932   -13.903 1.00 66.46  ? 124 ALA A C     1 
ATOM   912  O O     . ALA A 1 123 ? -9.699  9.892   -14.037 1.00 69.31  ? 124 ALA A O     1 
ATOM   913  C CB    . ALA A 1 123 ? -12.437 8.013   -15.145 1.00 65.18  ? 124 ALA A CB    1 
ATOM   914  N N     . ALA A 1 124 ? -10.931 8.547   -12.719 1.00 66.08  ? 125 ALA A N     1 
ATOM   915  C CA    . ALA A 1 124 ? -10.573 9.265   -11.502 1.00 65.81  ? 125 ALA A CA    1 
ATOM   916  C C     . ALA A 1 124 ? -10.023 8.352   -10.414 1.00 64.12  ? 125 ALA A C     1 
ATOM   917  O O     . ALA A 1 124 ? -10.132 7.127   -10.501 1.00 64.36  ? 125 ALA A O     1 
ATOM   918  C CB    . ALA A 1 124 ? -11.784 10.023  -10.976 1.00 67.50  ? 125 ALA A CB    1 
ATOM   919  N N     . SER A 1 125 ? -9.435  8.969   -9.391  1.00 60.24  ? 126 SER A N     1 
ATOM   920  C CA    . SER A 1 125 ? -8.859  8.245   -8.259  1.00 54.09  ? 126 SER A CA    1 
ATOM   921  C C     . SER A 1 125 ? -8.249  9.208   -7.247  1.00 48.33  ? 126 SER A C     1 
ATOM   922  O O     . SER A 1 125 ? -7.284  9.916   -7.555  1.00 44.01  ? 126 SER A O     1 
ATOM   923  C CB    . SER A 1 125 ? -7.780  7.271   -8.740  1.00 55.20  ? 126 SER A CB    1 
ATOM   924  O OG    . SER A 1 125 ? -7.189  6.596   -7.646  1.00 51.17  ? 126 SER A OG    1 
ATOM   925  N N     . LYS A 1 126 ? -8.812  9.231   -6.042  1.00 42.10  ? 127 LYS A N     1 
ATOM   926  C CA    . LYS A 1 126 ? -8.308  10.101  -4.986  1.00 42.76  ? 127 LYS A CA    1 
ATOM   927  C C     . LYS A 1 126 ? -6.844  9.774   -4.682  1.00 36.75  ? 127 LYS A C     1 
ATOM   928  O O     . LYS A 1 126 ? -6.114  10.594  -4.125  1.00 35.15  ? 127 LYS A O     1 
ATOM   929  C CB    . LYS A 1 126 ? -9.138  9.933   -3.717  1.00 45.91  ? 127 LYS A CB    1 
ATOM   930  C CG    . LYS A 1 126 ? -10.598 10.320  -3.858  1.00 49.66  ? 127 LYS A CG    1 
ATOM   931  C CD    . LYS A 1 126 ? -11.323 10.051  -2.551  1.00 53.93  ? 127 LYS A CD    1 
ATOM   932  C CE    . LYS A 1 126 ? -12.823 10.193  -2.683  1.00 55.82  ? 127 LYS A CE    1 
ATOM   933  N NZ    . LYS A 1 126 ? -13.488 9.724   -1.430  1.00 58.85  ? 127 LYS A NZ    1 
ATOM   934  N N     . ALA A 1 127 ? -6.426  8.576   -5.068  1.00 26.87  ? 128 ALA A N     1 
ATOM   935  C CA    . ALA A 1 127 ? -5.069  8.127   -4.850  1.00 28.20  ? 128 ALA A CA    1 
ATOM   936  C C     . ALA A 1 127 ? -4.027  8.951   -5.616  1.00 33.44  ? 128 ALA A C     1 
ATOM   937  O O     . ALA A 1 127 ? -2.815  8.751   -5.448  1.00 33.62  ? 128 ALA A O     1 
ATOM   938  C CB    . ALA A 1 127 ? -4.958  6.657   -5.229  1.00 23.87  ? 128 ALA A CB    1 
ATOM   939  N N     . VAL A 1 128 ? -4.491  9.872   -6.457  1.00 37.41  ? 129 VAL A N     1 
ATOM   940  C CA    . VAL A 1 128 ? -3.579  10.711  -7.232  1.00 41.90  ? 129 VAL A CA    1 
ATOM   941  C C     . VAL A 1 128 ? -3.484  12.112  -6.636  1.00 47.15  ? 129 VAL A C     1 
ATOM   942  O O     . VAL A 1 128 ? -4.472  12.840  -6.579  1.00 50.98  ? 129 VAL A O     1 
ATOM   943  C CB    . VAL A 1 128 ? -4.038  10.830  -8.696  1.00 42.54  ? 129 VAL A CB    1 
ATOM   944  C CG1   . VAL A 1 128 ? -3.000  11.592  -9.505  1.00 40.77  ? 129 VAL A CG1   1 
ATOM   945  C CG2   . VAL A 1 128 ? -4.264  9.450   -9.281  1.00 42.22  ? 129 VAL A CG2   1 
ATOM   946  N N     . GLU A 1 129 ? -2.294  12.484  -6.188  1.00 49.25  ? 130 GLU A N     1 
ATOM   947  C CA    . GLU A 1 129 ? -2.077  13.799  -5.602  1.00 54.73  ? 130 GLU A CA    1 
ATOM   948  C C     . GLU A 1 129 ? -0.894  14.458  -6.303  1.00 55.90  ? 130 GLU A C     1 
ATOM   949  O O     . GLU A 1 129 ? 0.221   13.942  -6.275  1.00 56.19  ? 130 GLU A O     1 
ATOM   950  C CB    . GLU A 1 129 ? -1.809  13.658  -4.100  1.00 62.48  ? 130 GLU A CB    1 
ATOM   951  C CG    . GLU A 1 129 ? -1.444  14.951  -3.377  1.00 74.30  ? 130 GLU A CG    1 
ATOM   952  C CD    . GLU A 1 129 ? 0.061   15.118  -3.163  1.00 81.85  ? 130 GLU A CD    1 
ATOM   953  O OE1   . GLU A 1 129 ? 0.809   15.176  -4.164  1.00 83.33  ? 130 GLU A OE1   1 
ATOM   954  O OE2   . GLU A 1 129 ? 0.496   15.192  -1.989  1.00 83.45  ? 130 GLU A OE2   1 
ATOM   955  N N     . GLY A 1 130 ? -1.139  15.597  -6.941  1.00 57.19  ? 131 GLY A N     1 
ATOM   956  C CA    . GLY A 1 130 ? -0.069  16.285  -7.642  1.00 57.27  ? 131 GLY A CA    1 
ATOM   957  C C     . GLY A 1 130 ? 0.294   15.580  -8.935  1.00 57.44  ? 131 GLY A C     1 
ATOM   958  O O     . GLY A 1 130 ? 1.468   15.512  -9.310  1.00 57.86  ? 131 GLY A O     1 
ATOM   959  N N     . GLY A 1 131 ? -0.724  15.053  -9.614  1.00 56.78  ? 132 GLY A N     1 
ATOM   960  C CA    . GLY A 1 131 ? -0.511  14.344  -10.865 1.00 59.10  ? 132 GLY A CA    1 
ATOM   961  C C     . GLY A 1 131 ? 0.381   13.129  -10.698 1.00 59.89  ? 132 GLY A C     1 
ATOM   962  O O     . GLY A 1 131 ? 0.959   12.621  -11.662 1.00 60.22  ? 132 GLY A O     1 
ATOM   963  N N     . LYS A 1 132 ? 0.490   12.655  -9.464  1.00 60.21  ? 133 LYS A N     1 
ATOM   964  C CA    . LYS A 1 132 ? 1.324   11.501  -9.162  1.00 55.51  ? 133 LYS A CA    1 
ATOM   965  C C     . LYS A 1 132 ? 0.576   10.540  -8.234  1.00 49.89  ? 133 LYS A C     1 
ATOM   966  O O     . LYS A 1 132 ? -0.369  10.926  -7.542  1.00 49.34  ? 133 LYS A O     1 
ATOM   967  C CB    . LYS A 1 132 ? 2.625   11.968  -8.499  1.00 55.61  ? 133 LYS A CB    1 
ATOM   968  C CG    . LYS A 1 132 ? 3.694   10.904  -8.398  1.00 59.59  ? 133 LYS A CG    1 
ATOM   969  C CD    . LYS A 1 132 ? 4.449   10.761  -9.700  1.00 64.94  ? 133 LYS A CD    1 
ATOM   970  C CE    . LYS A 1 132 ? 5.388   11.935  -9.925  1.00 67.48  ? 133 LYS A CE    1 
ATOM   971  N NZ    . LYS A 1 132 ? 6.494   11.958  -8.924  1.00 67.30  ? 133 LYS A NZ    1 
ATOM   972  N N     . PHE A 1 133 ? 0.996   9.282   -8.244  1.00 47.01  ? 134 PHE A N     1 
ATOM   973  C CA    . PHE A 1 133 ? 0.397   8.255   -7.397  1.00 39.37  ? 134 PHE A CA    1 
ATOM   974  C C     . PHE A 1 133 ? 1.008   8.332   -6.006  1.00 35.19  ? 134 PHE A C     1 
ATOM   975  O O     . PHE A 1 133 ? 2.230   8.346   -5.861  1.00 33.47  ? 134 PHE A O     1 
ATOM   976  C CB    . PHE A 1 133 ? 0.666   6.873   -7.985  1.00 38.28  ? 134 PHE A CB    1 
ATOM   977  C CG    . PHE A 1 133 ? -0.431  6.360   -8.855  1.00 29.71  ? 134 PHE A CG    1 
ATOM   978  C CD1   . PHE A 1 133 ? -0.139  5.618   -9.989  1.00 27.33  ? 134 PHE A CD1   1 
ATOM   979  C CD2   . PHE A 1 133 ? -1.757  6.575   -8.520  1.00 29.12  ? 134 PHE A CD2   1 
ATOM   980  C CE1   . PHE A 1 133 ? -1.147  5.097   -10.773 1.00 23.85  ? 134 PHE A CE1   1 
ATOM   981  C CE2   . PHE A 1 133 ? -2.779  6.051   -9.305  1.00 26.42  ? 134 PHE A CE2   1 
ATOM   982  C CZ    . PHE A 1 133 ? -2.467  5.311   -10.430 1.00 24.65  ? 134 PHE A CZ    1 
ATOM   983  N N     . VAL A 1 134 ? 0.154   8.381   -4.989  1.00 32.85  ? 135 VAL A N     1 
ATOM   984  C CA    . VAL A 1 134 ? 0.609   8.452   -3.602  1.00 35.83  ? 135 VAL A CA    1 
ATOM   985  C C     . VAL A 1 134 ? 1.544   7.291   -3.207  1.00 35.76  ? 135 VAL A C     1 
ATOM   986  O O     . VAL A 1 134 ? 2.303   7.398   -2.248  1.00 36.06  ? 135 VAL A O     1 
ATOM   987  C CB    . VAL A 1 134 ? -0.611  8.505   -2.655  1.00 39.07  ? 135 VAL A CB    1 
ATOM   988  C CG1   . VAL A 1 134 ? -0.204  8.175   -1.240  1.00 41.27  ? 135 VAL A CG1   1 
ATOM   989  C CG2   . VAL A 1 134 ? -1.229  9.896   -2.706  1.00 39.15  ? 135 VAL A CG2   1 
ATOM   990  N N     . GLY A 1 135 ? 1.497   6.192   -3.957  1.00 33.03  ? 136 GLY A N     1 
ATOM   991  C CA    . GLY A 1 135 ? 2.351   5.049   -3.675  1.00 30.50  ? 136 GLY A CA    1 
ATOM   992  C C     . GLY A 1 135 ? 2.317   4.073   -4.834  1.00 33.63  ? 136 GLY A C     1 
ATOM   993  O O     . GLY A 1 135 ? 1.839   4.425   -5.907  1.00 38.23  ? 136 GLY A O     1 
ATOM   994  N N     . LEU A 1 136 ? 2.818   2.855   -4.641  1.00 30.82  ? 137 LEU A N     1 
ATOM   995  C CA    . LEU A 1 136 ? 2.809   1.868   -5.713  1.00 27.41  ? 137 LEU A CA    1 
ATOM   996  C C     . LEU A 1 136 ? 1.393   1.355   -5.951  1.00 27.65  ? 137 LEU A C     1 
ATOM   997  O O     . LEU A 1 136 ? 0.647   1.105   -5.006  1.00 27.10  ? 137 LEU A O     1 
ATOM   998  C CB    . LEU A 1 136 ? 3.721   0.693   -5.366  1.00 31.07  ? 137 LEU A CB    1 
ATOM   999  C CG    . LEU A 1 136 ? 3.876   -0.455  -6.379  1.00 32.06  ? 137 LEU A CG    1 
ATOM   1000 C CD1   . LEU A 1 136 ? 4.492   0.047   -7.682  1.00 20.78  ? 137 LEU A CD1   1 
ATOM   1001 C CD2   . LEU A 1 136 ? 4.764   -1.532  -5.772  1.00 26.39  ? 137 LEU A CD2   1 
ATOM   1002 N N     . VAL A 1 137 ? 1.019   1.225   -7.220  1.00 26.23  ? 138 VAL A N     1 
ATOM   1003 C CA    . VAL A 1 137 ? -0.302  0.714   -7.573  1.00 29.53  ? 138 VAL A CA    1 
ATOM   1004 C C     . VAL A 1 137 ? -0.172  -0.570  -8.380  1.00 29.44  ? 138 VAL A C     1 
ATOM   1005 O O     . VAL A 1 137 ? 0.635   -0.651  -9.304  1.00 30.19  ? 138 VAL A O     1 
ATOM   1006 C CB    . VAL A 1 137 ? -1.107  1.719   -8.401  1.00 29.88  ? 138 VAL A CB    1 
ATOM   1007 C CG1   . VAL A 1 137 ? -2.514  1.182   -8.628  1.00 28.59  ? 138 VAL A CG1   1 
ATOM   1008 C CG2   . VAL A 1 137 ? -1.158  3.057   -7.679  1.00 33.71  ? 138 VAL A CG2   1 
ATOM   1009 N N     . ILE A 1 138 ? -0.970  -1.574  -8.033  1.00 25.01  ? 139 ILE A N     1 
ATOM   1010 C CA    . ILE A 1 138 ? -0.909  -2.848  -8.730  1.00 29.35  ? 139 ILE A CA    1 
ATOM   1011 C C     . ILE A 1 138 ? -2.273  -3.280  -9.243  1.00 30.58  ? 139 ILE A C     1 
ATOM   1012 O O     . ILE A 1 138 ? -3.301  -3.043  -8.602  1.00 33.56  ? 139 ILE A O     1 
ATOM   1013 C CB    . ILE A 1 138 ? -0.350  -3.964  -7.808  1.00 28.94  ? 139 ILE A CB    1 
ATOM   1014 C CG1   . ILE A 1 138 ? 1.112   -3.678  -7.455  1.00 31.73  ? 139 ILE A CG1   1 
ATOM   1015 C CG2   . ILE A 1 138 ? -0.480  -5.317  -8.484  1.00 28.17  ? 139 ILE A CG2   1 
ATOM   1016 C CD1   . ILE A 1 138 ? 2.085   -3.838  -8.610  1.00 37.31  ? 139 ILE A CD1   1 
ATOM   1017 N N     . ASP A 1 139 ? -2.268  -3.917  -10.405 1.00 25.76  ? 140 ASP A N     1 
ATOM   1018 C CA    . ASP A 1 139 ? -3.491  -4.398  -11.024 1.00 31.27  ? 140 ASP A CA    1 
ATOM   1019 C C     . ASP A 1 139 ? -3.262  -5.876  -11.306 1.00 32.67  ? 140 ASP A C     1 
ATOM   1020 O O     . ASP A 1 139 ? -2.494  -6.221  -12.203 1.00 35.05  ? 140 ASP A O     1 
ATOM   1021 C CB    . ASP A 1 139 ? -3.732  -3.666  -12.345 1.00 33.50  ? 140 ASP A CB    1 
ATOM   1022 C CG    . ASP A 1 139 ? -5.187  -3.660  -12.756 1.00 38.00  ? 140 ASP A CG    1 
ATOM   1023 O OD1   . ASP A 1 139 ? -5.933  -4.582  -12.363 1.00 37.88  ? 140 ASP A OD1   1 
ATOM   1024 O OD2   . ASP A 1 139 ? -5.584  -2.727  -13.483 1.00 37.92  ? 140 ASP A OD2   1 
ATOM   1025 N N     . GLU A 1 140 ? -3.907  -6.746  -10.537 1.00 33.31  ? 141 GLU A N     1 
ATOM   1026 C CA    . GLU A 1 140 ? -3.742  -8.178  -10.735 1.00 37.00  ? 141 GLU A CA    1 
ATOM   1027 C C     . GLU A 1 140 ? -4.865  -8.775  -11.568 1.00 38.70  ? 141 GLU A C     1 
ATOM   1028 O O     . GLU A 1 140 ? -4.789  -9.927  -11.998 1.00 42.96  ? 141 GLU A O     1 
ATOM   1029 C CB    . GLU A 1 140 ? -3.647  -8.900  -9.388  1.00 34.17  ? 141 GLU A CB    1 
ATOM   1030 C CG    . GLU A 1 140 ? -2.335  -8.668  -8.654  1.00 35.60  ? 141 GLU A CG    1 
ATOM   1031 C CD    . GLU A 1 140 ? -1.132  -8.713  -9.586  1.00 36.70  ? 141 GLU A CD    1 
ATOM   1032 O OE1   . GLU A 1 140 ? -0.912  -7.726  -10.316 1.00 40.64  ? 141 GLU A OE1   1 
ATOM   1033 O OE2   . GLU A 1 140 ? -0.413  -9.729  -9.601  1.00 19.59  ? 141 GLU A OE2   1 
ATOM   1034 N N     . ASP A 1 141 ? -5.908  -7.989  -11.796 1.00 39.53  ? 142 ASP A N     1 
ATOM   1035 C CA    . ASP A 1 141 ? -7.035  -8.445  -12.592 1.00 43.44  ? 142 ASP A CA    1 
ATOM   1036 C C     . ASP A 1 141 ? -6.832  -8.025  -14.044 1.00 44.41  ? 142 ASP A C     1 
ATOM   1037 O O     . ASP A 1 141 ? -7.419  -8.608  -14.952 1.00 48.12  ? 142 ASP A O     1 
ATOM   1038 C CB    . ASP A 1 141 ? -8.334  -7.830  -12.076 1.00 47.31  ? 142 ASP A CB    1 
ATOM   1039 C CG    . ASP A 1 141 ? -8.538  -8.058  -10.593 1.00 56.06  ? 142 ASP A CG    1 
ATOM   1040 O OD1   . ASP A 1 141 ? -8.967  -9.169  -10.198 1.00 53.81  ? 142 ASP A OD1   1 
ATOM   1041 O OD2   . ASP A 1 141 ? -8.258  -7.114  -9.822  1.00 58.87  ? 142 ASP A OD2   1 
ATOM   1042 N N     . ASN A 1 142 ? -5.990  -7.018  -14.260 1.00 42.12  ? 143 ASN A N     1 
ATOM   1043 C CA    . ASN A 1 142 ? -5.763  -6.525  -15.604 1.00 43.21  ? 143 ASN A CA    1 
ATOM   1044 C C     . ASN A 1 142 ? -4.313  -6.420  -16.029 1.00 46.28  ? 143 ASN A C     1 
ATOM   1045 O O     . ASN A 1 142 ? -4.013  -6.567  -17.207 1.00 50.18  ? 143 ASN A O     1 
ATOM   1046 C CB    . ASN A 1 142 ? -6.428  -5.162  -15.769 1.00 43.73  ? 143 ASN A CB    1 
ATOM   1047 C CG    . ASN A 1 142 ? -7.884  -5.179  -15.358 1.00 48.68  ? 143 ASN A CG    1 
ATOM   1048 O OD1   . ASN A 1 142 ? -8.634  -6.083  -15.728 1.00 47.60  ? 143 ASN A OD1   1 
ATOM   1049 N ND2   . ASN A 1 142 ? -8.294  -4.176  -14.591 1.00 50.89  ? 143 ASN A ND2   1 
ATOM   1050 N N     . GLN A 1 143 ? -3.409  -6.166  -15.091 1.00 49.40  ? 144 GLN A N     1 
ATOM   1051 C CA    . GLN A 1 143 ? -2.004  -6.037  -15.459 1.00 51.93  ? 144 GLN A CA    1 
ATOM   1052 C C     . GLN A 1 143 ? -1.024  -6.902  -14.669 1.00 50.97  ? 144 GLN A C     1 
ATOM   1053 O O     . GLN A 1 143 ? 0.065   -6.446  -14.311 1.00 48.42  ? 144 GLN A O     1 
ATOM   1054 C CB    . GLN A 1 143 ? -1.579  -4.574  -15.361 1.00 57.27  ? 144 GLN A CB    1 
ATOM   1055 C CG    . GLN A 1 143 ? -2.414  -3.635  -16.213 1.00 63.60  ? 144 GLN A CG    1 
ATOM   1056 C CD    . GLN A 1 143 ? -1.989  -2.190  -16.067 1.00 64.99  ? 144 GLN A CD    1 
ATOM   1057 O OE1   . GLN A 1 143 ? -1.950  -1.649  -14.959 1.00 64.41  ? 144 GLN A OE1   1 
ATOM   1058 N NE2   . GLN A 1 143 ? -1.670  -1.551  -17.186 1.00 66.41  ? 144 GLN A NE2   1 
ATOM   1059 N N     . ASP A 1 144 ? -1.402  -8.152  -14.419 1.00 49.60  ? 145 ASP A N     1 
ATOM   1060 C CA    . ASP A 1 144 ? -0.538  -9.068  -13.681 1.00 49.02  ? 145 ASP A CA    1 
ATOM   1061 C C     . ASP A 1 144 ? 0.830   -9.192  -14.348 1.00 46.06  ? 145 ASP A C     1 
ATOM   1062 O O     . ASP A 1 144 ? 1.826   -9.473  -13.685 1.00 44.60  ? 145 ASP A O     1 
ATOM   1063 C CB    . ASP A 1 144 ? -1.197  -10.452 -13.579 1.00 54.63  ? 145 ASP A CB    1 
ATOM   1064 C CG    . ASP A 1 144 ? -0.301  -11.486 -12.898 1.00 59.59  ? 145 ASP A CG    1 
ATOM   1065 O OD1   . ASP A 1 144 ? 0.649   -11.990 -13.542 1.00 59.18  ? 145 ASP A OD1   1 
ATOM   1066 O OD2   . ASP A 1 144 ? -0.545  -11.790 -11.710 1.00 62.08  ? 145 ASP A OD2   1 
ATOM   1067 N N     . ASP A 1 145 ? 0.877   -8.961  -15.656 1.00 46.90  ? 146 ASP A N     1 
ATOM   1068 C CA    . ASP A 1 145 ? 2.122   -9.078  -16.410 1.00 48.49  ? 146 ASP A CA    1 
ATOM   1069 C C     . ASP A 1 145 ? 3.134   -7.969  -16.171 1.00 47.59  ? 146 ASP A C     1 
ATOM   1070 O O     . ASP A 1 145 ? 4.249   -8.028  -16.685 1.00 47.17  ? 146 ASP A O     1 
ATOM   1071 C CB    . ASP A 1 145 ? 1.818   -9.167  -17.910 1.00 54.15  ? 146 ASP A CB    1 
ATOM   1072 C CG    . ASP A 1 145 ? 0.898   -8.054  -18.391 1.00 60.68  ? 146 ASP A CG    1 
ATOM   1073 O OD1   . ASP A 1 145 ? -0.269  -8.012  -17.945 1.00 61.63  ? 146 ASP A OD1   1 
ATOM   1074 O OD2   . ASP A 1 145 ? 1.341   -7.224  -19.213 1.00 62.38  ? 146 ASP A OD2   1 
ATOM   1075 N N     . LEU A 1 146 ? 2.759   -6.966  -15.384 1.00 47.12  ? 147 LEU A N     1 
ATOM   1076 C CA    . LEU A 1 146 ? 3.656   -5.843  -15.115 1.00 46.91  ? 147 LEU A CA    1 
ATOM   1077 C C     . LEU A 1 146 ? 4.061   -5.703  -13.649 1.00 43.14  ? 147 LEU A C     1 
ATOM   1078 O O     . LEU A 1 146 ? 4.926   -4.897  -13.298 1.00 43.02  ? 147 LEU A O     1 
ATOM   1079 C CB    . LEU A 1 146 ? 2.998   -4.553  -15.594 1.00 50.15  ? 147 LEU A CB    1 
ATOM   1080 C CG    . LEU A 1 146 ? 2.721   -4.547  -17.100 1.00 52.04  ? 147 LEU A CG    1 
ATOM   1081 C CD1   . LEU A 1 146 ? 1.754   -3.430  -17.447 1.00 52.29  ? 147 LEU A CD1   1 
ATOM   1082 C CD2   . LEU A 1 146 ? 4.036   -4.399  -17.850 1.00 47.62  ? 147 LEU A CD2   1 
ATOM   1083 N N     . THR A 1 147 ? 3.437   -6.509  -12.803 1.00 36.90  ? 148 THR A N     1 
ATOM   1084 C CA    . THR A 1 147 ? 3.698   -6.489  -11.378 1.00 33.18  ? 148 THR A CA    1 
ATOM   1085 C C     . THR A 1 147 ? 5.146   -6.714  -10.997 1.00 33.32  ? 148 THR A C     1 
ATOM   1086 O O     . THR A 1 147 ? 5.762   -5.856  -10.377 1.00 34.48  ? 148 THR A O     1 
ATOM   1087 C CB    . THR A 1 147 ? 2.853   -7.544  -10.669 1.00 31.10  ? 148 THR A CB    1 
ATOM   1088 O OG1   . THR A 1 147 ? 1.477   -7.344  -11.006 1.00 27.91  ? 148 THR A OG1   1 
ATOM   1089 C CG2   . THR A 1 147 ? 3.040   -7.449  -9.168  1.00 29.91  ? 148 THR A CG2   1 
ATOM   1090 N N     . ASP A 1 148 ? 5.680   -7.872  -11.367 1.00 38.17  ? 149 ASP A N     1 
ATOM   1091 C CA    . ASP A 1 148 ? 7.052   -8.233  -11.032 1.00 40.19  ? 149 ASP A CA    1 
ATOM   1092 C C     . ASP A 1 148 ? 8.087   -7.182  -11.373 1.00 43.04  ? 149 ASP A C     1 
ATOM   1093 O O     . ASP A 1 148 ? 9.083   -7.047  -10.664 1.00 44.00  ? 149 ASP A O     1 
ATOM   1094 C CB    . ASP A 1 148 ? 7.433   -9.552  -11.696 1.00 45.50  ? 149 ASP A CB    1 
ATOM   1095 C CG    . ASP A 1 148 ? 6.683   -10.730 -11.111 1.00 50.89  ? 149 ASP A CG    1 
ATOM   1096 O OD1   . ASP A 1 148 ? 6.774   -10.935 -9.880  1.00 49.61  ? 149 ASP A OD1   1 
ATOM   1097 O OD2   . ASP A 1 148 ? 6.003   -11.447 -11.878 1.00 53.62  ? 149 ASP A OD2   1 
ATOM   1098 N N     . GLU A 1 149 ? 7.864   -6.434  -12.447 1.00 43.34  ? 150 GLU A N     1 
ATOM   1099 C CA    . GLU A 1 149 ? 8.826   -5.409  -12.815 1.00 45.32  ? 150 GLU A CA    1 
ATOM   1100 C C     . GLU A 1 149 ? 8.567   -4.130  -12.021 1.00 42.43  ? 150 GLU A C     1 
ATOM   1101 O O     . GLU A 1 149 ? 9.508   -3.448  -11.610 1.00 37.87  ? 150 GLU A O     1 
ATOM   1102 C CB    . GLU A 1 149 ? 8.766   -5.107  -14.313 1.00 53.17  ? 150 GLU A CB    1 
ATOM   1103 C CG    . GLU A 1 149 ? 7.680   -4.128  -14.704 1.00 68.51  ? 150 GLU A CG    1 
ATOM   1104 C CD    . GLU A 1 149 ? 7.879   -3.577  -16.101 1.00 76.52  ? 150 GLU A CD    1 
ATOM   1105 O OE1   . GLU A 1 149 ? 8.993   -3.086  -16.398 1.00 78.09  ? 150 GLU A OE1   1 
ATOM   1106 O OE2   . GLU A 1 149 ? 6.920   -3.629  -16.898 1.00 82.48  ? 150 GLU A OE2   1 
ATOM   1107 N N     . ARG A 1 150 ? 7.289   -3.808  -11.809 1.00 37.36  ? 151 ARG A N     1 
ATOM   1108 C CA    . ARG A 1 150 ? 6.918   -2.611  -11.056 1.00 32.63  ? 151 ARG A CA    1 
ATOM   1109 C C     . ARG A 1 150 ? 7.423   -2.663  -9.619  1.00 30.56  ? 151 ARG A C     1 
ATOM   1110 O O     . ARG A 1 150 ? 7.995   -1.689  -9.110  1.00 27.28  ? 151 ARG A O     1 
ATOM   1111 C CB    . ARG A 1 150 ? 5.405   -2.431  -11.064 1.00 33.37  ? 151 ARG A CB    1 
ATOM   1112 C CG    . ARG A 1 150 ? 4.881   -1.821  -12.332 1.00 27.82  ? 151 ARG A CG    1 
ATOM   1113 C CD    . ARG A 1 150 ? 3.382   -1.879  -12.363 1.00 30.82  ? 151 ARG A CD    1 
ATOM   1114 N NE    . ARG A 1 150 ? 2.837   -1.273  -13.572 1.00 34.56  ? 151 ARG A NE    1 
ATOM   1115 C CZ    . ARG A 1 150 ? 1.557   -1.344  -13.924 1.00 43.12  ? 151 ARG A CZ    1 
ATOM   1116 N NH1   . ARG A 1 150 ? 0.692   -1.999  -13.160 1.00 41.08  ? 151 ARG A NH1   1 
ATOM   1117 N NH2   . ARG A 1 150 ? 1.140   -0.752  -15.038 1.00 48.75  ? 151 ARG A NH2   1 
ATOM   1118 N N     . ILE A 1 151 ? 7.211   -3.803  -8.968  1.00 29.01  ? 152 ILE A N     1 
ATOM   1119 C CA    . ILE A 1 151 ? 7.664   -3.992  -7.594  1.00 24.95  ? 152 ILE A CA    1 
ATOM   1120 C C     . ILE A 1 151 ? 9.176   -3.812  -7.585  1.00 24.16  ? 152 ILE A C     1 
ATOM   1121 O O     . ILE A 1 151 ? 9.740   -3.186  -6.688  1.00 24.36  ? 152 ILE A O     1 
ATOM   1122 C CB    . ILE A 1 151 ? 7.314   -5.409  -7.079  1.00 21.87  ? 152 ILE A CB    1 
ATOM   1123 C CG1   . ILE A 1 151 ? 5.794   -5.548  -6.930  1.00 17.48  ? 152 ILE A CG1   1 
ATOM   1124 C CG2   . ILE A 1 151 ? 8.019   -5.676  -5.759  1.00 20.16  ? 152 ILE A CG2   1 
ATOM   1125 C CD1   . ILE A 1 151 ? 5.360   -6.871  -6.348  1.00 16.31  ? 152 ILE A CD1   1 
ATOM   1126 N N     . ALA A 1 152 ? 9.822   -4.362  -8.605  1.00 25.42  ? 153 ALA A N     1 
ATOM   1127 C CA    . ALA A 1 152 ? 11.273  -4.279  -8.748  1.00 33.82  ? 153 ALA A CA    1 
ATOM   1128 C C     . ALA A 1 152 ? 11.760  -2.838  -8.857  1.00 32.05  ? 153 ALA A C     1 
ATOM   1129 O O     . ALA A 1 152 ? 12.699  -2.440  -8.172  1.00 30.30  ? 153 ALA A O     1 
ATOM   1130 C CB    . ALA A 1 152 ? 11.720  -5.073  -9.981  1.00 37.27  ? 153 ALA A CB    1 
ATOM   1131 N N     . LYS A 1 153 ? 11.128  -2.061  -9.729  1.00 34.50  ? 154 LYS A N     1 
ATOM   1132 C CA    . LYS A 1 153 ? 11.516  -0.669  -9.898  1.00 37.26  ? 154 LYS A CA    1 
ATOM   1133 C C     . LYS A 1 153 ? 11.224  0.110   -8.630  1.00 35.06  ? 154 LYS A C     1 
ATOM   1134 O O     . LYS A 1 153 ? 12.023  0.949   -8.224  1.00 36.68  ? 154 LYS A O     1 
ATOM   1135 C CB    . LYS A 1 153 ? 10.778  -0.045  -11.087 1.00 40.06  ? 154 LYS A CB    1 
ATOM   1136 C CG    . LYS A 1 153 ? 11.195  -0.642  -12.424 1.00 54.93  ? 154 LYS A CG    1 
ATOM   1137 C CD    . LYS A 1 153 ? 10.535  0.051   -13.612 1.00 60.94  ? 154 LYS A CD    1 
ATOM   1138 C CE    . LYS A 1 153 ? 11.014  -0.563  -14.933 1.00 65.13  ? 154 LYS A CE    1 
ATOM   1139 N NZ    . LYS A 1 153 ? 10.464  0.127   -16.137 1.00 64.24  ? 154 LYS A NZ    1 
ATOM   1140 N N     . TRP A 1 154 ? 10.082  -0.177  -8.004  1.00 36.75  ? 155 TRP A N     1 
ATOM   1141 C CA    . TRP A 1 154 ? 9.673   0.500   -6.772  1.00 34.93  ? 155 TRP A CA    1 
ATOM   1142 C C     . TRP A 1 154 ? 10.665  0.232   -5.646  1.00 32.73  ? 155 TRP A C     1 
ATOM   1143 O O     . TRP A 1 154 ? 11.137  1.153   -4.980  1.00 32.01  ? 155 TRP A O     1 
ATOM   1144 C CB    . TRP A 1 154 ? 8.287   0.027   -6.335  1.00 32.60  ? 155 TRP A CB    1 
ATOM   1145 C CG    . TRP A 1 154 ? 7.630   0.927   -5.319  1.00 31.95  ? 155 TRP A CG    1 
ATOM   1146 C CD1   . TRP A 1 154 ? 7.109   2.164   -5.544  1.00 32.14  ? 155 TRP A CD1   1 
ATOM   1147 C CD2   . TRP A 1 154 ? 7.363   0.623   -3.941  1.00 32.07  ? 155 TRP A CD2   1 
ATOM   1148 N NE1   . TRP A 1 154 ? 6.522   2.651   -4.400  1.00 31.65  ? 155 TRP A NE1   1 
ATOM   1149 C CE2   . TRP A 1 154 ? 6.662   1.726   -3.399  1.00 32.90  ? 155 TRP A CE2   1 
ATOM   1150 C CE3   . TRP A 1 154 ? 7.640   -0.474  -3.114  1.00 28.44  ? 155 TRP A CE3   1 
ATOM   1151 C CZ2   . TRP A 1 154 ? 6.231   1.761   -2.064  1.00 27.89  ? 155 TRP A CZ2   1 
ATOM   1152 C CZ3   . TRP A 1 154 ? 7.209   -0.438  -1.781  1.00 26.43  ? 155 TRP A CZ3   1 
ATOM   1153 C CH2   . TRP A 1 154 ? 6.513   0.672   -1.275  1.00 24.68  ? 155 TRP A CH2   1 
ATOM   1154 N N     . VAL A 1 155 ? 10.964  -1.040  -5.420  1.00 34.04  ? 156 VAL A N     1 
ATOM   1155 C CA    . VAL A 1 155 ? 11.909  -1.413  -4.387  1.00 36.28  ? 156 VAL A CA    1 
ATOM   1156 C C     . VAL A 1 155 ? 13.193  -0.645  -4.627  1.00 41.70  ? 156 VAL A C     1 
ATOM   1157 O O     . VAL A 1 155 ? 13.811  -0.160  -3.685  1.00 44.32  ? 156 VAL A O     1 
ATOM   1158 C CB    . VAL A 1 155 ? 12.201  -2.911  -4.435  1.00 32.24  ? 156 VAL A CB    1 
ATOM   1159 C CG1   . VAL A 1 155 ? 13.312  -3.261  -3.467  1.00 27.10  ? 156 VAL A CG1   1 
ATOM   1160 C CG2   . VAL A 1 155 ? 10.937  -3.667  -4.103  1.00 31.22  ? 156 VAL A CG2   1 
ATOM   1161 N N     . GLU A 1 156 ? 13.578  -0.532  -5.896  1.00 42.46  ? 157 GLU A N     1 
ATOM   1162 C CA    . GLU A 1 156 ? 14.784  0.191   -6.290  1.00 48.77  ? 157 GLU A CA    1 
ATOM   1163 C C     . GLU A 1 156 ? 14.720  1.660   -5.866  1.00 48.81  ? 157 GLU A C     1 
ATOM   1164 O O     . GLU A 1 156 ? 15.640  2.171   -5.228  1.00 52.40  ? 157 GLU A O     1 
ATOM   1165 C CB    . GLU A 1 156 ? 14.981  0.119   -7.813  1.00 51.41  ? 157 GLU A CB    1 
ATOM   1166 C CG    . GLU A 1 156 ? 15.577  -1.182  -8.333  1.00 57.92  ? 157 GLU A CG    1 
ATOM   1167 C CD    . GLU A 1 156 ? 16.984  -1.431  -7.813  1.00 61.78  ? 157 GLU A CD    1 
ATOM   1168 O OE1   . GLU A 1 156 ? 17.837  -0.523  -7.930  1.00 61.27  ? 157 GLU A OE1   1 
ATOM   1169 O OE2   . GLU A 1 156 ? 17.239  -2.537  -7.290  1.00 65.37  ? 157 GLU A OE2   1 
ATOM   1170 N N     . GLN A 1 157 ? 13.630  2.327   -6.233  1.00 46.62  ? 158 GLN A N     1 
ATOM   1171 C CA    . GLN A 1 157 ? 13.418  3.735   -5.914  1.00 45.18  ? 158 GLN A CA    1 
ATOM   1172 C C     . GLN A 1 157 ? 13.398  4.025   -4.416  1.00 44.44  ? 158 GLN A C     1 
ATOM   1173 O O     . GLN A 1 157 ? 14.137  4.878   -3.919  1.00 40.14  ? 158 GLN A O     1 
ATOM   1174 C CB    . GLN A 1 157 ? 12.100  4.196   -6.545  1.00 48.35  ? 158 GLN A CB    1 
ATOM   1175 C CG    . GLN A 1 157 ? 11.410  5.359   -5.839  1.00 52.12  ? 158 GLN A CG    1 
ATOM   1176 C CD    . GLN A 1 157 ? 9.990   5.589   -6.347  1.00 57.07  ? 158 GLN A CD    1 
ATOM   1177 O OE1   . GLN A 1 157 ? 9.219   6.351   -5.752  1.00 55.26  ? 158 GLN A OE1   1 
ATOM   1178 N NE2   . GLN A 1 157 ? 9.639   4.931   -7.455  1.00 55.25  ? 158 GLN A NE2   1 
ATOM   1179 N N     . VAL A 1 158 ? 12.553  3.292   -3.704  1.00 45.70  ? 159 VAL A N     1 
ATOM   1180 C CA    . VAL A 1 158 ? 12.384  3.469   -2.271  1.00 48.20  ? 159 VAL A CA    1 
ATOM   1181 C C     . VAL A 1 158 ? 13.424  2.756   -1.417  1.00 48.91  ? 159 VAL A C     1 
ATOM   1182 O O     . VAL A 1 158 ? 13.557  3.042   -0.224  1.00 50.41  ? 159 VAL A O     1 
ATOM   1183 C CB    . VAL A 1 158 ? 10.998  2.975   -1.840  1.00 50.58  ? 159 VAL A CB    1 
ATOM   1184 C CG1   . VAL A 1 158 ? 10.708  3.425   -0.439  1.00 57.80  ? 159 VAL A CG1   1 
ATOM   1185 C CG2   . VAL A 1 158 ? 9.939   3.493   -2.795  1.00 53.52  ? 159 VAL A CG2   1 
ATOM   1186 N N     . ARG A 1 159 ? 14.151  1.823   -2.019  1.00 51.19  ? 160 ARG A N     1 
ATOM   1187 C CA    . ARG A 1 159 ? 15.166  1.058   -1.299  1.00 58.42  ? 160 ARG A CA    1 
ATOM   1188 C C     . ARG A 1 159 ? 15.949  1.919   -0.311  1.00 59.60  ? 160 ARG A C     1 
ATOM   1189 O O     . ARG A 1 159 ? 15.951  1.653   0.896   1.00 56.17  ? 160 ARG A O     1 
ATOM   1190 C CB    . ARG A 1 159 ? 16.125  0.402   -2.300  1.00 63.62  ? 160 ARG A CB    1 
ATOM   1191 C CG    . ARG A 1 159 ? 17.163  -0.532  -1.694  1.00 75.59  ? 160 ARG A CG    1 
ATOM   1192 C CD    . ARG A 1 159 ? 18.421  0.224   -1.304  1.00 86.12  ? 160 ARG A CD    1 
ATOM   1193 N NE    . ARG A 1 159 ? 19.479  -0.666  -0.833  1.00 93.13  ? 160 ARG A NE    1 
ATOM   1194 C CZ    . ARG A 1 159 ? 20.724  -0.274  -0.579  1.00 97.85  ? 160 ARG A CZ    1 
ATOM   1195 N NH1   . ARG A 1 159 ? 21.069  0.996   -0.752  1.00 98.90  ? 160 ARG A NH1   1 
ATOM   1196 N NH2   . ARG A 1 159 ? 21.626  -1.149  -0.152  1.00 100.18 ? 160 ARG A NH2   1 
ATOM   1197 N N     . GLY A 1 160 ? 16.599  2.955   -0.834  1.00 61.02  ? 161 GLY A N     1 
ATOM   1198 C CA    . GLY A 1 160 ? 17.393  3.849   -0.009  1.00 61.25  ? 161 GLY A CA    1 
ATOM   1199 C C     . GLY A 1 160 ? 16.664  4.497   1.153   1.00 62.08  ? 161 GLY A C     1 
ATOM   1200 O O     . GLY A 1 160 ? 17.272  4.784   2.187   1.00 62.92  ? 161 GLY A O     1 
ATOM   1201 N N     . SER A 1 161 ? 15.366  4.730   0.992   1.00 61.39  ? 162 SER A N     1 
ATOM   1202 C CA    . SER A 1 161 ? 14.567  5.357   2.039   1.00 58.67  ? 162 SER A CA    1 
ATOM   1203 C C     . SER A 1 161 ? 14.377  4.441   3.246   1.00 56.47  ? 162 SER A C     1 
ATOM   1204 O O     . SER A 1 161 ? 14.073  4.905   4.345   1.00 57.55  ? 162 SER A O     1 
ATOM   1205 C CB    . SER A 1 161 ? 13.212  5.778   1.471   1.00 59.23  ? 162 SER A CB    1 
ATOM   1206 O OG    . SER A 1 161 ? 13.388  6.623   0.343   1.00 59.25  ? 162 SER A OG    1 
ATOM   1207 N N     . PHE A 1 162 ? 14.546  3.139   3.041   1.00 55.99  ? 163 PHE A N     1 
ATOM   1208 C CA    . PHE A 1 162 ? 14.420  2.177   4.134   1.00 56.67  ? 163 PHE A CA    1 
ATOM   1209 C C     . PHE A 1 162 ? 15.820  1.731   4.553   1.00 59.98  ? 163 PHE A C     1 
ATOM   1210 O O     . PHE A 1 162 ? 16.736  1.674   3.727   1.00 61.84  ? 163 PHE A O     1 
ATOM   1211 C CB    . PHE A 1 162 ? 13.580  0.960   3.710   1.00 52.01  ? 163 PHE A CB    1 
ATOM   1212 C CG    . PHE A 1 162 ? 12.107  1.255   3.561   1.00 46.92  ? 163 PHE A CG    1 
ATOM   1213 C CD1   . PHE A 1 162 ? 11.595  1.763   2.373   1.00 43.14  ? 163 PHE A CD1   1 
ATOM   1214 C CD2   . PHE A 1 162 ? 11.236  1.058   4.628   1.00 47.02  ? 163 PHE A CD2   1 
ATOM   1215 C CE1   . PHE A 1 162 ? 10.236  2.072   2.255   1.00 43.14  ? 163 PHE A CE1   1 
ATOM   1216 C CE2   . PHE A 1 162 ? 9.879   1.364   4.518   1.00 47.83  ? 163 PHE A CE2   1 
ATOM   1217 C CZ    . PHE A 1 162 ? 9.380   1.874   3.324   1.00 43.93  ? 163 PHE A CZ    1 
ATOM   1218 N N     . ALA A 1 163 ? 15.987  1.426   5.836   1.00 61.40  ? 164 ALA A N     1 
ATOM   1219 C CA    . ALA A 1 163 ? 17.283  0.998   6.354   1.00 62.87  ? 164 ALA A CA    1 
ATOM   1220 C C     . ALA A 1 163 ? 17.180  0.586   7.821   1.00 63.69  ? 164 ALA A C     1 
ATOM   1221 O O     . ALA A 1 163 ? 16.134  0.116   8.275   1.00 65.98  ? 164 ALA A O     1 
ATOM   1222 C CB    . ALA A 1 163 ? 18.304  2.123   6.197   1.00 60.59  ? 164 ALA A CB    1 
HETATM 1223 N N1    . FMN B 2 .   ? -10.873 -2.082  -7.569  1.00 27.28  ? 165 FMN A N1    1 
HETATM 1224 C C2    . FMN B 2 .   ? -10.771 -0.720  -7.696  1.00 26.93  ? 165 FMN A C2    1 
HETATM 1225 O O2    . FMN B 2 .   ? -9.851  -0.171  -8.235  1.00 25.22  ? 165 FMN A O2    1 
HETATM 1226 N N3    . FMN B 2 .   ? -11.821 0.112   -7.154  1.00 22.89  ? 165 FMN A N3    1 
HETATM 1227 C C4    . FMN B 2 .   ? -12.928 -0.352  -6.512  1.00 30.30  ? 165 FMN A C4    1 
HETATM 1228 O O4    . FMN B 2 .   ? -13.793 0.428   -6.068  1.00 32.65  ? 165 FMN A O4    1 
HETATM 1229 C C4A   . FMN B 2 .   ? -13.030 -1.807  -6.379  1.00 28.06  ? 165 FMN A C4A   1 
HETATM 1230 N N5    . FMN B 2 .   ? -14.070 -2.336  -5.769  1.00 34.33  ? 165 FMN A N5    1 
HETATM 1231 C C5A   . FMN B 2 .   ? -14.161 -3.693  -5.646  1.00 34.46  ? 165 FMN A C5A   1 
HETATM 1232 C C6    . FMN B 2 .   ? -15.319 -4.275  -4.962  1.00 36.12  ? 165 FMN A C6    1 
HETATM 1233 C C7    . FMN B 2 .   ? -15.500 -5.615  -4.787  1.00 37.50  ? 165 FMN A C7    1 
HETATM 1234 C C7M   . FMN B 2 .   ? -16.728 -6.207  -4.057  1.00 35.08  ? 165 FMN A C7M   1 
HETATM 1235 C C8    . FMN B 2 .   ? -14.479 -6.551  -5.320  1.00 33.05  ? 165 FMN A C8    1 
HETATM 1236 C C8M   . FMN B 2 .   ? -14.635 -8.043  -5.157  1.00 27.37  ? 165 FMN A C8M   1 
HETATM 1237 C C9    . FMN B 2 .   ? -13.364 -6.010  -5.976  1.00 30.89  ? 165 FMN A C9    1 
HETATM 1238 C C9A   . FMN B 2 .   ? -13.161 -4.622  -6.160  1.00 28.81  ? 165 FMN A C9A   1 
HETATM 1239 N N10   . FMN B 2 .   ? -12.040 -4.014  -6.816  1.00 26.51  ? 165 FMN A N10   1 
HETATM 1240 C C10   . FMN B 2 .   ? -11.929 -2.628  -6.951  1.00 27.23  ? 165 FMN A C10   1 
HETATM 1241 C "C1'" . FMN B 2 .   ? -10.944 -4.854  -7.381  1.00 26.82  ? 165 FMN A "C1'" 1 
HETATM 1242 C "C2'" . FMN B 2 .   ? -9.876  -5.128  -6.321  1.00 23.65  ? 165 FMN A "C2'" 1 
HETATM 1243 O "O2'" . FMN B 2 .   ? -9.284  -3.929  -5.812  1.00 30.78  ? 165 FMN A "O2'" 1 
HETATM 1244 C "C3'" . FMN B 2 .   ? -8.715  -5.991  -6.864  1.00 22.71  ? 165 FMN A "C3'" 1 
HETATM 1245 O "O3'" . FMN B 2 .   ? -9.253  -7.138  -7.600  1.00 17.61  ? 165 FMN A "O3'" 1 
HETATM 1246 C "C4'" . FMN B 2 .   ? -7.789  -6.503  -5.770  1.00 23.97  ? 165 FMN A "C4'" 1 
HETATM 1247 O "O4'" . FMN B 2 .   ? -6.722  -7.269  -6.385  1.00 24.56  ? 165 FMN A "O4'" 1 
HETATM 1248 C "C5'" . FMN B 2 .   ? -8.457  -7.419  -4.736  1.00 17.64  ? 165 FMN A "C5'" 1 
HETATM 1249 O "O5'" . FMN B 2 .   ? -7.476  -7.820  -3.758  1.00 22.23  ? 165 FMN A "O5'" 1 
HETATM 1250 P P     . FMN B 2 .   ? -7.571  -9.137  -2.885  1.00 28.57  ? 165 FMN A P     1 
HETATM 1251 O O1P   . FMN B 2 .   ? -7.570  -10.310 -3.831  1.00 29.93  ? 165 FMN A O1P   1 
HETATM 1252 O O2P   . FMN B 2 .   ? -8.808  -9.043  -2.021  1.00 25.17  ? 165 FMN A O2P   1 
HETATM 1253 O O3P   . FMN B 2 .   ? -6.268  -9.097  -2.003  1.00 26.91  ? 165 FMN A O3P   1 
HETATM 1254 O O     . HOH C 3 .   ? 6.409   9.767   17.007  1.00 39.69  ? 201 HOH A O     1 
HETATM 1255 O O     . HOH C 3 .   ? -5.926  -6.217  -8.944  1.00 33.99  ? 202 HOH A O     1 
HETATM 1256 O O     . HOH C 3 .   ? -18.109 0.929   2.172   1.00 44.56  ? 203 HOH A O     1 
HETATM 1257 O O     . HOH C 3 .   ? 6.111   13.070  3.132   1.00 62.08  ? 204 HOH A O     1 
HETATM 1258 O O     . HOH C 3 .   ? 9.135   -9.718  -15.505 1.00 37.36  ? 205 HOH A O     1 
HETATM 1259 O O     . HOH C 3 .   ? 6.448   -7.777  -14.454 1.00 59.86  ? 206 HOH A O     1 
HETATM 1260 O O     . HOH C 3 .   ? -13.420 6.210   -1.592  1.00 43.78  ? 207 HOH A O     1 
HETATM 1261 O O     . HOH C 3 .   ? -16.625 1.608   4.358   1.00 49.84  ? 208 HOH A O     1 
HETATM 1262 O O     . HOH C 3 .   ? -6.259  7.196   -16.850 1.00 45.34  ? 209 HOH A O     1 
HETATM 1263 O O     . HOH C 3 .   ? 17.117  -9.054  8.302   1.00 41.51  ? 210 HOH A O     1 
HETATM 1264 O O     . HOH C 3 .   ? -6.071  12.408  9.912   1.00 48.50  ? 211 HOH A O     1 
HETATM 1265 O O     . HOH C 3 .   ? -3.973  13.978  -1.900  1.00 31.28  ? 212 HOH A O     1 
HETATM 1266 O O     . HOH C 3 .   ? -7.115  -6.054  13.389  1.00 46.81  ? 213 HOH A O     1 
HETATM 1267 O O     . HOH C 3 .   ? -7.931  -8.062  15.961  1.00 32.19  ? 214 HOH A O     1 
HETATM 1268 O O     . HOH C 3 .   ? 3.941   5.692   -0.909  1.00 32.32  ? 215 HOH A O     1 
HETATM 1269 O O     . HOH C 3 .   ? -2.466  -11.436 -9.648  1.00 52.60  ? 216 HOH A O     1 
HETATM 1270 O O     . HOH C 3 .   ? -11.435 -8.960  -6.367  1.00 40.38  ? 217 HOH A O     1 
HETATM 1271 O O     . HOH C 3 .   ? -4.593  -16.705 4.597   1.00 37.93  ? 218 HOH A O     1 
HETATM 1272 O O     . HOH C 3 .   ? 12.854  -10.648 -5.194  1.00 61.35  ? 219 HOH A O     1 
HETATM 1273 O O     . HOH C 3 .   ? 15.860  -7.065  -4.641  1.00 41.75  ? 220 HOH A O     1 
HETATM 1274 O O     . HOH C 3 .   ? 0.678   6.810   -19.567 1.00 41.09  ? 221 HOH A O     1 
HETATM 1275 O O     . HOH C 3 .   ? 16.149  -2.932  6.215   1.00 42.87  ? 222 HOH A O     1 
HETATM 1276 O O     . HOH C 3 .   ? -6.991  12.283  -6.199  1.00 50.22  ? 223 HOH A O     1 
HETATM 1277 O O     . HOH C 3 .   ? 19.058  -0.676  -4.345  1.00 36.36  ? 224 HOH A O     1 
HETATM 1278 O O     . HOH C 3 .   ? -5.354  0.805   -2.889  1.00 33.67  ? 225 HOH A O     1 
HETATM 1279 O O     . HOH C 3 .   ? 22.812  0.479   4.528   1.00 57.69  ? 226 HOH A O     1 
HETATM 1280 O O     . HOH C 3 .   ? -20.371 -5.323  -4.138  1.00 39.63  ? 227 HOH A O     1 
HETATM 1281 O O     . HOH C 3 .   ? -16.107 -6.664  -13.194 1.00 30.43  ? 228 HOH A O     1 
HETATM 1282 O O     . HOH C 3 .   ? 9.877   -11.066 -4.922  1.00 53.35  ? 229 HOH A O     1 
HETATM 1283 O O     . HOH C 3 .   ? 7.227   1.895   20.288  1.00 44.73  ? 230 HOH A O     1 
HETATM 1284 O O     . HOH C 3 .   ? -12.454 3.862   3.127   1.00 49.28  ? 231 HOH A O     1 
HETATM 1285 O O     . HOH C 3 .   ? 4.719   14.894  5.393   1.00 43.48  ? 232 HOH A O     1 
# 
